data_9E2B
#
_entry.id   9E2B
#
_cell.length_a   74.507
_cell.length_b   74.593
_cell.length_c   92.348
_cell.angle_alpha   98.21
_cell.angle_beta   91.24
_cell.angle_gamma   119.84
#
_symmetry.space_group_name_H-M   'P 1'
#
loop_
_entity.id
_entity.type
_entity.pdbx_description
1 polymer 'ABC-type transporter, periplasmic subunit family 3'
2 non-polymer TRYPTOPHAN
3 non-polymer 1,2-ETHANEDIOL
4 non-polymer DI(HYDROXYETHYL)ETHER
5 non-polymer 'ACETATE ION'
6 non-polymer 'TETRAETHYLENE GLYCOL'
7 water water
#
_entity_poly.entity_id   1
_entity_poly.type   'polypeptide(L)'
_entity_poly.pdbx_seq_one_letter_code
;GSSHHHHHHSSGENLYFQGKEVREKLVEESTLETILKRGVLKVGMSTFVPWAMKDKEGQLIGFEIDVAKRLARDMGVKVQ
FVPTKWSGIIPALLTGKFDIIIGGMSIRPDRNLKVNFSIPYDYSGMSLVANKKLAQGFSRLEDFNKSEVLIAARLGTTAA
KAAEKYFPRAQLKLFDDEAQAIQELLNGRVHAVVASAPLPAFKALEYPEQLFLPISGTFTKEPIGFAIRKGDPDFLNYLN
SWIRVVEAEGWLREKHHYWFETKNWEHLLK
;
_entity_poly.pdbx_strand_id   A,B,C,D,E,F
#
loop_
_chem_comp.id
_chem_comp.type
_chem_comp.name
_chem_comp.formula
ACT non-polymer 'ACETATE ION' 'C2 H3 O2 -1'
EDO non-polymer 1,2-ETHANEDIOL 'C2 H6 O2'
PEG non-polymer DI(HYDROXYETHYL)ETHER 'C4 H10 O3'
PG4 non-polymer 'TETRAETHYLENE GLYCOL' 'C8 H18 O5'
#
# COMPACT_ATOMS: atom_id res chain seq x y z
N GLY A 19 14.08 8.49 -3.26
CA GLY A 19 13.29 9.52 -2.61
C GLY A 19 11.86 9.60 -3.09
N LYS A 20 11.51 8.79 -4.09
CA LYS A 20 10.16 8.80 -4.64
C LYS A 20 9.66 7.41 -5.02
N GLU A 21 10.41 6.35 -4.70
CA GLU A 21 10.12 5.04 -5.28
C GLU A 21 8.77 4.50 -4.80
N VAL A 22 8.51 4.55 -3.49
CA VAL A 22 7.29 3.96 -2.96
C VAL A 22 6.06 4.62 -3.58
N ARG A 23 6.06 5.96 -3.64
CA ARG A 23 4.92 6.67 -4.21
C ARG A 23 4.69 6.29 -5.67
N GLU A 24 5.77 6.29 -6.47
CA GLU A 24 5.63 5.93 -7.87
C GLU A 24 5.10 4.51 -8.04
N LYS A 25 5.50 3.60 -7.15
CA LYS A 25 5.09 2.22 -7.30
C LYS A 25 3.61 2.05 -6.97
N LEU A 26 3.12 2.81 -5.98
CA LEU A 26 1.69 2.82 -5.66
C LEU A 26 0.85 3.29 -6.84
N VAL A 27 1.29 4.35 -7.51
CA VAL A 27 0.59 4.85 -8.69
C VAL A 27 0.51 3.77 -9.76
N GLU A 28 1.65 3.11 -10.04
CA GLU A 28 1.72 2.11 -11.09
C GLU A 28 0.81 0.93 -10.79
N GLU A 29 0.64 0.58 -9.52
CA GLU A 29 -0.09 -0.61 -9.14
C GLU A 29 -1.59 -0.37 -8.98
N SER A 30 -2.06 0.83 -9.27
CA SER A 30 -3.49 1.10 -9.18
C SER A 30 -4.25 0.25 -10.18
N THR A 31 -5.43 -0.23 -9.77
CA THR A 31 -6.30 -0.92 -10.71
C THR A 31 -6.76 0.00 -11.83
N LEU A 32 -6.76 1.32 -11.61
CA LEU A 32 -7.04 2.22 -12.73
C LEU A 32 -6.01 2.03 -13.85
N GLU A 33 -4.75 1.79 -13.49
CA GLU A 33 -3.75 1.59 -14.52
C GLU A 33 -3.89 0.22 -15.19
N THR A 34 -4.30 -0.79 -14.42
CA THR A 34 -4.63 -2.10 -14.99
C THR A 34 -5.71 -1.97 -16.06
N ILE A 35 -6.77 -1.21 -15.75
CA ILE A 35 -7.87 -1.03 -16.70
C ILE A 35 -7.37 -0.32 -17.95
N LEU A 36 -6.61 0.77 -17.77
CA LEU A 36 -6.16 1.55 -18.92
C LEU A 36 -5.25 0.73 -19.82
N LYS A 37 -4.40 -0.10 -19.23
CA LYS A 37 -3.52 -0.93 -20.03
C LYS A 37 -4.31 -2.01 -20.78
N ARG A 38 -5.29 -2.61 -20.12
CA ARG A 38 -6.12 -3.63 -20.78
C ARG A 38 -6.99 -3.03 -21.87
N GLY A 39 -7.39 -1.77 -21.73
CA GLY A 39 -8.35 -1.16 -22.64
C GLY A 39 -9.80 -1.50 -22.38
N VAL A 40 -10.11 -2.17 -21.26
CA VAL A 40 -11.46 -2.66 -20.98
C VAL A 40 -11.69 -2.59 -19.48
N LEU A 41 -12.83 -2.01 -19.10
CA LEU A 41 -13.28 -2.03 -17.71
C LEU A 41 -14.14 -3.26 -17.49
N LYS A 42 -13.75 -4.11 -16.54
CA LYS A 42 -14.51 -5.33 -16.21
C LYS A 42 -15.36 -5.07 -14.97
N VAL A 43 -16.68 -5.27 -15.12
CA VAL A 43 -17.69 -4.83 -14.15
C VAL A 43 -18.47 -6.03 -13.64
N GLY A 44 -18.39 -6.23 -12.32
CA GLY A 44 -19.20 -7.27 -11.68
C GLY A 44 -20.58 -6.75 -11.28
N MET A 45 -21.60 -7.55 -11.56
CA MET A 45 -22.98 -7.16 -11.20
C MET A 45 -23.87 -8.41 -11.07
N SER A 46 -25.12 -8.20 -10.67
CA SER A 46 -26.08 -9.31 -10.50
C SER A 46 -27.48 -8.82 -10.94
N THR A 47 -28.43 -9.72 -11.14
CA THR A 47 -29.75 -9.34 -11.66
C THR A 47 -30.68 -8.85 -10.55
N PHE A 48 -31.05 -7.56 -10.65
CA PHE A 48 -32.10 -6.92 -9.85
C PHE A 48 -32.87 -6.01 -10.80
N VAL A 49 -34.17 -6.21 -10.94
CA VAL A 49 -34.93 -5.36 -11.88
C VAL A 49 -35.44 -4.12 -11.16
N PRO A 50 -35.21 -2.89 -11.67
CA PRO A 50 -34.55 -2.53 -12.92
C PRO A 50 -33.14 -1.96 -12.74
N TRP A 51 -32.36 -2.47 -11.76
CA TRP A 51 -30.96 -2.10 -11.63
C TRP A 51 -30.12 -2.69 -12.76
N ALA A 52 -30.27 -4.00 -12.98
CA ALA A 52 -29.51 -4.71 -14.02
C ALA A 52 -30.26 -5.99 -14.41
N MET A 53 -30.49 -6.16 -15.71
CA MET A 53 -31.25 -7.35 -16.18
C MET A 53 -31.06 -7.56 -17.68
N LYS A 54 -31.16 -8.82 -18.11
CA LYS A 54 -31.06 -9.13 -19.56
C LYS A 54 -32.43 -8.90 -20.19
N ASP A 55 -32.44 -8.19 -21.30
CA ASP A 55 -33.71 -7.86 -21.99
C ASP A 55 -34.01 -8.93 -23.05
N LYS A 56 -35.06 -8.70 -23.83
CA LYS A 56 -35.50 -9.67 -24.85
C LYS A 56 -34.44 -9.86 -25.95
N GLU A 57 -33.64 -8.84 -26.24
CA GLU A 57 -32.56 -8.97 -27.25
C GLU A 57 -31.35 -9.68 -26.64
N GLY A 58 -31.42 -10.04 -25.36
CA GLY A 58 -30.34 -10.78 -24.71
C GLY A 58 -29.23 -9.88 -24.21
N GLN A 59 -29.46 -8.57 -24.21
CA GLN A 59 -28.46 -7.64 -23.72
C GLN A 59 -28.80 -7.14 -22.33
N LEU A 60 -27.77 -6.83 -21.56
CA LEU A 60 -27.98 -6.25 -20.24
C LEU A 60 -28.41 -4.80 -20.36
N ILE A 61 -29.43 -4.42 -19.59
CA ILE A 61 -29.91 -3.04 -19.47
C ILE A 61 -30.15 -2.76 -17.99
N GLY A 62 -30.38 -1.49 -17.66
CA GLY A 62 -30.74 -1.08 -16.32
C GLY A 62 -29.93 0.11 -15.86
N PHE A 63 -30.34 0.67 -14.72
CA PHE A 63 -29.66 1.84 -14.15
C PHE A 63 -28.15 1.57 -13.96
N GLU A 64 -27.81 0.44 -13.36
CA GLU A 64 -26.41 0.13 -13.08
C GLU A 64 -25.62 -0.11 -14.36
N ILE A 65 -26.30 -0.61 -15.40
CA ILE A 65 -25.65 -0.80 -16.69
C ILE A 65 -25.37 0.55 -17.35
N ASP A 66 -26.31 1.49 -17.24
CA ASP A 66 -26.09 2.82 -17.81
C ASP A 66 -24.95 3.53 -17.10
N VAL A 67 -24.88 3.39 -15.78
CA VAL A 67 -23.79 4.00 -15.00
C VAL A 67 -22.45 3.44 -15.44
N ALA A 68 -22.36 2.10 -15.50
CA ALA A 68 -21.09 1.47 -15.87
C ALA A 68 -20.68 1.81 -17.30
N LYS A 69 -21.65 1.82 -18.24
CA LYS A 69 -21.31 2.11 -19.63
C LYS A 69 -20.81 3.54 -19.79
N ARG A 70 -21.40 4.49 -19.06
CA ARG A 70 -20.91 5.87 -19.18
C ARG A 70 -19.52 6.01 -18.55
N LEU A 71 -19.32 5.40 -17.37
CA LEU A 71 -18.00 5.46 -16.74
C LEU A 71 -16.93 4.94 -17.69
N ALA A 72 -17.16 3.76 -18.28
CA ALA A 72 -16.20 3.21 -19.23
C ALA A 72 -15.93 4.17 -20.38
N ARG A 73 -17.00 4.74 -20.96
CA ARG A 73 -16.85 5.67 -22.06
C ARG A 73 -16.04 6.89 -21.67
N ASP A 74 -16.34 7.47 -20.50
CA ASP A 74 -15.63 8.65 -20.02
C ASP A 74 -14.17 8.33 -19.68
N MET A 75 -13.86 7.08 -19.29
CA MET A 75 -12.48 6.66 -19.12
C MET A 75 -11.77 6.37 -20.43
N GLY A 76 -12.50 6.26 -21.54
CA GLY A 76 -11.89 5.92 -22.81
C GLY A 76 -11.61 4.45 -23.02
N VAL A 77 -12.37 3.55 -22.36
CA VAL A 77 -12.17 2.12 -22.51
C VAL A 77 -13.49 1.44 -22.90
N LYS A 78 -13.38 0.20 -23.35
CA LYS A 78 -14.54 -0.64 -23.53
C LYS A 78 -15.02 -1.15 -22.16
N VAL A 79 -16.24 -1.68 -22.14
CA VAL A 79 -16.80 -2.27 -20.94
C VAL A 79 -17.09 -3.74 -21.17
N GLN A 80 -16.87 -4.55 -20.14
CA GLN A 80 -17.21 -5.97 -20.16
C GLN A 80 -17.90 -6.32 -18.85
N PHE A 81 -19.12 -6.82 -18.94
CA PHE A 81 -19.89 -7.18 -17.76
C PHE A 81 -19.64 -8.62 -17.38
N VAL A 82 -19.49 -8.87 -16.08
CA VAL A 82 -19.23 -10.20 -15.54
C VAL A 82 -20.36 -10.54 -14.58
N PRO A 83 -21.51 -11.00 -15.08
CA PRO A 83 -22.61 -11.37 -14.18
C PRO A 83 -22.15 -12.41 -13.18
N THR A 84 -22.46 -12.17 -11.91
CA THR A 84 -21.97 -12.99 -10.82
C THR A 84 -23.12 -13.24 -9.85
N LYS A 85 -23.05 -14.39 -9.17
CA LYS A 85 -24.05 -14.66 -8.11
C LYS A 85 -23.83 -13.63 -7.02
N TRP A 86 -24.89 -12.93 -6.61
CA TRP A 86 -24.72 -11.83 -5.65
C TRP A 86 -24.02 -12.30 -4.37
N SER A 87 -24.41 -13.45 -3.82
CA SER A 87 -23.80 -13.90 -2.58
C SER A 87 -22.30 -14.11 -2.73
N GLY A 88 -21.78 -14.24 -3.95
CA GLY A 88 -20.36 -14.41 -4.14
C GLY A 88 -19.71 -13.25 -4.88
N ILE A 89 -20.34 -12.08 -4.87
CA ILE A 89 -19.80 -10.98 -5.67
C ILE A 89 -18.57 -10.35 -5.00
N ILE A 90 -18.49 -10.35 -3.68
CA ILE A 90 -17.31 -9.75 -3.04
C ILE A 90 -16.11 -10.69 -3.18
N PRO A 91 -16.23 -12.00 -2.90
CA PRO A 91 -15.12 -12.91 -3.25
C PRO A 91 -14.65 -12.82 -4.69
N ALA A 92 -15.57 -12.59 -5.63
CA ALA A 92 -15.17 -12.47 -7.03
C ALA A 92 -14.34 -11.21 -7.26
N LEU A 93 -14.72 -10.10 -6.64
CA LEU A 93 -13.88 -8.89 -6.71
C LEU A 93 -12.51 -9.15 -6.11
N LEU A 94 -12.47 -9.80 -4.94
CA LEU A 94 -11.21 -10.00 -4.25
C LEU A 94 -10.26 -10.91 -5.03
N THR A 95 -10.80 -11.92 -5.71
CA THR A 95 -9.98 -12.83 -6.52
C THR A 95 -9.75 -12.31 -7.94
N GLY A 96 -10.18 -11.10 -8.25
CA GLY A 96 -9.82 -10.49 -9.51
C GLY A 96 -10.65 -10.92 -10.71
N LYS A 97 -11.90 -11.35 -10.50
CA LYS A 97 -12.74 -11.70 -11.65
C LYS A 97 -13.17 -10.47 -12.42
N PHE A 98 -13.07 -9.28 -11.81
CA PHE A 98 -13.37 -8.02 -12.47
C PHE A 98 -12.71 -6.90 -11.65
N ASP A 99 -12.81 -5.68 -12.15
CA ASP A 99 -12.12 -4.54 -11.53
C ASP A 99 -12.97 -3.81 -10.50
N ILE A 100 -14.29 -3.88 -10.60
CA ILE A 100 -15.18 -2.98 -9.85
C ILE A 100 -16.56 -3.63 -9.78
N ILE A 101 -17.24 -3.41 -8.65
CA ILE A 101 -18.64 -3.77 -8.52
C ILE A 101 -19.46 -2.54 -8.80
N ILE A 102 -20.30 -2.61 -9.84
CA ILE A 102 -21.29 -1.59 -10.13
C ILE A 102 -22.63 -2.34 -10.18
N GLY A 103 -23.20 -2.60 -9.01
CA GLY A 103 -24.33 -3.51 -8.97
C GLY A 103 -25.38 -3.12 -7.95
N GLY A 104 -25.51 -1.82 -7.71
CA GLY A 104 -26.44 -1.32 -6.71
C GLY A 104 -26.10 -1.71 -5.29
N MET A 105 -24.82 -1.80 -4.97
CA MET A 105 -24.38 -2.27 -3.65
C MET A 105 -24.51 -1.18 -2.59
N SER A 106 -25.25 -1.48 -1.53
CA SER A 106 -25.30 -0.60 -0.38
C SER A 106 -23.94 -0.56 0.33
N ILE A 107 -23.44 0.65 0.57
CA ILE A 107 -22.27 0.84 1.43
C ILE A 107 -22.60 0.33 2.82
N ARG A 108 -21.76 -0.56 3.36
N ARG A 108 -21.79 -0.58 3.35
CA ARG A 108 -22.00 -1.20 4.65
CA ARG A 108 -22.01 -1.17 4.67
C ARG A 108 -20.69 -1.43 5.37
C ARG A 108 -20.69 -1.40 5.37
N PRO A 109 -20.65 -1.29 6.70
CA PRO A 109 -19.39 -1.47 7.42
C PRO A 109 -18.89 -2.91 7.48
N ASP A 110 -19.76 -3.91 7.38
CA ASP A 110 -19.23 -5.27 7.32
C ASP A 110 -18.54 -5.52 5.98
N ARG A 111 -19.15 -5.10 4.88
CA ARG A 111 -18.51 -5.25 3.57
C ARG A 111 -17.21 -4.45 3.49
N ASN A 112 -17.19 -3.24 4.08
CA ASN A 112 -16.05 -2.34 4.05
C ASN A 112 -14.81 -2.91 4.76
N LEU A 113 -14.98 -3.97 5.57
CA LEU A 113 -13.82 -4.65 6.11
C LEU A 113 -12.94 -5.22 4.99
N LYS A 114 -13.55 -5.63 3.87
CA LYS A 114 -12.89 -6.36 2.80
C LYS A 114 -12.67 -5.56 1.53
N VAL A 115 -13.53 -4.57 1.25
CA VAL A 115 -13.45 -3.75 0.04
C VAL A 115 -13.58 -2.29 0.43
N ASN A 116 -13.18 -1.40 -0.48
CA ASN A 116 -13.40 0.04 -0.33
C ASN A 116 -14.57 0.53 -1.18
N PHE A 117 -15.23 1.59 -0.70
CA PHE A 117 -16.41 2.14 -1.34
C PHE A 117 -16.15 3.55 -1.83
N SER A 118 -16.74 3.86 -3.00
CA SER A 118 -16.81 5.22 -3.49
C SER A 118 -17.79 6.04 -2.65
N ILE A 119 -17.85 7.33 -2.95
CA ILE A 119 -18.93 8.17 -2.44
C ILE A 119 -20.22 7.68 -3.08
N PRO A 120 -21.40 8.01 -2.53
CA PRO A 120 -22.64 7.47 -3.09
C PRO A 120 -22.95 8.06 -4.47
N TYR A 121 -23.40 7.19 -5.38
CA TYR A 121 -23.94 7.63 -6.66
C TYR A 121 -25.45 7.42 -6.75
N ASP A 122 -26.07 6.84 -5.72
CA ASP A 122 -27.51 6.61 -5.68
C ASP A 122 -27.89 6.38 -4.22
N TYR A 123 -29.20 6.42 -3.94
CA TYR A 123 -29.73 6.06 -2.63
C TYR A 123 -30.96 5.19 -2.85
N SER A 124 -31.15 4.21 -1.96
CA SER A 124 -32.32 3.35 -2.01
C SER A 124 -32.91 3.24 -0.61
N GLY A 125 -34.09 2.64 -0.52
CA GLY A 125 -34.73 2.42 0.77
C GLY A 125 -35.58 1.18 0.68
N MET A 126 -35.75 0.51 1.83
CA MET A 126 -36.39 -0.81 1.83
C MET A 126 -37.91 -0.65 1.86
N SER A 127 -38.62 -1.57 1.21
CA SER A 127 -40.08 -1.53 1.18
C SER A 127 -40.59 -2.96 1.32
N LEU A 128 -41.91 -3.14 1.25
CA LEU A 128 -42.49 -4.46 1.46
C LEU A 128 -43.75 -4.59 0.63
N VAL A 129 -43.92 -5.75 -0.01
CA VAL A 129 -45.13 -6.06 -0.77
C VAL A 129 -45.69 -7.36 -0.20
N ALA A 130 -47.02 -7.44 -0.12
CA ALA A 130 -47.68 -8.47 0.66
C ALA A 130 -48.72 -9.20 -0.18
N ASN A 131 -49.04 -10.41 0.26
CA ASN A 131 -50.05 -11.25 -0.39
C ASN A 131 -51.42 -10.94 0.21
N LYS A 132 -52.41 -10.69 -0.67
CA LYS A 132 -53.71 -10.20 -0.23
C LYS A 132 -54.42 -11.19 0.68
N LYS A 133 -54.28 -12.48 0.42
CA LYS A 133 -55.03 -13.46 1.20
C LYS A 133 -54.36 -13.74 2.54
N LEU A 134 -53.05 -13.99 2.53
CA LEU A 134 -52.34 -14.33 3.75
C LEU A 134 -52.26 -13.14 4.70
N ALA A 135 -52.04 -11.93 4.16
CA ALA A 135 -51.79 -10.76 4.98
C ALA A 135 -52.96 -9.79 4.97
N GLN A 136 -54.17 -10.27 4.72
CA GLN A 136 -55.34 -9.40 4.74
C GLN A 136 -55.44 -8.69 6.09
N GLY A 137 -55.66 -7.37 6.06
CA GLY A 137 -55.78 -6.58 7.27
C GLY A 137 -54.46 -6.08 7.82
N PHE A 138 -53.33 -6.57 7.32
CA PHE A 138 -52.02 -6.05 7.72
C PHE A 138 -51.85 -4.64 7.17
N SER A 139 -51.62 -3.67 8.05
CA SER A 139 -51.51 -2.27 7.64
C SER A 139 -50.31 -1.57 8.23
N ARG A 140 -49.50 -2.24 9.03
CA ARG A 140 -48.36 -1.63 9.67
C ARG A 140 -47.18 -2.59 9.61
N LEU A 141 -45.98 -2.02 9.67
CA LEU A 141 -44.75 -2.81 9.75
C LEU A 141 -44.87 -3.90 10.82
N GLU A 142 -45.33 -3.53 12.01
CA GLU A 142 -45.33 -4.47 13.14
C GLU A 142 -46.26 -5.66 12.92
N ASP A 143 -47.24 -5.54 12.02
CA ASP A 143 -48.12 -6.66 11.75
C ASP A 143 -47.38 -7.83 11.14
N PHE A 144 -46.22 -7.58 10.52
CA PHE A 144 -45.43 -8.64 9.92
C PHE A 144 -44.36 -9.20 10.86
N ASN A 145 -44.17 -8.58 12.02
CA ASN A 145 -43.16 -9.05 12.98
C ASN A 145 -43.82 -10.01 13.98
N LYS A 146 -44.28 -11.14 13.45
CA LYS A 146 -44.93 -12.17 14.25
C LYS A 146 -44.39 -13.54 13.86
N SER A 147 -44.43 -14.47 14.83
CA SER A 147 -43.79 -15.76 14.63
C SER A 147 -44.47 -16.56 13.51
N GLU A 148 -45.77 -16.36 13.29
CA GLU A 148 -46.50 -17.11 12.27
C GLU A 148 -46.36 -16.50 10.87
N VAL A 149 -45.63 -15.39 10.72
CA VAL A 149 -45.49 -14.71 9.43
C VAL A 149 -44.24 -15.23 8.72
N LEU A 150 -44.36 -15.49 7.41
CA LEU A 150 -43.27 -15.91 6.56
C LEU A 150 -42.89 -14.76 5.63
N ILE A 151 -41.62 -14.39 5.63
CA ILE A 151 -41.11 -13.29 4.81
C ILE A 151 -40.01 -13.81 3.90
N ALA A 152 -40.06 -13.41 2.62
CA ALA A 152 -39.06 -13.78 1.63
C ALA A 152 -38.19 -12.58 1.30
N ALA A 153 -36.89 -12.83 1.10
CA ALA A 153 -35.97 -11.78 0.71
C ALA A 153 -34.82 -12.37 -0.08
N ARG A 154 -34.09 -11.50 -0.77
CA ARG A 154 -32.98 -11.91 -1.63
C ARG A 154 -31.74 -12.23 -0.79
N LEU A 155 -31.16 -13.41 -1.05
CA LEU A 155 -30.02 -13.91 -0.29
C LEU A 155 -28.82 -12.96 -0.39
N GLY A 156 -28.23 -12.63 0.75
CA GLY A 156 -26.99 -11.86 0.77
C GLY A 156 -27.16 -10.37 0.62
N THR A 157 -28.38 -9.84 0.71
CA THR A 157 -28.63 -8.43 0.49
C THR A 157 -29.02 -7.73 1.77
N THR A 158 -29.09 -6.40 1.68
CA THR A 158 -29.58 -5.61 2.80
C THR A 158 -31.08 -5.80 3.01
N ALA A 159 -31.79 -6.39 2.04
CA ALA A 159 -33.19 -6.75 2.27
C ALA A 159 -33.30 -7.87 3.30
N ALA A 160 -32.41 -8.85 3.23
CA ALA A 160 -32.37 -9.87 4.27
C ALA A 160 -32.04 -9.25 5.62
N LYS A 161 -31.07 -8.33 5.65
CA LYS A 161 -30.67 -7.71 6.90
C LYS A 161 -31.81 -6.90 7.49
N ALA A 162 -32.54 -6.17 6.65
CA ALA A 162 -33.69 -5.40 7.12
C ALA A 162 -34.79 -6.32 7.64
N ALA A 163 -35.00 -7.47 7.00
CA ALA A 163 -35.99 -8.42 7.48
C ALA A 163 -35.63 -8.92 8.88
N GLU A 164 -34.36 -9.23 9.10
CA GLU A 164 -33.89 -9.62 10.43
C GLU A 164 -34.01 -8.49 11.45
N LYS A 165 -33.78 -7.26 11.03
CA LYS A 165 -33.76 -6.17 12.02
C LYS A 165 -35.16 -5.74 12.41
N TYR A 166 -36.05 -5.60 11.43
CA TYR A 166 -37.37 -5.02 11.65
C TYR A 166 -38.46 -6.07 11.88
N PHE A 167 -38.24 -7.31 11.43
CA PHE A 167 -39.20 -8.39 11.65
C PHE A 167 -38.51 -9.62 12.25
N PRO A 168 -37.82 -9.45 13.40
CA PRO A 168 -37.00 -10.56 13.93
C PRO A 168 -37.80 -11.79 14.32
N ARG A 169 -39.06 -11.63 14.73
CA ARG A 169 -39.87 -12.79 15.07
C ARG A 169 -40.40 -13.54 13.85
N ALA A 170 -40.35 -12.94 12.67
CA ALA A 170 -40.89 -13.57 11.47
C ALA A 170 -39.98 -14.69 10.97
N GLN A 171 -40.57 -15.65 10.26
CA GLN A 171 -39.80 -16.71 9.61
C GLN A 171 -39.26 -16.19 8.28
N LEU A 172 -37.93 -16.10 8.18
CA LEU A 172 -37.27 -15.53 7.01
C LEU A 172 -36.85 -16.63 6.05
N LYS A 173 -37.23 -16.50 4.78
CA LYS A 173 -36.93 -17.46 3.73
C LYS A 173 -36.12 -16.75 2.65
N LEU A 174 -34.90 -17.21 2.38
CA LEU A 174 -33.99 -16.52 1.48
C LEU A 174 -33.91 -17.22 0.13
N PHE A 175 -33.73 -16.42 -0.92
CA PHE A 175 -33.78 -16.89 -2.30
C PHE A 175 -32.61 -16.27 -3.06
N ASP A 176 -31.90 -17.08 -3.84
CA ASP A 176 -30.83 -16.52 -4.64
C ASP A 176 -31.32 -15.96 -5.97
N ASP A 177 -32.65 -15.90 -6.17
CA ASP A 177 -33.21 -15.45 -7.43
C ASP A 177 -34.43 -14.59 -7.17
N GLU A 178 -34.43 -13.37 -7.72
CA GLU A 178 -35.49 -12.40 -7.47
C GLU A 178 -36.86 -12.92 -7.94
N ALA A 179 -36.91 -13.56 -9.10
CA ALA A 179 -38.19 -14.03 -9.62
C ALA A 179 -38.75 -15.19 -8.78
N GLN A 180 -37.86 -16.03 -8.23
CA GLN A 180 -38.34 -17.13 -7.41
C GLN A 180 -39.01 -16.62 -6.14
N ALA A 181 -38.46 -15.54 -5.57
CA ALA A 181 -39.05 -14.96 -4.36
C ALA A 181 -40.41 -14.34 -4.64
N ILE A 182 -40.55 -13.59 -5.74
CA ILE A 182 -41.86 -12.99 -6.03
C ILE A 182 -42.87 -14.06 -6.43
N GLN A 183 -42.42 -15.16 -7.04
CA GLN A 183 -43.37 -16.23 -7.38
C GLN A 183 -43.93 -16.88 -6.12
N GLU A 184 -43.11 -17.04 -5.08
CA GLU A 184 -43.61 -17.57 -3.81
C GLU A 184 -44.72 -16.67 -3.26
N LEU A 185 -44.53 -15.35 -3.33
CA LEU A 185 -45.54 -14.41 -2.88
C LEU A 185 -46.79 -14.48 -3.74
N LEU A 186 -46.61 -14.54 -5.06
CA LEU A 186 -47.76 -14.66 -5.96
C LEU A 186 -48.53 -15.94 -5.69
N ASN A 187 -47.83 -17.00 -5.28
CA ASN A 187 -48.47 -18.29 -5.07
C ASN A 187 -49.06 -18.44 -3.67
N GLY A 188 -48.95 -17.41 -2.83
CA GLY A 188 -49.48 -17.50 -1.49
C GLY A 188 -48.69 -18.40 -0.56
N ARG A 189 -47.39 -18.57 -0.81
CA ARG A 189 -46.57 -19.37 0.08
C ARG A 189 -45.83 -18.55 1.13
N VAL A 190 -45.75 -17.23 0.97
CA VAL A 190 -45.22 -16.34 2.01
C VAL A 190 -46.14 -15.14 2.13
N HIS A 191 -46.02 -14.45 3.28
CA HIS A 191 -46.87 -13.27 3.51
C HIS A 191 -46.36 -12.04 2.79
N ALA A 192 -45.05 -11.90 2.62
CA ALA A 192 -44.49 -10.65 2.11
C ALA A 192 -43.11 -10.92 1.53
N VAL A 193 -42.72 -10.02 0.63
CA VAL A 193 -41.33 -9.88 0.16
C VAL A 193 -40.83 -8.53 0.65
N VAL A 194 -39.64 -8.53 1.25
CA VAL A 194 -38.92 -7.31 1.63
C VAL A 194 -37.86 -7.09 0.57
N ALA A 195 -37.82 -5.88 0.00
CA ALA A 195 -36.96 -5.59 -1.14
C ALA A 195 -36.83 -4.09 -1.30
N SER A 196 -35.77 -3.66 -1.98
CA SER A 196 -35.57 -2.24 -2.22
C SER A 196 -36.68 -1.67 -3.11
N ALA A 197 -37.18 -0.49 -2.72
CA ALA A 197 -38.03 0.28 -3.61
C ALA A 197 -37.27 0.61 -4.89
N PRO A 198 -37.94 0.62 -6.05
CA PRO A 198 -39.39 0.52 -6.24
C PRO A 198 -39.95 -0.89 -6.51
N LEU A 199 -39.18 -1.96 -6.31
CA LEU A 199 -39.68 -3.31 -6.63
C LEU A 199 -41.01 -3.64 -5.96
N PRO A 200 -41.17 -3.47 -4.64
CA PRO A 200 -42.47 -3.82 -4.05
C PRO A 200 -43.64 -3.04 -4.63
N ALA A 201 -43.51 -1.72 -4.80
CA ALA A 201 -44.61 -0.94 -5.38
C ALA A 201 -44.89 -1.37 -6.82
N PHE A 202 -43.84 -1.58 -7.61
CA PHE A 202 -44.05 -1.99 -9.01
C PHE A 202 -44.80 -3.32 -9.09
N LYS A 203 -44.43 -4.28 -8.23
CA LYS A 203 -45.05 -5.59 -8.28
C LYS A 203 -46.49 -5.56 -7.78
N ALA A 204 -46.79 -4.72 -6.79
CA ALA A 204 -48.19 -4.57 -6.38
C ALA A 204 -49.03 -3.98 -7.49
N LEU A 205 -48.49 -3.02 -8.24
CA LEU A 205 -49.24 -2.47 -9.37
C LEU A 205 -49.34 -3.46 -10.52
N GLU A 206 -48.33 -4.31 -10.69
CA GLU A 206 -48.35 -5.30 -11.77
C GLU A 206 -49.35 -6.43 -11.48
N TYR A 207 -49.50 -6.84 -10.23
CA TYR A 207 -50.31 -8.00 -9.86
C TYR A 207 -51.35 -7.67 -8.80
N PRO A 208 -52.26 -6.74 -9.06
CA PRO A 208 -53.23 -6.36 -8.02
C PRO A 208 -54.18 -7.48 -7.61
N GLU A 209 -54.35 -8.52 -8.43
CA GLU A 209 -55.24 -9.61 -8.03
C GLU A 209 -54.69 -10.38 -6.84
N GLN A 210 -53.35 -10.50 -6.75
CA GLN A 210 -52.71 -11.27 -5.69
C GLN A 210 -52.05 -10.43 -4.61
N LEU A 211 -51.60 -9.20 -4.93
CA LEU A 211 -50.64 -8.48 -4.10
C LEU A 211 -51.16 -7.10 -3.73
N PHE A 212 -50.62 -6.56 -2.64
CA PHE A 212 -50.89 -5.18 -2.26
C PHE A 212 -49.69 -4.62 -1.51
N LEU A 213 -49.66 -3.29 -1.42
CA LEU A 213 -48.58 -2.57 -0.76
C LEU A 213 -49.10 -2.03 0.57
N PRO A 214 -48.71 -2.61 1.71
CA PRO A 214 -49.35 -2.19 2.97
C PRO A 214 -49.00 -0.78 3.39
N ILE A 215 -47.77 -0.34 3.14
CA ILE A 215 -47.29 0.99 3.53
C ILE A 215 -46.57 1.62 2.35
N SER A 216 -46.78 2.92 2.14
CA SER A 216 -46.02 3.63 1.13
C SER A 216 -44.69 4.11 1.72
N GLY A 217 -43.79 4.54 0.85
CA GLY A 217 -42.52 5.04 1.31
C GLY A 217 -41.57 3.91 1.67
N THR A 218 -40.50 4.25 2.38
CA THR A 218 -39.43 3.31 2.67
C THR A 218 -39.09 3.37 4.15
N PHE A 219 -38.48 2.29 4.66
CA PHE A 219 -38.11 2.26 6.08
C PHE A 219 -36.61 2.06 6.31
N THR A 220 -35.79 2.16 5.28
CA THR A 220 -34.35 2.39 5.43
C THR A 220 -33.95 3.48 4.46
N LYS A 221 -32.73 3.99 4.63
CA LYS A 221 -32.14 4.89 3.65
C LYS A 221 -30.68 4.46 3.49
N GLU A 222 -30.32 4.04 2.28
CA GLU A 222 -29.08 3.31 2.05
C GLU A 222 -28.25 3.98 0.96
N PRO A 223 -27.10 4.58 1.29
CA PRO A 223 -26.21 5.05 0.22
C PRO A 223 -25.66 3.89 -0.58
N ILE A 224 -25.58 4.09 -1.90
CA ILE A 224 -25.12 3.10 -2.88
C ILE A 224 -23.79 3.56 -3.44
N GLY A 225 -22.80 2.67 -3.46
CA GLY A 225 -21.47 3.03 -3.93
C GLY A 225 -20.84 1.91 -4.73
N PHE A 226 -19.84 2.29 -5.54
CA PHE A 226 -18.95 1.31 -6.17
C PHE A 226 -18.10 0.63 -5.11
N ALA A 227 -17.77 -0.65 -5.34
CA ALA A 227 -16.80 -1.36 -4.52
C ALA A 227 -15.57 -1.73 -5.34
N ILE A 228 -14.38 -1.48 -4.77
CA ILE A 228 -13.11 -1.81 -5.40
C ILE A 228 -12.17 -2.38 -4.35
N ARG A 229 -11.07 -2.96 -4.81
CA ARG A 229 -10.10 -3.54 -3.89
C ARG A 229 -9.29 -2.43 -3.18
N LYS A 230 -8.74 -2.77 -2.01
CA LYS A 230 -8.14 -1.78 -1.13
C LYS A 230 -6.75 -1.35 -1.61
N GLY A 231 -6.21 -0.32 -0.95
CA GLY A 231 -4.88 0.17 -1.26
C GLY A 231 -4.80 0.92 -2.58
N ASP A 232 -5.88 1.56 -3.01
CA ASP A 232 -5.97 2.17 -4.32
C ASP A 232 -6.61 3.55 -4.19
N PRO A 233 -5.90 4.51 -3.59
CA PRO A 233 -6.47 5.86 -3.48
C PRO A 233 -6.62 6.55 -4.82
N ASP A 234 -5.82 6.20 -5.83
CA ASP A 234 -5.96 6.82 -7.14
C ASP A 234 -7.24 6.39 -7.84
N PHE A 235 -7.60 5.10 -7.79
CA PHE A 235 -8.86 4.67 -8.39
C PHE A 235 -10.06 5.29 -7.66
N LEU A 236 -10.01 5.34 -6.31
CA LEU A 236 -11.07 6.02 -5.58
C LEU A 236 -11.20 7.48 -5.99
N ASN A 237 -10.07 8.20 -6.12
CA ASN A 237 -10.17 9.59 -6.57
C ASN A 237 -10.87 9.70 -7.91
N TYR A 238 -10.51 8.82 -8.86
CA TYR A 238 -11.11 8.88 -10.18
C TYR A 238 -12.61 8.61 -10.13
N LEU A 239 -13.02 7.59 -9.37
CA LEU A 239 -14.45 7.27 -9.30
C LEU A 239 -15.24 8.37 -8.61
N ASN A 240 -14.71 8.92 -7.51
CA ASN A 240 -15.44 9.96 -6.79
C ASN A 240 -15.55 11.23 -7.62
N SER A 241 -14.46 11.61 -8.31
CA SER A 241 -14.51 12.76 -9.22
C SER A 241 -15.52 12.55 -10.34
N TRP A 242 -15.58 11.33 -10.88
CA TRP A 242 -16.53 11.06 -11.94
C TRP A 242 -17.97 11.21 -11.44
N ILE A 243 -18.26 10.63 -10.26
CA ILE A 243 -19.59 10.78 -9.66
C ILE A 243 -19.96 12.25 -9.47
N ARG A 244 -19.03 13.07 -8.96
CA ARG A 244 -19.35 14.48 -8.70
C ARG A 244 -19.73 15.21 -9.98
N VAL A 245 -19.04 14.89 -11.08
CA VAL A 245 -19.29 15.57 -12.35
C VAL A 245 -20.66 15.18 -12.92
N VAL A 246 -20.96 13.87 -12.95
CA VAL A 246 -22.23 13.47 -13.56
C VAL A 246 -23.41 13.77 -12.63
N GLU A 247 -23.16 13.88 -11.32
CA GLU A 247 -24.24 14.34 -10.43
C GLU A 247 -24.58 15.80 -10.72
N ALA A 248 -23.55 16.66 -10.82
CA ALA A 248 -23.78 18.08 -11.05
C ALA A 248 -24.44 18.34 -12.41
N GLU A 249 -24.11 17.50 -13.39
CA GLU A 249 -24.74 17.56 -14.71
C GLU A 249 -26.22 17.25 -14.67
N GLY A 250 -26.70 16.60 -13.62
CA GLY A 250 -28.09 16.17 -13.53
C GLY A 250 -28.35 14.81 -14.13
N TRP A 251 -27.31 14.09 -14.54
CA TRP A 251 -27.46 12.86 -15.31
C TRP A 251 -27.88 11.70 -14.42
N LEU A 252 -27.33 11.62 -13.20
CA LEU A 252 -27.73 10.56 -12.28
C LEU A 252 -29.20 10.73 -11.88
N ARG A 253 -29.64 11.97 -11.68
CA ARG A 253 -31.05 12.20 -11.40
C ARG A 253 -31.92 11.77 -12.58
N GLU A 254 -31.52 12.13 -13.80
CA GLU A 254 -32.27 11.72 -14.99
C GLU A 254 -32.38 10.21 -15.08
N LYS A 255 -31.28 9.50 -14.85
CA LYS A 255 -31.28 8.03 -14.96
C LYS A 255 -32.05 7.40 -13.80
N HIS A 256 -31.89 7.95 -12.59
CA HIS A 256 -32.67 7.44 -11.46
C HIS A 256 -34.15 7.59 -11.71
N HIS A 257 -34.58 8.71 -12.30
CA HIS A 257 -36.00 8.90 -12.56
C HIS A 257 -36.49 7.94 -13.62
N TYR A 258 -35.72 7.78 -14.70
CA TYR A 258 -36.14 6.89 -15.79
C TYR A 258 -36.33 5.45 -15.29
N TRP A 259 -35.33 4.91 -14.60
CA TRP A 259 -35.40 3.50 -14.24
C TRP A 259 -36.32 3.25 -13.05
N PHE A 260 -36.27 4.10 -12.04
CA PHE A 260 -36.95 3.79 -10.79
C PHE A 260 -38.27 4.53 -10.60
N GLU A 261 -38.58 5.51 -11.44
CA GLU A 261 -39.81 6.29 -11.27
C GLU A 261 -40.68 6.29 -12.52
N THR A 262 -40.33 5.50 -13.55
CA THR A 262 -41.20 5.23 -14.69
C THR A 262 -41.16 3.74 -15.02
N LYS A 263 -42.06 3.32 -15.91
CA LYS A 263 -42.00 1.98 -16.48
C LYS A 263 -41.76 2.06 -17.99
N ASN A 264 -41.06 3.11 -18.45
CA ASN A 264 -40.85 3.32 -19.88
C ASN A 264 -40.01 2.22 -20.52
N TRP A 265 -39.26 1.48 -19.71
CA TRP A 265 -38.38 0.40 -20.16
C TRP A 265 -39.07 -0.96 -20.12
N GLU A 266 -40.33 -0.99 -19.69
CA GLU A 266 -41.02 -2.25 -19.38
C GLU A 266 -41.05 -3.19 -20.58
N HIS A 267 -41.31 -2.68 -21.77
CA HIS A 267 -41.47 -3.57 -22.93
C HIS A 267 -40.16 -3.94 -23.59
N LEU A 268 -39.03 -3.49 -23.04
CA LEU A 268 -37.74 -4.05 -23.42
C LEU A 268 -37.57 -5.47 -22.89
N LEU A 269 -38.32 -5.84 -21.87
CA LEU A 269 -38.15 -7.10 -21.16
C LEU A 269 -39.01 -8.20 -21.78
N LYS A 270 -38.55 -9.45 -21.63
CA LYS A 270 -39.33 -10.62 -22.02
C LYS A 270 -40.69 -10.66 -21.32
N GLY B 19 4.21 -8.15 -8.72
CA GLY B 19 4.42 -6.75 -9.02
C GLY B 19 3.43 -5.84 -8.32
N LYS B 20 3.03 -6.25 -7.11
CA LYS B 20 2.10 -5.40 -6.33
C LYS B 20 2.49 -5.37 -4.85
N GLU B 21 3.78 -5.50 -4.55
CA GLU B 21 4.21 -5.58 -3.13
C GLU B 21 3.86 -4.29 -2.40
N VAL B 22 4.19 -3.14 -2.99
CA VAL B 22 3.99 -1.85 -2.29
C VAL B 22 2.51 -1.72 -1.94
N ARG B 23 1.64 -2.00 -2.91
CA ARG B 23 0.23 -1.83 -2.60
C ARG B 23 -0.23 -2.82 -1.55
N GLU B 24 0.19 -4.09 -1.65
CA GLU B 24 -0.20 -5.06 -0.64
C GLU B 24 0.35 -4.70 0.74
N LYS B 25 1.55 -4.10 0.79
CA LYS B 25 2.09 -3.73 2.10
C LYS B 25 1.38 -2.53 2.69
N LEU B 26 0.94 -1.59 1.86
CA LEU B 26 0.17 -0.47 2.38
C LEU B 26 -1.13 -0.94 3.03
N VAL B 27 -1.79 -1.91 2.39
CA VAL B 27 -3.02 -2.49 2.95
C VAL B 27 -2.73 -3.12 4.31
N GLU B 28 -1.70 -3.98 4.37
CA GLU B 28 -1.35 -4.66 5.61
C GLU B 28 -1.00 -3.69 6.72
N GLU B 29 -0.41 -2.55 6.39
CA GLU B 29 0.06 -1.61 7.39
C GLU B 29 -0.99 -0.59 7.81
N SER B 30 -2.21 -0.71 7.30
CA SER B 30 -3.28 0.18 7.74
C SER B 30 -3.57 -0.03 9.22
N THR B 31 -3.88 1.06 9.93
CA THR B 31 -4.31 0.95 11.32
C THR B 31 -5.65 0.23 11.45
N LEU B 32 -6.46 0.22 10.37
CA LEU B 32 -7.66 -0.61 10.39
C LEU B 32 -7.31 -2.08 10.61
N GLU B 33 -6.27 -2.58 9.93
CA GLU B 33 -5.88 -3.97 10.14
C GLU B 33 -5.30 -4.19 11.52
N THR B 34 -4.57 -3.19 12.04
CA THR B 34 -4.05 -3.28 13.40
C THR B 34 -5.19 -3.46 14.40
N ILE B 35 -6.28 -2.72 14.21
CA ILE B 35 -7.44 -2.81 15.09
C ILE B 35 -8.09 -4.19 15.00
N LEU B 36 -8.29 -4.68 13.77
CA LEU B 36 -9.00 -5.94 13.59
C LEU B 36 -8.21 -7.10 14.19
N LYS B 37 -6.88 -7.08 14.04
CA LYS B 37 -6.09 -8.17 14.63
C LYS B 37 -6.03 -8.05 16.15
N ARG B 38 -6.06 -6.83 16.69
CA ARG B 38 -6.09 -6.68 18.15
C ARG B 38 -7.45 -7.07 18.72
N GLY B 39 -8.52 -6.93 17.95
CA GLY B 39 -9.87 -7.15 18.43
C GLY B 39 -10.44 -6.01 19.25
N VAL B 40 -9.76 -4.86 19.31
CA VAL B 40 -10.17 -3.75 20.16
C VAL B 40 -9.83 -2.46 19.44
N LEU B 41 -10.78 -1.52 19.44
CA LEU B 41 -10.54 -0.16 18.95
C LEU B 41 -10.18 0.73 20.14
N LYS B 42 -9.01 1.37 20.07
CA LYS B 42 -8.55 2.25 21.14
C LYS B 42 -8.82 3.70 20.75
N VAL B 43 -9.63 4.37 21.57
CA VAL B 43 -10.13 5.74 21.25
C VAL B 43 -9.64 6.79 22.24
N GLY B 44 -8.99 7.82 21.72
CA GLY B 44 -8.55 8.93 22.56
C GLY B 44 -9.63 9.99 22.65
N MET B 45 -9.84 10.52 23.85
CA MET B 45 -10.85 11.58 24.02
C MET B 45 -10.52 12.42 25.26
N SER B 46 -11.30 13.46 25.50
CA SER B 46 -11.08 14.33 26.69
C SER B 46 -12.45 14.77 27.23
N THR B 47 -12.47 15.35 28.42
CA THR B 47 -13.76 15.69 29.07
C THR B 47 -14.36 17.03 28.59
N PHE B 48 -15.53 16.97 27.95
CA PHE B 48 -16.33 18.14 27.58
C PHE B 48 -17.77 17.72 27.74
N VAL B 49 -18.53 18.39 28.60
CA VAL B 49 -19.94 18.01 28.80
C VAL B 49 -20.81 18.71 27.76
N PRO B 50 -21.69 17.99 27.03
CA PRO B 50 -22.00 16.55 27.09
C PRO B 50 -21.38 15.70 25.97
N TRP B 51 -20.22 16.09 25.45
CA TRP B 51 -19.54 15.28 24.40
C TRP B 51 -18.97 14.00 25.03
N ALA B 52 -18.29 14.15 26.16
CA ALA B 52 -17.70 12.98 26.86
C ALA B 52 -17.47 13.34 28.34
N MET B 53 -17.99 12.51 29.23
CA MET B 53 -17.85 12.75 30.69
C MET B 53 -18.18 11.48 31.48
N LYS B 54 -17.71 11.44 32.72
CA LYS B 54 -17.96 10.26 33.59
C LYS B 54 -19.35 10.35 34.22
N ASP B 55 -20.05 9.23 34.31
CA ASP B 55 -21.39 9.17 34.94
C ASP B 55 -21.20 8.97 36.44
N LYS B 56 -22.30 8.76 37.18
CA LYS B 56 -22.14 8.57 38.62
C LYS B 56 -21.52 7.23 38.99
N GLU B 57 -21.47 6.27 38.07
CA GLU B 57 -20.70 5.05 38.31
C GLU B 57 -19.23 5.21 37.98
N GLY B 58 -18.81 6.36 37.47
CA GLY B 58 -17.46 6.53 36.99
C GLY B 58 -17.23 6.07 35.56
N GLN B 59 -18.28 5.70 34.84
CA GLN B 59 -18.17 5.22 33.47
C GLN B 59 -18.44 6.37 32.51
N LEU B 60 -17.82 6.29 31.32
CA LEU B 60 -17.92 7.37 30.34
C LEU B 60 -19.24 7.31 29.57
N ILE B 61 -19.83 8.49 29.36
CA ILE B 61 -21.05 8.66 28.57
C ILE B 61 -20.90 9.90 27.71
N GLY B 62 -21.83 10.10 26.78
CA GLY B 62 -21.86 11.30 25.96
C GLY B 62 -21.98 10.99 24.48
N PHE B 63 -22.15 12.06 23.70
CA PHE B 63 -22.32 11.95 22.25
C PHE B 63 -21.13 11.24 21.61
N GLU B 64 -19.92 11.67 21.94
CA GLU B 64 -18.73 11.07 21.35
C GLU B 64 -18.55 9.64 21.81
N ILE B 65 -18.97 9.33 23.04
CA ILE B 65 -18.87 7.96 23.52
C ILE B 65 -19.81 7.06 22.73
N ASP B 66 -21.03 7.53 22.48
CA ASP B 66 -21.98 6.74 21.70
C ASP B 66 -21.49 6.52 20.28
N VAL B 67 -20.91 7.56 19.67
CA VAL B 67 -20.34 7.44 18.33
C VAL B 67 -19.27 6.35 18.31
N ALA B 68 -18.30 6.44 19.24
CA ALA B 68 -17.22 5.47 19.29
C ALA B 68 -17.71 4.06 19.55
N LYS B 69 -18.70 3.92 20.44
CA LYS B 69 -19.22 2.59 20.78
C LYS B 69 -19.91 1.95 19.57
N ARG B 70 -20.69 2.72 18.81
CA ARG B 70 -21.32 2.16 17.62
C ARG B 70 -20.27 1.78 16.57
N LEU B 71 -19.30 2.67 16.32
CA LEU B 71 -18.24 2.38 15.34
C LEU B 71 -17.53 1.08 15.66
N ALA B 72 -17.14 0.90 16.92
CA ALA B 72 -16.46 -0.34 17.31
C ALA B 72 -17.36 -1.53 17.08
N ARG B 73 -18.62 -1.45 17.53
CA ARG B 73 -19.56 -2.53 17.33
C ARG B 73 -19.73 -2.86 15.84
N ASP B 74 -19.79 -1.84 15.00
CA ASP B 74 -20.01 -2.09 13.57
C ASP B 74 -18.76 -2.62 12.89
N MET B 75 -17.57 -2.38 13.47
CA MET B 75 -16.36 -3.02 12.99
C MET B 75 -16.21 -4.45 13.50
N GLY B 76 -17.04 -4.88 14.44
CA GLY B 76 -16.90 -6.18 15.05
C GLY B 76 -15.83 -6.29 16.13
N VAL B 77 -15.47 -5.19 16.78
CA VAL B 77 -14.44 -5.20 17.81
C VAL B 77 -14.98 -4.57 19.10
N LYS B 78 -14.24 -4.78 20.17
CA LYS B 78 -14.47 -4.11 21.44
C LYS B 78 -13.96 -2.68 21.35
N VAL B 79 -14.33 -1.87 22.33
CA VAL B 79 -13.88 -0.48 22.42
C VAL B 79 -13.16 -0.27 23.74
N GLN B 80 -12.07 0.50 23.69
CA GLN B 80 -11.31 0.88 24.88
C GLN B 80 -11.04 2.37 24.81
N PHE B 81 -11.49 3.12 25.81
CA PHE B 81 -11.28 4.56 25.83
C PHE B 81 -10.00 4.89 26.58
N VAL B 82 -9.27 5.87 26.05
CA VAL B 82 -7.99 6.33 26.59
C VAL B 82 -8.15 7.81 26.88
N PRO B 83 -8.71 8.19 28.02
CA PRO B 83 -8.86 9.62 28.33
C PRO B 83 -7.49 10.31 28.37
N THR B 84 -7.42 11.47 27.73
CA THR B 84 -6.16 12.15 27.50
C THR B 84 -6.36 13.64 27.75
N LYS B 85 -5.32 14.29 28.30
CA LYS B 85 -5.34 15.75 28.35
C LYS B 85 -5.46 16.31 26.95
N TRP B 86 -6.42 17.20 26.74
CA TRP B 86 -6.69 17.69 25.39
C TRP B 86 -5.45 18.32 24.77
N SER B 87 -4.69 19.09 25.56
CA SER B 87 -3.49 19.74 25.02
C SER B 87 -2.49 18.75 24.45
N GLY B 88 -2.49 17.50 24.91
CA GLY B 88 -1.57 16.51 24.38
C GLY B 88 -2.23 15.38 23.61
N ILE B 89 -3.45 15.60 23.10
CA ILE B 89 -4.17 14.48 22.51
C ILE B 89 -3.59 14.11 21.14
N ILE B 90 -3.09 15.09 20.38
CA ILE B 90 -2.50 14.78 19.08
C ILE B 90 -1.14 14.11 19.25
N PRO B 91 -0.22 14.62 20.10
CA PRO B 91 1.00 13.83 20.36
C PRO B 91 0.70 12.41 20.83
N ALA B 92 -0.37 12.20 21.60
CA ALA B 92 -0.71 10.85 22.03
C ALA B 92 -1.13 9.98 20.85
N LEU B 93 -1.90 10.54 19.92
CA LEU B 93 -2.24 9.82 18.70
C LEU B 93 -1.00 9.47 17.90
N LEU B 94 -0.08 10.42 17.75
CA LEU B 94 1.09 10.20 16.92
C LEU B 94 2.02 9.15 17.51
N THR B 95 2.14 9.08 18.84
CA THR B 95 3.01 8.09 19.48
C THR B 95 2.28 6.79 19.78
N GLY B 96 1.07 6.61 19.28
CA GLY B 96 0.42 5.32 19.32
C GLY B 96 -0.27 4.95 20.62
N LYS B 97 -0.68 5.93 21.42
CA LYS B 97 -1.44 5.63 22.64
C LYS B 97 -2.85 5.12 22.32
N PHE B 98 -3.37 5.41 21.13
CA PHE B 98 -4.66 4.91 20.68
C PHE B 98 -4.68 4.96 19.15
N ASP B 99 -5.78 4.48 18.57
CA ASP B 99 -5.91 4.35 17.11
C ASP B 99 -6.54 5.56 16.44
N ILE B 100 -7.35 6.31 17.17
CA ILE B 100 -8.24 7.29 16.57
C ILE B 100 -8.61 8.29 17.65
N ILE B 101 -8.79 9.56 17.25
CA ILE B 101 -9.39 10.56 18.12
C ILE B 101 -10.86 10.66 17.76
N ILE B 102 -11.72 10.31 18.71
CA ILE B 102 -13.15 10.58 18.63
C ILE B 102 -13.48 11.45 19.84
N GLY B 103 -13.21 12.74 19.71
CA GLY B 103 -13.21 13.61 20.87
C GLY B 103 -13.89 14.94 20.62
N GLY B 104 -14.76 15.00 19.61
CA GLY B 104 -15.38 16.28 19.26
C GLY B 104 -14.40 17.26 18.64
N MET B 105 -13.39 16.76 17.95
CA MET B 105 -12.34 17.61 17.43
C MET B 105 -12.76 18.32 16.15
N SER B 106 -12.65 19.64 16.16
CA SER B 106 -12.81 20.44 14.95
C SER B 106 -11.70 20.12 13.96
N ILE B 107 -12.09 19.85 12.71
CA ILE B 107 -11.13 19.77 11.61
C ILE B 107 -10.48 21.13 11.45
N ARG B 108 -9.14 21.16 11.45
CA ARG B 108 -8.38 22.42 11.38
C ARG B 108 -7.12 22.25 10.54
N PRO B 109 -6.73 23.28 9.78
CA PRO B 109 -5.53 23.14 8.93
C PRO B 109 -4.22 23.05 9.70
N ASP B 110 -4.08 23.69 10.87
CA ASP B 110 -2.83 23.48 11.60
C ASP B 110 -2.75 22.05 12.12
N ARG B 111 -3.83 21.53 12.71
CA ARG B 111 -3.83 20.12 13.16
C ARG B 111 -3.60 19.17 11.99
N ASN B 112 -4.17 19.46 10.81
CA ASN B 112 -4.05 18.60 9.63
C ASN B 112 -2.61 18.47 9.15
N LEU B 113 -1.69 19.32 9.62
CA LEU B 113 -0.29 19.13 9.28
C LEU B 113 0.24 17.84 9.87
N LYS B 114 -0.32 17.41 11.01
CA LYS B 114 0.19 16.27 11.76
C LYS B 114 -0.69 15.04 11.64
N VAL B 115 -2.00 15.21 11.49
CA VAL B 115 -2.95 14.10 11.43
C VAL B 115 -3.86 14.29 10.23
N ASN B 116 -4.59 13.23 9.89
CA ASN B 116 -5.59 13.26 8.85
C ASN B 116 -6.99 13.24 9.45
N PHE B 117 -7.96 13.81 8.74
CA PHE B 117 -9.32 13.97 9.25
C PHE B 117 -10.33 13.24 8.37
N SER B 118 -11.33 12.63 9.00
CA SER B 118 -12.46 12.08 8.27
C SER B 118 -13.34 13.21 7.72
N ILE B 119 -14.37 12.84 6.97
CA ILE B 119 -15.44 13.78 6.67
C ILE B 119 -16.13 14.16 7.98
N PRO B 120 -16.93 15.22 8.00
CA PRO B 120 -17.62 15.59 9.25
C PRO B 120 -18.69 14.59 9.65
N TYR B 121 -18.73 14.27 10.95
CA TYR B 121 -19.85 13.53 11.52
C TYR B 121 -20.71 14.39 12.44
N ASP B 122 -20.39 15.68 12.56
CA ASP B 122 -21.06 16.65 13.44
C ASP B 122 -20.57 18.04 13.06
N TYR B 123 -21.33 19.04 13.47
CA TYR B 123 -20.96 20.45 13.33
C TYR B 123 -21.25 21.13 14.66
N SER B 124 -20.34 22.03 15.08
CA SER B 124 -20.56 22.84 16.26
C SER B 124 -20.30 24.31 15.91
N GLY B 125 -20.60 25.17 16.87
CA GLY B 125 -20.37 26.60 16.71
C GLY B 125 -20.13 27.26 18.04
N MET B 126 -19.37 28.35 18.03
CA MET B 126 -18.95 29.02 19.25
C MET B 126 -20.05 29.91 19.80
N SER B 127 -20.14 30.00 21.13
CA SER B 127 -21.11 30.83 21.80
C SER B 127 -20.43 31.45 23.03
N LEU B 128 -21.13 32.32 23.72
CA LEU B 128 -20.56 33.04 24.86
C LEU B 128 -21.58 33.09 26.00
N VAL B 129 -21.13 32.83 27.23
CA VAL B 129 -21.94 33.02 28.42
C VAL B 129 -21.20 34.01 29.33
N ALA B 130 -21.94 34.93 29.94
CA ALA B 130 -21.35 36.08 30.62
C ALA B 130 -21.82 36.18 32.07
N ASN B 131 -21.00 36.86 32.88
CA ASN B 131 -21.31 37.14 34.27
C ASN B 131 -22.17 38.38 34.37
N LYS B 132 -23.28 38.30 35.10
CA LYS B 132 -24.26 39.42 35.11
C LYS B 132 -23.68 40.69 35.73
N LYS B 133 -22.84 40.56 36.75
CA LYS B 133 -22.32 41.76 37.46
C LYS B 133 -21.24 42.45 36.62
N LEU B 134 -20.23 41.71 36.19
CA LEU B 134 -19.09 42.31 35.45
C LEU B 134 -19.53 42.72 34.06
N ALA B 135 -20.42 41.95 33.43
CA ALA B 135 -20.82 42.26 32.06
C ALA B 135 -22.20 42.89 32.01
N GLN B 136 -22.59 43.58 33.08
CA GLN B 136 -23.86 44.28 33.11
C GLN B 136 -23.95 45.25 31.93
N GLY B 137 -24.99 45.10 31.12
CA GLY B 137 -25.19 45.95 29.97
C GLY B 137 -24.59 45.44 28.67
N PHE B 138 -23.68 44.47 28.73
CA PHE B 138 -23.05 43.93 27.52
C PHE B 138 -24.11 43.18 26.73
N SER B 139 -24.68 43.82 25.71
CA SER B 139 -25.73 43.19 24.93
C SER B 139 -25.27 42.64 23.60
N ARG B 140 -24.06 42.98 23.14
CA ARG B 140 -23.56 42.53 21.84
C ARG B 140 -22.17 41.91 21.99
N LEU B 141 -21.78 41.14 20.97
CA LEU B 141 -20.45 40.53 20.95
C LEU B 141 -19.33 41.56 21.05
N GLU B 142 -19.48 42.69 20.35
CA GLU B 142 -18.39 43.67 20.33
C GLU B 142 -18.20 44.33 21.69
N ASP B 143 -19.20 44.24 22.58
CA ASP B 143 -19.06 44.77 23.92
C ASP B 143 -17.97 44.04 24.70
N PHE B 144 -17.66 42.81 24.31
CA PHE B 144 -16.63 42.02 24.99
C PHE B 144 -15.25 42.22 24.38
N ASN B 145 -15.15 42.95 23.27
CA ASN B 145 -13.85 43.15 22.60
C ASN B 145 -13.25 44.46 23.09
N LYS B 146 -12.85 44.45 24.36
CA LYS B 146 -12.28 45.62 25.01
C LYS B 146 -11.13 45.18 25.92
N SER B 147 -10.16 46.07 26.12
CA SER B 147 -8.94 45.68 26.85
C SER B 147 -9.20 45.41 28.34
N GLU B 148 -10.24 46.00 28.91
CA GLU B 148 -10.57 45.76 30.32
C GLU B 148 -11.31 44.45 30.55
N VAL B 149 -11.76 43.77 29.49
CA VAL B 149 -12.60 42.59 29.60
C VAL B 149 -11.70 41.36 29.73
N LEU B 150 -12.09 40.43 30.60
CA LEU B 150 -11.42 39.16 30.77
C LEU B 150 -12.31 38.02 30.27
N ILE B 151 -11.73 37.13 29.46
CA ILE B 151 -12.46 36.01 28.87
C ILE B 151 -11.72 34.72 29.20
N ALA B 152 -12.47 33.71 29.64
CA ALA B 152 -11.92 32.39 29.93
C ALA B 152 -12.27 31.43 28.80
N ALA B 153 -11.33 30.54 28.46
CA ALA B 153 -11.61 29.48 27.50
C ALA B 153 -10.72 28.27 27.78
N ARG B 154 -11.09 27.15 27.16
CA ARG B 154 -10.42 25.86 27.36
C ARG B 154 -9.12 25.82 26.57
N LEU B 155 -8.02 25.54 27.28
CA LEU B 155 -6.69 25.47 26.68
C LEU B 155 -6.63 24.50 25.50
N GLY B 156 -6.06 24.97 24.38
CA GLY B 156 -5.82 24.14 23.22
C GLY B 156 -7.01 23.87 22.33
N THR B 157 -8.10 24.61 22.50
CA THR B 157 -9.30 24.39 21.71
C THR B 157 -9.54 25.51 20.71
N THR B 158 -10.52 25.30 19.84
CA THR B 158 -10.93 26.37 18.94
C THR B 158 -11.68 27.47 19.67
N ALA B 159 -12.13 27.23 20.91
CA ALA B 159 -12.67 28.31 21.72
C ALA B 159 -11.59 29.35 22.04
N ALA B 160 -10.38 28.89 22.37
CA ALA B 160 -9.27 29.82 22.58
C ALA B 160 -8.95 30.60 21.31
N LYS B 161 -8.94 29.91 20.16
CA LYS B 161 -8.71 30.59 18.89
C LYS B 161 -9.82 31.59 18.58
N ALA B 162 -11.07 31.23 18.86
CA ALA B 162 -12.18 32.12 18.60
C ALA B 162 -12.11 33.37 19.47
N ALA B 163 -11.74 33.21 20.74
CA ALA B 163 -11.56 34.37 21.60
C ALA B 163 -10.46 35.28 21.06
N GLU B 164 -9.37 34.70 20.56
CA GLU B 164 -8.30 35.50 19.97
C GLU B 164 -8.76 36.22 18.70
N LYS B 165 -9.58 35.57 17.88
CA LYS B 165 -9.96 36.17 16.61
C LYS B 165 -11.06 37.22 16.77
N TYR B 166 -12.07 36.94 17.59
CA TYR B 166 -13.24 37.83 17.66
C TYR B 166 -13.16 38.83 18.80
N PHE B 167 -12.33 38.60 19.81
CA PHE B 167 -12.14 39.57 20.89
C PHE B 167 -10.66 39.84 21.11
N PRO B 168 -9.94 40.30 20.09
CA PRO B 168 -8.48 40.45 20.21
C PRO B 168 -8.05 41.43 21.28
N ARG B 169 -8.89 42.38 21.64
CA ARG B 169 -8.49 43.37 22.65
C ARG B 169 -8.63 42.83 24.06
N ALA B 170 -9.42 41.78 24.28
CA ALA B 170 -9.69 41.29 25.62
C ALA B 170 -8.54 40.43 26.13
N GLN B 171 -8.44 40.35 27.47
CA GLN B 171 -7.44 39.51 28.13
C GLN B 171 -7.96 38.08 28.25
N LEU B 172 -7.22 37.15 27.68
CA LEU B 172 -7.64 35.76 27.59
C LEU B 172 -7.00 34.92 28.68
N LYS B 173 -7.82 34.20 29.44
CA LYS B 173 -7.40 33.31 30.51
C LYS B 173 -7.72 31.87 30.09
N LEU B 174 -6.71 31.01 30.06
CA LEU B 174 -6.87 29.65 29.56
C LEU B 174 -6.80 28.65 30.71
N PHE B 175 -7.63 27.62 30.63
CA PHE B 175 -7.80 26.61 31.67
C PHE B 175 -7.78 25.23 31.03
N ASP B 176 -7.07 24.28 31.65
CA ASP B 176 -7.03 22.93 31.12
C ASP B 176 -8.19 22.07 31.64
N ASP B 177 -9.19 22.68 32.27
CA ASP B 177 -10.27 21.96 32.90
C ASP B 177 -11.55 22.79 32.73
N GLU B 178 -12.56 22.18 32.14
CA GLU B 178 -13.80 22.87 31.82
C GLU B 178 -14.48 23.45 33.07
N ALA B 179 -14.53 22.67 34.15
CA ALA B 179 -15.21 23.15 35.36
C ALA B 179 -14.47 24.32 35.99
N GLN B 180 -13.14 24.35 35.90
CA GLN B 180 -12.36 25.47 36.46
C GLN B 180 -12.71 26.77 35.73
N ALA B 181 -12.91 26.68 34.42
CA ALA B 181 -13.23 27.88 33.64
C ALA B 181 -14.60 28.43 34.03
N ILE B 182 -15.62 27.57 34.08
CA ILE B 182 -16.94 28.08 34.43
C ILE B 182 -16.95 28.58 35.87
N GLN B 183 -16.12 28.00 36.74
CA GLN B 183 -16.10 28.46 38.12
C GLN B 183 -15.56 29.89 38.22
N GLU B 184 -14.57 30.26 37.38
CA GLU B 184 -14.09 31.64 37.41
C GLU B 184 -15.20 32.59 37.03
N LEU B 185 -16.02 32.21 36.05
CA LEU B 185 -17.17 33.01 35.64
C LEU B 185 -18.21 33.11 36.76
N LEU B 186 -18.54 31.96 37.38
CA LEU B 186 -19.49 31.97 38.49
C LEU B 186 -19.03 32.85 39.64
N ASN B 187 -17.72 32.92 39.86
CA ASN B 187 -17.16 33.72 40.95
C ASN B 187 -17.00 35.19 40.61
N GLY B 188 -17.34 35.61 39.39
CA GLY B 188 -17.15 37.00 39.02
C GLY B 188 -15.70 37.40 38.82
N ARG B 189 -14.84 36.46 38.44
CA ARG B 189 -13.44 36.77 38.17
C ARG B 189 -13.14 37.02 36.69
N VAL B 190 -14.05 36.61 35.79
CA VAL B 190 -13.96 36.90 34.36
C VAL B 190 -15.32 37.38 33.87
N HIS B 191 -15.31 38.12 32.76
CA HIS B 191 -16.55 38.64 32.17
C HIS B 191 -17.31 37.56 31.40
N ALA B 192 -16.61 36.62 30.79
CA ALA B 192 -17.28 35.70 29.88
C ALA B 192 -16.46 34.42 29.75
N VAL B 193 -17.16 33.34 29.39
CA VAL B 193 -16.56 32.12 28.90
C VAL B 193 -16.96 31.95 27.44
N VAL B 194 -15.99 31.67 26.58
CA VAL B 194 -16.24 31.31 25.19
C VAL B 194 -16.11 29.79 25.07
N ALA B 195 -17.17 29.15 24.54
CA ALA B 195 -17.22 27.69 24.49
C ALA B 195 -18.21 27.27 23.41
N SER B 196 -18.08 26.03 22.94
CA SER B 196 -18.98 25.50 21.92
C SER B 196 -20.40 25.37 22.46
N ALA B 197 -21.36 25.81 21.67
CA ALA B 197 -22.75 25.51 21.99
C ALA B 197 -22.90 24.00 22.08
N PRO B 198 -23.73 23.50 23.00
CA PRO B 198 -24.66 24.22 23.88
C PRO B 198 -24.12 24.57 25.26
N LEU B 199 -22.81 24.47 25.52
CA LEU B 199 -22.32 24.71 26.87
C LEU B 199 -22.73 26.08 27.42
N PRO B 200 -22.52 27.19 26.71
CA PRO B 200 -22.94 28.49 27.26
C PRO B 200 -24.42 28.58 27.60
N ALA B 201 -25.29 28.15 26.67
CA ALA B 201 -26.72 28.21 26.95
C ALA B 201 -27.09 27.32 28.12
N PHE B 202 -26.52 26.11 28.19
CA PHE B 202 -26.81 25.19 29.30
C PHE B 202 -26.43 25.80 30.64
N LYS B 203 -25.23 26.39 30.72
CA LYS B 203 -24.76 26.94 31.98
C LYS B 203 -25.50 28.20 32.38
N ALA B 204 -25.90 29.02 31.42
CA ALA B 204 -26.73 30.19 31.76
C ALA B 204 -28.07 29.76 32.33
N LEU B 205 -28.68 28.71 31.77
CA LEU B 205 -29.94 28.22 32.30
C LEU B 205 -29.75 27.50 33.64
N GLU B 206 -28.58 26.91 33.85
CA GLU B 206 -28.31 26.23 35.11
C GLU B 206 -28.07 27.22 36.25
N TYR B 207 -27.44 28.35 35.97
CA TYR B 207 -27.04 29.30 37.02
C TYR B 207 -27.54 30.71 36.73
N PRO B 208 -28.86 30.92 36.65
CA PRO B 208 -29.35 32.25 36.26
C PRO B 208 -29.07 33.34 37.28
N GLU B 209 -28.78 33.00 38.54
CA GLU B 209 -28.43 34.02 39.52
C GLU B 209 -27.13 34.73 39.14
N GLN B 210 -26.18 34.01 38.57
CA GLN B 210 -24.87 34.58 38.24
C GLN B 210 -24.67 34.89 36.77
N LEU B 211 -25.33 34.18 35.87
CA LEU B 211 -24.93 34.14 34.46
C LEU B 211 -26.08 34.55 33.55
N PHE B 212 -25.73 35.00 32.34
CA PHE B 212 -26.71 35.25 31.30
C PHE B 212 -26.08 35.02 29.92
N LEU B 213 -26.94 34.77 28.92
CA LEU B 213 -26.54 34.53 27.55
C LEU B 213 -26.84 35.76 26.71
N PRO B 214 -25.86 36.60 26.38
CA PRO B 214 -26.19 37.88 25.74
C PRO B 214 -26.70 37.74 24.30
N ILE B 215 -26.26 36.71 23.59
CA ILE B 215 -26.65 36.47 22.21
C ILE B 215 -26.98 34.99 22.01
N SER B 216 -28.07 34.72 21.31
CA SER B 216 -28.40 33.36 20.94
C SER B 216 -27.67 32.99 19.64
N GLY B 217 -27.66 31.69 19.35
CA GLY B 217 -26.96 31.25 18.16
C GLY B 217 -25.46 31.30 18.36
N THR B 218 -24.74 31.04 17.26
CA THR B 218 -23.30 30.85 17.32
C THR B 218 -22.60 31.81 16.37
N PHE B 219 -21.30 32.06 16.61
CA PHE B 219 -20.55 32.91 15.71
C PHE B 219 -19.39 32.19 15.02
N THR B 220 -19.32 30.86 15.12
CA THR B 220 -18.48 30.05 14.24
C THR B 220 -19.32 28.87 13.76
N LYS B 221 -18.81 28.16 12.76
CA LYS B 221 -19.40 26.90 12.29
C LYS B 221 -18.25 25.97 11.93
N GLU B 222 -18.11 24.89 12.68
CA GLU B 222 -16.90 24.07 12.65
C GLU B 222 -17.27 22.62 12.36
N PRO B 223 -16.85 22.06 11.23
CA PRO B 223 -17.00 20.62 11.02
C PRO B 223 -16.16 19.83 12.00
N ILE B 224 -16.75 18.75 12.52
CA ILE B 224 -16.13 17.87 13.50
C ILE B 224 -15.78 16.57 12.79
N GLY B 225 -14.53 16.10 12.98
CA GLY B 225 -14.07 14.91 12.30
C GLY B 225 -13.24 14.01 13.21
N PHE B 226 -13.18 12.73 12.85
CA PHE B 226 -12.20 11.83 13.46
C PHE B 226 -10.80 12.25 13.03
N ALA B 227 -9.81 12.02 13.91
CA ALA B 227 -8.41 12.20 13.54
C ALA B 227 -7.67 10.87 13.65
N ILE B 228 -6.88 10.55 12.62
CA ILE B 228 -6.08 9.32 12.56
C ILE B 228 -4.70 9.65 12.02
N ARG B 229 -3.79 8.69 12.15
CA ARG B 229 -2.43 8.88 11.63
C ARG B 229 -2.43 8.80 10.11
N LYS B 230 -1.44 9.46 9.50
CA LYS B 230 -1.36 9.65 8.05
C LYS B 230 -0.91 8.38 7.32
N GLY B 231 -0.93 8.45 5.99
CA GLY B 231 -0.54 7.32 5.16
C GLY B 231 -1.49 6.15 5.23
N ASP B 232 -2.77 6.40 5.51
CA ASP B 232 -3.75 5.34 5.76
C ASP B 232 -5.03 5.63 4.99
N PRO B 233 -4.99 5.56 3.65
CA PRO B 233 -6.23 5.78 2.88
C PRO B 233 -7.31 4.73 3.15
N ASP B 234 -6.93 3.50 3.51
CA ASP B 234 -7.94 2.48 3.76
C ASP B 234 -8.75 2.78 5.03
N PHE B 235 -8.08 3.22 6.09
CA PHE B 235 -8.81 3.52 7.32
C PHE B 235 -9.73 4.73 7.12
N LEU B 236 -9.25 5.73 6.36
CA LEU B 236 -10.09 6.88 6.03
C LEU B 236 -11.34 6.45 5.26
N ASN B 237 -11.17 5.56 4.26
CA ASN B 237 -12.33 5.10 3.50
C ASN B 237 -13.36 4.45 4.41
N TYR B 238 -12.91 3.62 5.35
CA TYR B 238 -13.83 2.93 6.26
C TYR B 238 -14.58 3.92 7.14
N LEU B 239 -13.88 4.90 7.69
CA LEU B 239 -14.52 5.87 8.58
C LEU B 239 -15.52 6.73 7.84
N ASN B 240 -15.15 7.22 6.65
CA ASN B 240 -16.07 8.06 5.91
C ASN B 240 -17.29 7.26 5.44
N SER B 241 -17.08 6.02 4.99
CA SER B 241 -18.22 5.20 4.58
C SER B 241 -19.14 4.92 5.76
N TRP B 242 -18.56 4.72 6.95
CA TRP B 242 -19.36 4.50 8.15
C TRP B 242 -20.21 5.73 8.45
N ILE B 243 -19.59 6.91 8.43
CA ILE B 243 -20.32 8.15 8.69
C ILE B 243 -21.50 8.29 7.73
N ARG B 244 -21.26 8.06 6.43
CA ARG B 244 -22.33 8.20 5.44
C ARG B 244 -23.51 7.30 5.74
N VAL B 245 -23.24 6.09 6.23
CA VAL B 245 -24.32 5.14 6.49
C VAL B 245 -25.13 5.59 7.72
N VAL B 246 -24.45 5.94 8.82
CA VAL B 246 -25.19 6.28 10.03
C VAL B 246 -25.84 7.66 9.91
N GLU B 247 -25.29 8.53 9.07
CA GLU B 247 -25.98 9.79 8.76
C GLU B 247 -27.30 9.52 8.04
N ALA B 248 -27.26 8.71 6.96
CA ALA B 248 -28.47 8.44 6.18
C ALA B 248 -29.53 7.75 7.02
N GLU B 249 -29.10 6.91 7.95
CA GLU B 249 -30.03 6.21 8.83
C GLU B 249 -30.77 7.18 9.77
N GLY B 250 -30.22 8.37 10.00
CA GLY B 250 -30.77 9.32 10.94
C GLY B 250 -30.22 9.18 12.34
N TRP B 251 -29.23 8.31 12.53
CA TRP B 251 -28.73 8.00 13.86
C TRP B 251 -27.91 9.16 14.43
N LEU B 252 -27.06 9.79 13.61
CA LEU B 252 -26.29 10.92 14.11
C LEU B 252 -27.21 12.06 14.51
N ARG B 253 -28.26 12.30 13.73
CA ARG B 253 -29.24 13.34 14.08
C ARG B 253 -29.92 13.03 15.40
N GLU B 254 -30.38 11.78 15.58
CA GLU B 254 -31.01 11.40 16.84
C GLU B 254 -30.06 11.60 18.03
N LYS B 255 -28.82 11.14 17.88
CA LYS B 255 -27.81 11.29 18.95
C LYS B 255 -27.46 12.76 19.19
N HIS B 256 -27.34 13.56 18.13
CA HIS B 256 -27.08 14.99 18.32
C HIS B 256 -28.22 15.66 19.06
N HIS B 257 -29.47 15.30 18.73
CA HIS B 257 -30.60 15.93 19.41
C HIS B 257 -30.63 15.56 20.89
N TYR B 258 -30.39 14.29 21.21
CA TYR B 258 -30.50 13.84 22.59
C TYR B 258 -29.45 14.49 23.47
N TRP B 259 -28.20 14.56 23.01
CA TRP B 259 -27.13 15.03 23.89
C TRP B 259 -27.05 16.56 23.93
N PHE B 260 -27.28 17.23 22.79
CA PHE B 260 -27.03 18.65 22.69
C PHE B 260 -28.28 19.50 22.68
N GLU B 261 -29.47 18.91 22.58
CA GLU B 261 -30.71 19.68 22.50
C GLU B 261 -31.72 19.30 23.58
N THR B 262 -31.38 18.37 24.46
CA THR B 262 -32.15 18.06 25.65
C THR B 262 -31.20 17.96 26.84
N LYS B 263 -31.79 17.83 28.03
CA LYS B 263 -31.05 17.51 29.24
C LYS B 263 -31.50 16.18 29.82
N ASN B 264 -32.00 15.28 28.96
CA ASN B 264 -32.54 14.00 29.43
C ASN B 264 -31.48 13.11 30.04
N TRP B 265 -30.20 13.44 29.90
CA TRP B 265 -29.08 12.64 30.38
C TRP B 265 -28.56 13.11 31.73
N GLU B 266 -29.08 14.22 32.26
CA GLU B 266 -28.50 14.79 33.47
C GLU B 266 -28.61 13.82 34.65
N HIS B 267 -29.70 13.06 34.73
CA HIS B 267 -29.88 12.12 35.83
C HIS B 267 -28.84 11.01 35.84
N LEU B 268 -28.07 10.83 34.77
CA LEU B 268 -27.00 9.79 34.76
C LEU B 268 -25.74 10.29 35.49
N LEU B 269 -25.66 11.59 35.76
CA LEU B 269 -24.42 12.18 36.31
C LEU B 269 -24.41 12.31 37.83
N LYS B 270 -24.02 13.48 38.34
CA LYS B 270 -23.91 13.75 39.81
C LYS B 270 -22.80 12.86 40.39
N GLU C 13 43.22 -42.85 -2.52
CA GLU C 13 43.48 -41.70 -1.66
C GLU C 13 44.37 -40.68 -2.39
N ASN C 14 45.61 -41.09 -2.66
CA ASN C 14 46.49 -40.30 -3.49
C ASN C 14 46.01 -40.28 -4.94
N LEU C 15 45.54 -41.43 -5.44
CA LEU C 15 44.86 -41.46 -6.73
C LEU C 15 43.55 -40.68 -6.69
N TYR C 16 42.80 -40.82 -5.59
CA TYR C 16 41.54 -40.07 -5.45
C TYR C 16 41.79 -38.57 -5.44
N PHE C 17 42.74 -38.12 -4.60
CA PHE C 17 43.09 -36.71 -4.59
C PHE C 17 43.78 -36.29 -5.89
N GLN C 18 44.63 -37.16 -6.46
CA GLN C 18 45.29 -36.87 -7.73
C GLN C 18 45.91 -35.48 -7.78
N GLY C 19 46.41 -34.99 -6.65
CA GLY C 19 47.12 -33.73 -6.61
C GLY C 19 46.31 -32.48 -6.32
N LYS C 20 45.01 -32.59 -6.06
CA LYS C 20 44.16 -31.43 -5.82
C LYS C 20 43.73 -31.39 -4.35
N GLU C 21 43.37 -30.18 -3.89
CA GLU C 21 42.98 -29.95 -2.51
C GLU C 21 41.55 -30.42 -2.24
N VAL C 22 41.22 -30.52 -0.95
CA VAL C 22 39.84 -30.82 -0.53
C VAL C 22 38.85 -29.89 -1.22
N ARG C 23 39.17 -28.60 -1.26
CA ARG C 23 38.27 -27.63 -1.88
C ARG C 23 38.08 -27.95 -3.36
N GLU C 24 39.16 -28.24 -4.08
CA GLU C 24 39.02 -28.53 -5.50
C GLU C 24 38.28 -29.85 -5.74
N LYS C 25 38.40 -30.81 -4.81
CA LYS C 25 37.63 -32.04 -4.94
C LYS C 25 36.13 -31.78 -4.71
N LEU C 26 35.79 -30.93 -3.74
CA LEU C 26 34.40 -30.56 -3.55
C LEU C 26 33.81 -29.95 -4.82
N VAL C 27 34.59 -29.09 -5.50
CA VAL C 27 34.13 -28.50 -6.75
C VAL C 27 33.88 -29.57 -7.79
N GLU C 28 34.83 -30.50 -7.94
CA GLU C 28 34.70 -31.54 -8.95
C GLU C 28 33.54 -32.48 -8.68
N GLU C 29 33.20 -32.67 -7.41
CA GLU C 29 32.17 -33.62 -7.01
C GLU C 29 30.78 -33.00 -6.96
N SER C 30 30.63 -31.75 -7.37
CA SER C 30 29.31 -31.14 -7.45
C SER C 30 28.46 -31.84 -8.51
N THR C 31 27.16 -31.92 -8.25
CA THR C 31 26.25 -32.49 -9.24
C THR C 31 26.12 -31.59 -10.47
N LEU C 32 26.38 -30.30 -10.32
CA LEU C 32 26.50 -29.42 -11.49
C LEU C 32 27.53 -29.98 -12.47
N GLU C 33 28.67 -30.44 -11.96
CA GLU C 33 29.69 -30.99 -12.85
C GLU C 33 29.28 -32.35 -13.41
N THR C 34 28.50 -33.11 -12.65
CA THR C 34 27.95 -34.35 -13.18
C THR C 34 27.05 -34.06 -14.38
N ILE C 35 26.17 -33.07 -14.24
CA ILE C 35 25.26 -32.69 -15.33
C ILE C 35 26.05 -32.25 -16.54
N LEU C 36 27.00 -31.33 -16.34
CA LEU C 36 27.73 -30.75 -17.47
C LEU C 36 28.52 -31.81 -18.23
N LYS C 37 29.07 -32.78 -17.51
CA LYS C 37 29.82 -33.85 -18.16
C LYS C 37 28.88 -34.80 -18.90
N ARG C 38 27.71 -35.07 -18.33
CA ARG C 38 26.72 -35.90 -19.01
C ARG C 38 26.13 -35.19 -20.23
N GLY C 39 26.04 -33.86 -20.19
CA GLY C 39 25.38 -33.12 -21.24
C GLY C 39 23.86 -33.13 -21.18
N VAL C 40 23.29 -33.70 -20.11
CA VAL C 40 21.84 -33.77 -19.92
C VAL C 40 21.53 -33.49 -18.46
N LEU C 41 20.50 -32.67 -18.22
CA LEU C 41 19.91 -32.47 -16.89
C LEU C 41 18.77 -33.46 -16.69
N LYS C 42 18.86 -34.29 -15.67
CA LYS C 42 17.82 -35.25 -15.35
C LYS C 42 16.93 -34.69 -14.25
N VAL C 43 15.65 -34.51 -14.60
CA VAL C 43 14.70 -33.82 -13.68
C VAL C 43 13.61 -34.76 -13.17
N GLY C 44 13.49 -34.86 -11.85
CA GLY C 44 12.42 -35.65 -11.24
C GLY C 44 11.17 -34.80 -11.06
N MET C 45 10.02 -35.39 -11.39
CA MET C 45 8.75 -34.66 -11.25
C MET C 45 7.56 -35.64 -11.19
N SER C 46 6.39 -35.09 -10.87
CA SER C 46 5.16 -35.90 -10.77
C SER C 46 4.01 -35.16 -11.48
N THR C 47 2.94 -35.87 -11.81
CA THR C 47 1.84 -35.28 -12.61
C THR C 47 0.84 -34.52 -11.72
N PHE C 48 0.80 -33.20 -11.83
CA PHE C 48 -0.23 -32.36 -11.19
C PHE C 48 -0.62 -31.29 -12.20
N VAL C 49 -1.89 -31.24 -12.58
CA VAL C 49 -2.33 -30.17 -13.49
C VAL C 49 -2.45 -28.86 -12.72
N PRO C 50 -1.90 -27.73 -13.21
CA PRO C 50 -1.10 -27.55 -14.43
C PRO C 50 0.40 -27.41 -14.20
N TRP C 51 0.94 -28.02 -13.15
CA TRP C 51 2.40 -28.00 -12.89
C TRP C 51 3.14 -28.85 -13.93
N ALA C 52 2.63 -30.06 -14.17
CA ALA C 52 3.28 -31.00 -15.10
C ALA C 52 2.25 -32.05 -15.53
N MET C 53 2.06 -32.17 -16.84
CA MET C 53 1.07 -33.12 -17.39
C MET C 53 1.38 -33.42 -18.86
N LYS C 54 0.93 -34.58 -19.32
CA LYS C 54 1.17 -34.97 -20.74
C LYS C 54 0.01 -34.45 -21.59
N ASP C 55 0.34 -33.79 -22.70
CA ASP C 55 -0.67 -33.22 -23.56
C ASP C 55 -1.05 -34.23 -24.64
N LYS C 56 -1.91 -33.84 -25.57
CA LYS C 56 -2.35 -34.88 -26.48
C LYS C 56 -1.32 -35.22 -27.55
N GLU C 57 -0.25 -34.43 -27.69
CA GLU C 57 0.87 -34.86 -28.52
C GLU C 57 1.76 -35.88 -27.80
N GLY C 58 1.45 -36.21 -26.56
CA GLY C 58 2.22 -37.17 -25.81
C GLY C 58 3.41 -36.59 -25.08
N GLN C 59 3.55 -35.25 -25.03
CA GLN C 59 4.70 -34.60 -24.42
C GLN C 59 4.33 -33.95 -23.09
N LEU C 60 5.31 -33.84 -22.19
CA LEU C 60 5.09 -33.16 -20.93
C LEU C 60 4.99 -31.64 -21.18
N ILE C 61 4.04 -31.00 -20.49
CA ILE C 61 3.90 -29.54 -20.49
C ILE C 61 3.58 -29.11 -19.07
N GLY C 62 3.62 -27.79 -18.84
CA GLY C 62 3.24 -27.24 -17.55
C GLY C 62 4.27 -26.27 -17.00
N PHE C 63 3.89 -25.64 -15.88
CA PHE C 63 4.77 -24.64 -15.24
C PHE C 63 6.13 -25.23 -14.88
N GLU C 64 6.13 -26.38 -14.20
CA GLU C 64 7.38 -27.00 -13.78
C GLU C 64 8.19 -27.49 -14.97
N ILE C 65 7.52 -27.91 -16.04
CA ILE C 65 8.22 -28.30 -17.24
C ILE C 65 8.93 -27.11 -17.87
N ASP C 66 8.25 -25.96 -17.93
CA ASP C 66 8.84 -24.77 -18.54
C ASP C 66 10.04 -24.29 -17.73
N VAL C 67 9.94 -24.32 -16.40
CA VAL C 67 11.07 -23.92 -15.56
C VAL C 67 12.26 -24.82 -15.82
N ALA C 68 12.04 -26.14 -15.82
CA ALA C 68 13.13 -27.08 -16.03
C ALA C 68 13.75 -26.91 -17.41
N LYS C 69 12.92 -26.67 -18.44
CA LYS C 69 13.45 -26.60 -19.79
C LYS C 69 14.32 -25.36 -19.97
N ARG C 70 13.91 -24.23 -19.39
CA ARG C 70 14.73 -23.03 -19.52
C ARG C 70 16.03 -23.16 -18.70
N LEU C 71 15.94 -23.73 -17.50
CA LEU C 71 17.16 -23.98 -16.71
C LEU C 71 18.17 -24.80 -17.50
N ALA C 72 17.71 -25.90 -18.12
CA ALA C 72 18.63 -26.73 -18.89
C ALA C 72 19.25 -25.95 -20.05
N ARG C 73 18.41 -25.19 -20.79
CA ARG C 73 18.91 -24.44 -21.94
C ARG C 73 19.93 -23.39 -21.51
N ASP C 74 19.66 -22.73 -20.38
CA ASP C 74 20.61 -21.74 -19.86
C ASP C 74 21.88 -22.38 -19.29
N MET C 75 21.83 -23.65 -18.89
CA MET C 75 23.06 -24.35 -18.53
C MET C 75 23.83 -24.85 -19.75
N GLY C 76 23.19 -24.92 -20.90
CA GLY C 76 23.83 -25.46 -22.09
C GLY C 76 23.73 -26.95 -22.25
N VAL C 77 22.71 -27.58 -21.64
CA VAL C 77 22.54 -29.02 -21.72
C VAL C 77 21.13 -29.35 -22.20
N LYS C 78 20.95 -30.61 -22.62
CA LYS C 78 19.63 -31.13 -22.90
C LYS C 78 18.90 -31.43 -21.59
N VAL C 79 17.60 -31.71 -21.69
CA VAL C 79 16.79 -32.02 -20.51
C VAL C 79 16.18 -33.41 -20.70
N GLN C 80 16.10 -34.17 -19.60
CA GLN C 80 15.45 -35.47 -19.58
C GLN C 80 14.57 -35.57 -18.36
N PHE C 81 13.28 -35.80 -18.56
CA PHE C 81 12.35 -35.85 -17.44
C PHE C 81 12.18 -37.29 -16.97
N VAL C 82 12.10 -37.45 -15.65
CA VAL C 82 11.96 -38.75 -15.00
C VAL C 82 10.70 -38.71 -14.13
N PRO C 83 9.52 -38.90 -14.72
CA PRO C 83 8.28 -38.92 -13.91
C PRO C 83 8.34 -40.02 -12.87
N THR C 84 7.92 -39.67 -11.65
CA THR C 84 8.14 -40.48 -10.46
C THR C 84 6.93 -40.36 -9.55
N LYS C 85 6.56 -41.49 -8.94
CA LYS C 85 5.47 -41.49 -7.95
C LYS C 85 5.85 -40.49 -6.86
N TRP C 86 4.95 -39.58 -6.56
CA TRP C 86 5.30 -38.48 -5.66
C TRP C 86 5.77 -38.99 -4.31
N SER C 87 5.11 -40.01 -3.76
CA SER C 87 5.50 -40.49 -2.44
C SER C 87 6.93 -41.06 -2.44
N GLY C 88 7.48 -41.36 -3.61
CA GLY C 88 8.83 -41.87 -3.67
C GLY C 88 9.86 -40.93 -4.28
N ILE C 89 9.51 -39.64 -4.41
CA ILE C 89 10.35 -38.76 -5.21
C ILE C 89 11.63 -38.35 -4.48
N ILE C 90 11.60 -38.27 -3.16
CA ILE C 90 12.82 -37.93 -2.42
C ILE C 90 13.74 -39.15 -2.40
N PRO C 91 13.25 -40.37 -2.09
CA PRO C 91 14.16 -41.52 -2.20
C PRO C 91 14.74 -41.70 -3.60
N ALA C 92 14.01 -41.30 -4.65
CA ALA C 92 14.56 -41.43 -6.00
C ALA C 92 15.70 -40.45 -6.21
N LEU C 93 15.55 -39.21 -5.72
CA LEU C 93 16.65 -38.26 -5.73
C LEU C 93 17.85 -38.81 -4.97
N LEU C 94 17.61 -39.30 -3.76
CA LEU C 94 18.69 -39.76 -2.90
C LEU C 94 19.44 -40.95 -3.50
N THR C 95 18.77 -41.76 -4.32
CA THR C 95 19.42 -42.91 -4.96
C THR C 95 19.90 -42.59 -6.37
N GLY C 96 19.89 -41.32 -6.77
CA GLY C 96 20.49 -40.92 -8.03
C GLY C 96 19.68 -41.20 -9.28
N LYS C 97 18.35 -41.34 -9.18
CA LYS C 97 17.54 -41.54 -10.38
C LYS C 97 17.47 -40.26 -11.22
N PHE C 98 17.80 -39.11 -10.64
CA PHE C 98 17.89 -37.85 -11.37
C PHE C 98 18.76 -36.89 -10.56
N ASP C 99 19.00 -35.72 -11.13
CA ASP C 99 19.89 -34.72 -10.54
C ASP C 99 19.18 -33.75 -9.62
N ILE C 100 17.87 -33.54 -9.81
CA ILE C 100 17.19 -32.41 -9.21
C ILE C 100 15.69 -32.69 -9.27
N ILE C 101 14.96 -32.23 -8.24
CA ILE C 101 13.50 -32.25 -8.23
C ILE C 101 13.02 -30.87 -8.64
N ILE C 102 12.31 -30.80 -9.76
CA ILE C 102 11.63 -29.58 -10.18
C ILE C 102 10.19 -29.99 -10.35
N GLY C 103 9.47 -30.07 -9.22
CA GLY C 103 8.17 -30.71 -9.28
C GLY C 103 7.15 -29.99 -8.44
N GLY C 104 7.31 -28.68 -8.30
CA GLY C 104 6.46 -27.93 -7.40
C GLY C 104 6.56 -28.31 -5.93
N MET C 105 7.72 -28.83 -5.50
CA MET C 105 7.96 -29.14 -4.08
C MET C 105 7.94 -27.92 -3.18
N SER C 106 7.06 -27.98 -2.17
CA SER C 106 7.12 -27.02 -1.08
C SER C 106 8.37 -27.26 -0.23
N ILE C 107 9.09 -26.18 0.03
CA ILE C 107 10.20 -26.24 0.98
C ILE C 107 9.63 -26.55 2.35
N ARG C 108 10.12 -27.61 3.00
CA ARG C 108 9.60 -28.05 4.29
C ARG C 108 10.75 -28.50 5.18
N PRO C 109 10.69 -28.24 6.49
CA PRO C 109 11.81 -28.62 7.37
C PRO C 109 11.96 -30.13 7.55
N ASP C 110 10.90 -30.93 7.40
CA ASP C 110 11.12 -32.37 7.51
C ASP C 110 11.84 -32.90 6.26
N ARG C 111 11.41 -32.48 5.07
CA ARG C 111 12.12 -32.86 3.86
C ARG C 111 13.57 -32.37 3.87
N ASN C 112 13.80 -31.17 4.42
CA ASN C 112 15.14 -30.58 4.47
C ASN C 112 16.12 -31.40 5.31
N LEU C 113 15.64 -32.34 6.12
CA LEU C 113 16.56 -33.21 6.82
C LEU C 113 17.34 -34.10 5.85
N LYS C 114 16.75 -34.40 4.69
CA LYS C 114 17.34 -35.34 3.74
C LYS C 114 17.86 -34.68 2.47
N VAL C 115 17.30 -33.54 2.06
CA VAL C 115 17.69 -32.88 0.83
C VAL C 115 17.87 -31.40 1.12
N ASN C 116 18.55 -30.70 0.21
CA ASN C 116 18.72 -29.25 0.29
C ASN C 116 17.80 -28.56 -0.71
N PHE C 117 17.39 -27.34 -0.36
CA PHE C 117 16.44 -26.57 -1.18
C PHE C 117 17.07 -25.30 -1.70
N SER C 118 16.71 -24.94 -2.93
CA SER C 118 17.02 -23.62 -3.47
C SER C 118 16.19 -22.55 -2.76
N ILE C 119 16.49 -21.29 -3.09
CA ILE C 119 15.59 -20.19 -2.73
C ILE C 119 14.29 -20.42 -3.51
N PRO C 120 13.20 -19.75 -3.16
CA PRO C 120 11.92 -20.01 -3.85
C PRO C 120 11.90 -19.48 -5.27
N TYR C 121 11.31 -20.27 -6.18
CA TYR C 121 10.99 -19.83 -7.53
C TYR C 121 9.50 -19.70 -7.77
N ASP C 122 8.68 -20.04 -6.78
CA ASP C 122 7.23 -19.94 -6.90
C ASP C 122 6.67 -19.97 -5.47
N TYR C 123 5.40 -19.60 -5.35
CA TYR C 123 4.64 -19.74 -4.11
C TYR C 123 3.28 -20.34 -4.46
N SER C 124 2.79 -21.23 -3.61
CA SER C 124 1.45 -21.81 -3.77
C SER C 124 0.68 -21.71 -2.46
N GLY C 125 -0.62 -21.93 -2.53
CA GLY C 125 -1.47 -21.89 -1.36
C GLY C 125 -2.54 -22.94 -1.44
N MET C 126 -2.97 -23.41 -0.28
CA MET C 126 -3.89 -24.53 -0.22
C MET C 126 -5.34 -24.09 -0.44
N SER C 127 -6.09 -24.95 -1.12
CA SER C 127 -7.50 -24.71 -1.40
C SER C 127 -8.24 -26.03 -1.19
N LEU C 128 -9.53 -26.05 -1.50
N LEU C 128 -9.52 -26.06 -1.52
CA LEU C 128 -10.29 -27.29 -1.37
CA LEU C 128 -10.29 -27.29 -1.36
C LEU C 128 -11.52 -27.20 -2.25
C LEU C 128 -11.55 -27.20 -2.21
N VAL C 129 -12.02 -28.36 -2.67
CA VAL C 129 -13.22 -28.46 -3.48
C VAL C 129 -14.13 -29.48 -2.83
N ALA C 130 -15.42 -29.14 -2.72
CA ALA C 130 -16.36 -29.87 -1.88
C ALA C 130 -17.55 -30.39 -2.68
N ASN C 131 -18.20 -31.41 -2.10
CA ASN C 131 -19.42 -31.96 -2.68
C ASN C 131 -20.61 -31.09 -2.29
N LYS C 132 -21.39 -30.69 -3.28
CA LYS C 132 -22.47 -29.70 -3.03
C LYS C 132 -23.52 -30.25 -2.05
N LYS C 133 -23.82 -31.53 -2.16
CA LYS C 133 -24.84 -32.14 -1.27
C LYS C 133 -24.29 -32.29 0.15
N LEU C 134 -23.21 -33.06 0.32
CA LEU C 134 -22.67 -33.37 1.68
C LEU C 134 -22.26 -32.09 2.41
N ALA C 135 -21.75 -31.10 1.67
CA ALA C 135 -21.20 -29.90 2.31
C ALA C 135 -22.08 -28.70 2.03
N GLN C 136 -23.37 -28.94 1.82
CA GLN C 136 -24.29 -27.83 1.61
C GLN C 136 -24.30 -26.93 2.85
N GLY C 137 -24.16 -25.63 2.62
CA GLY C 137 -24.13 -24.67 3.69
C GLY C 137 -22.76 -24.43 4.31
N PHE C 138 -21.76 -25.22 3.94
CA PHE C 138 -20.41 -25.03 4.48
C PHE C 138 -19.78 -23.79 3.85
N SER C 139 -19.24 -22.90 4.69
CA SER C 139 -18.67 -21.65 4.21
C SER C 139 -17.30 -21.32 4.79
N ARG C 140 -16.88 -21.94 5.90
CA ARG C 140 -15.60 -21.65 6.52
C ARG C 140 -14.81 -22.94 6.69
N LEU C 141 -13.50 -22.79 6.90
CA LEU C 141 -12.66 -23.92 7.24
C LEU C 141 -13.23 -24.68 8.44
N GLU C 142 -13.74 -23.95 9.44
CA GLU C 142 -14.23 -24.59 10.65
C GLU C 142 -15.39 -25.53 10.37
N ASP C 143 -16.22 -25.23 9.36
CA ASP C 143 -17.33 -26.11 9.02
C ASP C 143 -16.86 -27.52 8.68
N PHE C 144 -15.63 -27.65 8.17
CA PHE C 144 -15.09 -28.95 7.82
C PHE C 144 -14.34 -29.61 8.96
N ASN C 145 -14.12 -28.90 10.07
CA ASN C 145 -13.39 -29.46 11.20
C ASN C 145 -14.39 -30.09 12.18
N LYS C 146 -14.99 -31.17 11.71
CA LYS C 146 -16.01 -31.88 12.51
C LYS C 146 -15.76 -33.37 12.33
N SER C 147 -16.14 -34.18 13.30
CA SER C 147 -15.79 -35.62 13.25
C SER C 147 -16.54 -36.36 12.13
N GLU C 148 -17.68 -35.84 11.71
CA GLU C 148 -18.51 -36.54 10.70
C GLU C 148 -18.05 -36.20 9.28
N VAL C 149 -17.06 -35.32 9.13
CA VAL C 149 -16.63 -34.84 7.82
C VAL C 149 -15.48 -35.71 7.32
N LEU C 150 -15.58 -36.19 6.08
CA LEU C 150 -14.53 -36.96 5.43
C LEU C 150 -13.78 -36.05 4.47
N ILE C 151 -12.45 -36.08 4.53
CA ILE C 151 -11.60 -35.19 3.75
C ILE C 151 -10.50 -36.00 3.08
N ALA C 152 -10.29 -35.74 1.79
CA ALA C 152 -9.30 -36.46 0.99
C ALA C 152 -8.13 -35.56 0.64
N ALA C 153 -6.93 -36.11 0.65
CA ALA C 153 -5.71 -35.36 0.37
C ALA C 153 -4.67 -36.32 -0.17
N ARG C 154 -3.83 -35.79 -1.05
CA ARG C 154 -2.79 -36.63 -1.70
C ARG C 154 -1.72 -37.03 -0.69
N LEU C 155 -1.46 -38.32 -0.60
CA LEU C 155 -0.47 -38.81 0.35
C LEU C 155 0.92 -38.24 0.06
N GLY C 156 1.60 -37.82 1.12
CA GLY C 156 2.96 -37.33 0.99
C GLY C 156 3.10 -35.89 0.54
N THR C 157 2.02 -35.13 0.50
CA THR C 157 2.05 -33.73 0.07
C THR C 157 1.72 -32.82 1.23
N THR C 158 1.92 -31.52 1.01
CA THR C 158 1.51 -30.54 2.02
C THR C 158 -0.01 -30.44 2.14
N ALA C 159 -0.77 -30.94 1.17
CA ALA C 159 -2.22 -30.98 1.33
C ALA C 159 -2.61 -31.89 2.48
N ALA C 160 -1.90 -33.01 2.64
CA ALA C 160 -2.15 -33.88 3.78
C ALA C 160 -1.81 -33.18 5.10
N LYS C 161 -0.69 -32.46 5.14
CA LYS C 161 -0.34 -31.73 6.36
C LYS C 161 -1.36 -30.64 6.67
N ALA C 162 -1.82 -29.93 5.64
CA ALA C 162 -2.81 -28.88 5.84
C ALA C 162 -4.12 -29.44 6.34
N ALA C 163 -4.54 -30.59 5.81
CA ALA C 163 -5.77 -31.23 6.29
C ALA C 163 -5.64 -31.61 7.76
N GLU C 164 -4.49 -32.16 8.14
CA GLU C 164 -4.27 -32.53 9.54
C GLU C 164 -4.28 -31.31 10.44
N LYS C 165 -3.74 -30.20 9.96
CA LYS C 165 -3.62 -29.00 10.78
C LYS C 165 -4.97 -28.31 10.97
N TYR C 166 -5.70 -28.10 9.88
CA TYR C 166 -6.89 -27.25 9.93
C TYR C 166 -8.19 -28.04 10.14
N PHE C 167 -8.19 -29.35 9.90
CA PHE C 167 -9.35 -30.20 10.16
C PHE C 167 -8.95 -31.41 11.00
N PRO C 168 -8.42 -31.20 12.21
CA PRO C 168 -7.96 -32.35 13.00
C PRO C 168 -9.08 -33.28 13.44
N ARG C 169 -10.29 -32.75 13.65
CA ARG C 169 -11.41 -33.59 14.08
C ARG C 169 -12.00 -34.42 12.95
N ALA C 170 -11.75 -34.03 11.69
CA ALA C 170 -12.35 -34.72 10.56
C ALA C 170 -11.69 -36.08 10.34
N GLN C 171 -12.40 -36.91 9.58
CA GLN C 171 -11.84 -38.20 9.16
C GLN C 171 -11.06 -37.94 7.89
N LEU C 172 -9.80 -38.31 7.88
CA LEU C 172 -8.93 -37.97 6.76
C LEU C 172 -8.60 -39.23 5.96
N LYS C 173 -8.71 -39.12 4.64
CA LYS C 173 -8.42 -40.23 3.74
C LYS C 173 -7.34 -39.79 2.76
N LEU C 174 -6.13 -40.30 2.97
CA LEU C 174 -5.04 -40.05 2.04
C LEU C 174 -5.18 -40.96 0.82
N PHE C 175 -4.82 -40.44 -0.34
CA PHE C 175 -4.89 -41.17 -1.59
C PHE C 175 -3.61 -40.97 -2.38
N ASP C 176 -3.32 -41.94 -3.25
CA ASP C 176 -2.28 -41.78 -4.25
C ASP C 176 -2.82 -41.71 -5.67
N ASP C 177 -4.10 -42.04 -5.87
CA ASP C 177 -4.74 -42.02 -7.18
C ASP C 177 -5.74 -40.87 -7.18
N GLU C 178 -5.34 -39.74 -7.77
CA GLU C 178 -6.20 -38.55 -7.78
C GLU C 178 -7.48 -38.78 -8.58
N ALA C 179 -7.38 -39.47 -9.71
CA ALA C 179 -8.58 -39.74 -10.51
C ALA C 179 -9.65 -40.40 -9.66
N GLN C 180 -9.29 -41.45 -8.93
CA GLN C 180 -10.30 -42.16 -8.16
C GLN C 180 -10.71 -41.41 -6.90
N ALA C 181 -9.86 -40.50 -6.41
CA ALA C 181 -10.31 -39.60 -5.34
C ALA C 181 -11.39 -38.65 -5.83
N ILE C 182 -11.27 -38.18 -7.07
CA ILE C 182 -12.32 -37.34 -7.65
C ILE C 182 -13.61 -38.13 -7.82
N GLN C 183 -13.49 -39.38 -8.25
CA GLN C 183 -14.69 -40.24 -8.45
C GLN C 183 -15.45 -40.32 -7.12
N GLU C 184 -14.71 -40.53 -6.04
CA GLU C 184 -15.35 -40.66 -4.73
C GLU C 184 -15.91 -39.34 -4.24
N LEU C 185 -15.30 -38.22 -4.63
CA LEU C 185 -15.87 -36.90 -4.25
C LEU C 185 -17.19 -36.67 -5.00
N LEU C 186 -17.21 -36.97 -6.29
CA LEU C 186 -18.43 -36.78 -7.12
C LEU C 186 -19.55 -37.71 -6.62
N ASN C 187 -19.21 -38.90 -6.14
CA ASN C 187 -20.18 -39.90 -5.64
C ASN C 187 -20.54 -39.61 -4.17
N GLY C 188 -19.99 -38.54 -3.60
CA GLY C 188 -20.26 -38.19 -2.20
C GLY C 188 -19.69 -39.18 -1.19
N ARG C 189 -18.62 -39.88 -1.55
CA ARG C 189 -17.96 -40.78 -0.57
C ARG C 189 -17.05 -39.95 0.34
N VAL C 190 -16.71 -38.72 -0.05
CA VAL C 190 -15.92 -37.81 0.83
C VAL C 190 -16.52 -36.40 0.73
N HIS C 191 -16.37 -35.60 1.78
CA HIS C 191 -16.95 -34.26 1.75
C HIS C 191 -16.15 -33.31 0.86
N ALA C 192 -14.82 -33.41 0.86
CA ALA C 192 -14.02 -32.47 0.10
C ALA C 192 -12.66 -33.08 -0.20
N VAL C 193 -11.99 -32.48 -1.17
CA VAL C 193 -10.62 -32.82 -1.53
C VAL C 193 -9.78 -31.57 -1.35
N VAL C 194 -8.71 -31.70 -0.55
CA VAL C 194 -7.80 -30.60 -0.24
C VAL C 194 -6.60 -30.71 -1.18
N ALA C 195 -6.24 -29.60 -1.82
CA ALA C 195 -5.15 -29.58 -2.79
C ALA C 195 -4.71 -28.16 -3.06
N SER C 196 -3.51 -28.00 -3.60
CA SER C 196 -2.99 -26.68 -3.91
C SER C 196 -3.81 -26.00 -5.01
N ALA C 197 -4.10 -24.73 -4.80
CA ALA C 197 -4.71 -23.91 -5.84
C ALA C 197 -3.80 -23.84 -7.05
N PRO C 198 -4.36 -23.76 -8.26
CA PRO C 198 -5.79 -23.62 -8.58
C PRO C 198 -6.51 -24.93 -8.84
N LEU C 199 -5.94 -26.08 -8.49
CA LEU C 199 -6.54 -27.35 -8.89
C LEU C 199 -7.96 -27.55 -8.37
N PRO C 200 -8.31 -27.20 -7.12
CA PRO C 200 -9.71 -27.31 -6.71
C PRO C 200 -10.66 -26.44 -7.53
N ALA C 201 -10.27 -25.20 -7.83
CA ALA C 201 -11.11 -24.34 -8.65
C ALA C 201 -11.32 -24.95 -10.04
N PHE C 202 -10.26 -25.53 -10.61
CA PHE C 202 -10.41 -26.21 -11.89
C PHE C 202 -11.46 -27.31 -11.81
N LYS C 203 -11.40 -28.13 -10.76
CA LYS C 203 -12.33 -29.24 -10.64
C LYS C 203 -13.76 -28.75 -10.40
N ALA C 204 -13.93 -27.66 -9.67
CA ALA C 204 -15.27 -27.10 -9.47
C ALA C 204 -15.85 -26.60 -10.79
N LEU C 205 -15.02 -26.01 -11.64
CA LEU C 205 -15.49 -25.58 -12.95
C LEU C 205 -15.75 -26.76 -13.87
N GLU C 206 -15.01 -27.86 -13.70
CA GLU C 206 -15.20 -29.00 -14.57
C GLU C 206 -16.49 -29.76 -14.25
N TYR C 207 -16.91 -29.75 -12.99
CA TYR C 207 -18.12 -30.46 -12.55
C TYR C 207 -19.01 -29.52 -11.73
N PRO C 208 -19.52 -28.46 -12.34
CA PRO C 208 -20.26 -27.45 -11.55
C PRO C 208 -21.59 -27.94 -11.01
N GLU C 209 -22.11 -29.08 -11.47
CA GLU C 209 -23.37 -29.59 -10.96
C GLU C 209 -23.21 -30.28 -9.61
N GLN C 210 -22.03 -30.80 -9.31
CA GLN C 210 -21.81 -31.58 -8.09
C GLN C 210 -20.86 -30.94 -7.11
N LEU C 211 -19.96 -30.09 -7.58
CA LEU C 211 -18.84 -29.59 -6.79
C LEU C 211 -18.93 -28.07 -6.64
N PHE C 212 -18.31 -27.55 -5.59
CA PHE C 212 -18.24 -26.10 -5.40
C PHE C 212 -17.05 -25.77 -4.51
N LEU C 213 -16.72 -24.47 -4.45
CA LEU C 213 -15.60 -23.95 -3.68
C LEU C 213 -16.15 -23.27 -2.43
N PRO C 214 -16.20 -23.93 -1.28
CA PRO C 214 -16.83 -23.32 -0.10
C PRO C 214 -16.03 -22.17 0.48
N ILE C 215 -14.76 -22.05 0.11
CA ILE C 215 -13.87 -21.03 0.65
C ILE C 215 -13.22 -20.29 -0.50
N SER C 216 -13.05 -18.98 -0.34
CA SER C 216 -12.44 -18.15 -1.36
C SER C 216 -10.95 -17.98 -1.07
N GLY C 217 -10.14 -18.12 -2.11
CA GLY C 217 -8.70 -17.95 -1.94
C GLY C 217 -8.03 -19.14 -1.28
N THR C 218 -6.83 -18.90 -0.78
CA THR C 218 -6.00 -19.96 -0.21
C THR C 218 -5.89 -19.81 1.30
N PHE C 219 -5.49 -20.88 1.96
CA PHE C 219 -5.34 -20.82 3.41
C PHE C 219 -3.98 -21.34 3.89
N THR C 220 -3.00 -21.48 2.98
CA THR C 220 -1.59 -21.59 3.33
C THR C 220 -0.79 -20.71 2.37
N LYS C 221 0.48 -20.46 2.71
CA LYS C 221 1.39 -19.78 1.79
C LYS C 221 2.71 -20.53 1.85
N GLU C 222 3.08 -21.18 0.75
CA GLU C 222 4.16 -22.16 0.73
C GLU C 222 5.22 -21.79 -0.31
N PRO C 223 6.43 -21.46 0.08
CA PRO C 223 7.50 -21.28 -0.92
C PRO C 223 7.87 -22.60 -1.57
N ILE C 224 8.10 -22.54 -2.87
CA ILE C 224 8.40 -23.69 -3.72
C ILE C 224 9.86 -23.58 -4.13
N GLY C 225 10.62 -24.67 -4.00
CA GLY C 225 12.03 -24.64 -4.33
C GLY C 225 12.48 -25.94 -4.98
N PHE C 226 13.60 -25.85 -5.72
CA PHE C 226 14.27 -27.05 -6.21
C PHE C 226 14.81 -27.86 -5.04
N ALA C 227 14.84 -29.19 -5.18
CA ALA C 227 15.47 -30.05 -4.18
C ALA C 227 16.65 -30.79 -4.80
N ILE C 228 17.81 -30.73 -4.14
CA ILE C 228 19.02 -31.40 -4.60
C ILE C 228 19.68 -32.13 -3.43
N ARG C 229 20.59 -33.04 -3.76
CA ARG C 229 21.34 -33.76 -2.74
C ARG C 229 22.30 -32.80 -2.02
N LYS C 230 22.69 -33.19 -0.80
CA LYS C 230 23.40 -32.32 0.12
C LYS C 230 24.90 -32.28 -0.19
N GLY C 231 25.61 -31.39 0.53
CA GLY C 231 27.04 -31.26 0.33
C GLY C 231 27.42 -30.67 -1.02
N ASP C 232 26.58 -29.81 -1.57
CA ASP C 232 26.77 -29.28 -2.92
C ASP C 232 26.46 -27.78 -2.92
N PRO C 233 27.31 -26.98 -2.26
CA PRO C 233 27.09 -25.52 -2.29
C PRO C 233 27.25 -24.91 -3.67
N ASP C 234 28.06 -25.48 -4.58
CA ASP C 234 28.16 -24.89 -5.91
C ASP C 234 26.88 -25.01 -6.72
N PHE C 235 26.24 -26.20 -6.70
CA PHE C 235 24.98 -26.37 -7.42
C PHE C 235 23.89 -25.46 -6.83
N LEU C 236 23.84 -25.32 -5.51
CA LEU C 236 22.89 -24.36 -4.92
C LEU C 236 23.16 -22.95 -5.42
N ASN C 237 24.43 -22.54 -5.47
CA ASN C 237 24.72 -21.19 -5.93
C ASN C 237 24.28 -20.97 -7.36
N TYR C 238 24.48 -21.97 -8.24
CA TYR C 238 24.05 -21.86 -9.62
C TYR C 238 22.53 -21.74 -9.72
N LEU C 239 21.81 -22.57 -8.96
CA LEU C 239 20.35 -22.57 -9.03
C LEU C 239 19.77 -21.28 -8.46
N ASN C 240 20.30 -20.81 -7.33
CA ASN C 240 19.81 -19.58 -6.73
C ASN C 240 20.09 -18.38 -7.62
N SER C 241 21.30 -18.31 -8.18
CA SER C 241 21.63 -17.23 -9.11
C SER C 241 20.73 -17.26 -10.35
N TRP C 242 20.41 -18.45 -10.86
CA TRP C 242 19.52 -18.54 -12.02
C TRP C 242 18.13 -18.02 -11.70
N ILE C 243 17.57 -18.41 -10.55
CA ILE C 243 16.27 -17.92 -10.11
C ILE C 243 16.27 -16.39 -10.01
N ARG C 244 17.31 -15.82 -9.41
CA ARG C 244 17.33 -14.37 -9.24
C ARG C 244 17.31 -13.66 -10.60
N VAL C 245 17.97 -14.24 -11.60
CA VAL C 245 18.04 -13.59 -12.91
C VAL C 245 16.68 -13.69 -13.62
N VAL C 246 16.09 -14.88 -13.67
CA VAL C 246 14.81 -14.99 -14.37
C VAL C 246 13.67 -14.36 -13.57
N GLU C 247 13.83 -14.22 -12.24
CA GLU C 247 12.87 -13.44 -11.47
C GLU C 247 12.93 -11.97 -11.83
N ALA C 248 14.14 -11.40 -11.86
CA ALA C 248 14.28 -9.97 -12.17
C ALA C 248 13.77 -9.67 -13.58
N GLU C 249 13.97 -10.59 -14.51
CA GLU C 249 13.50 -10.47 -15.89
C GLU C 249 11.98 -10.43 -16.00
N GLY C 250 11.28 -10.91 -14.96
CA GLY C 250 9.84 -10.99 -14.98
C GLY C 250 9.31 -12.28 -15.56
N TRP C 251 10.19 -13.22 -15.89
CA TRP C 251 9.80 -14.44 -16.60
C TRP C 251 9.00 -15.39 -15.71
N LEU C 252 9.38 -15.50 -14.43
CA LEU C 252 8.67 -16.40 -13.52
C LEU C 252 7.25 -15.91 -13.27
N ARG C 253 7.10 -14.58 -13.12
CA ARG C 253 5.76 -14.00 -12.98
C ARG C 253 4.91 -14.27 -14.23
N GLU C 254 5.51 -14.11 -15.41
CA GLU C 254 4.77 -14.38 -16.64
C GLU C 254 4.32 -15.84 -16.72
N LYS C 255 5.21 -16.76 -16.35
CA LYS C 255 4.88 -18.19 -16.44
C LYS C 255 3.87 -18.59 -15.37
N HIS C 256 4.01 -18.05 -14.15
CA HIS C 256 3.02 -18.31 -13.10
C HIS C 256 1.63 -17.87 -13.54
N HIS C 257 1.54 -16.67 -14.14
CA HIS C 257 0.23 -16.19 -14.59
C HIS C 257 -0.33 -17.06 -15.70
N TYR C 258 0.49 -17.41 -16.69
CA TYR C 258 0.01 -18.22 -17.80
C TYR C 258 -0.55 -19.55 -17.31
N TRP C 259 0.23 -20.29 -16.52
CA TRP C 259 -0.21 -21.63 -16.13
C TRP C 259 -1.30 -21.60 -15.07
N PHE C 260 -1.14 -20.78 -14.03
CA PHE C 260 -2.04 -20.85 -12.88
C PHE C 260 -3.18 -19.83 -12.91
N GLU C 261 -3.11 -18.81 -13.76
CA GLU C 261 -4.13 -17.76 -13.74
C GLU C 261 -4.86 -17.59 -15.06
N THR C 262 -4.53 -18.38 -16.08
CA THR C 262 -5.29 -18.43 -17.33
C THR C 262 -5.55 -19.89 -17.69
N LYS C 263 -6.44 -20.10 -18.67
CA LYS C 263 -6.62 -21.43 -19.26
C LYS C 263 -6.20 -21.44 -20.73
N ASN C 264 -5.18 -20.66 -21.08
CA ASN C 264 -4.74 -20.56 -22.47
C ASN C 264 -4.16 -21.87 -22.99
N TRP C 265 -3.77 -22.77 -22.09
CA TRP C 265 -3.15 -24.04 -22.42
C TRP C 265 -4.15 -25.20 -22.49
N GLU C 266 -5.42 -24.95 -22.20
CA GLU C 266 -6.33 -26.07 -21.94
C GLU C 266 -6.57 -26.92 -23.18
N HIS C 267 -6.52 -26.31 -24.37
CA HIS C 267 -6.74 -27.07 -25.59
C HIS C 267 -5.51 -27.85 -26.03
N LEU C 268 -4.39 -27.72 -25.32
CA LEU C 268 -3.30 -28.67 -25.51
C LEU C 268 -3.62 -30.03 -24.90
N LEU C 269 -4.62 -30.10 -24.02
CA LEU C 269 -4.94 -31.34 -23.33
C LEU C 269 -6.11 -32.10 -23.95
N LYS C 270 -7.33 -31.62 -23.72
CA LYS C 270 -8.55 -32.37 -24.04
C LYS C 270 -8.52 -33.74 -23.36
N GLN D 18 9.75 0.34 11.35
CA GLN D 18 9.83 -1.13 11.13
C GLN D 18 8.41 -1.71 11.07
N GLY D 19 8.12 -2.53 10.06
CA GLY D 19 6.76 -3.06 9.88
C GLY D 19 5.83 -1.98 9.33
N LYS D 20 6.29 -0.71 9.33
CA LYS D 20 5.50 0.41 8.80
C LYS D 20 6.35 1.19 7.80
N GLU D 21 7.31 0.52 7.17
CA GLU D 21 8.27 1.21 6.26
C GLU D 21 7.56 1.77 5.04
N VAL D 22 6.81 0.91 4.34
CA VAL D 22 6.18 1.40 3.12
C VAL D 22 5.25 2.56 3.44
N ARG D 23 4.45 2.42 4.49
CA ARG D 23 3.51 3.47 4.85
C ARG D 23 4.24 4.75 5.23
N GLU D 24 5.32 4.65 6.02
CA GLU D 24 6.03 5.85 6.44
C GLU D 24 6.70 6.54 5.25
N LYS D 25 7.17 5.77 4.27
CA LYS D 25 7.76 6.36 3.09
C LYS D 25 6.71 7.09 2.25
N LEU D 26 5.52 6.51 2.14
CA LEU D 26 4.46 7.20 1.42
C LEU D 26 4.14 8.54 2.09
N VAL D 27 4.12 8.57 3.43
CA VAL D 27 3.91 9.82 4.16
C VAL D 27 5.00 10.83 3.83
N GLU D 28 6.26 10.40 3.89
CA GLU D 28 7.37 11.32 3.66
C GLU D 28 7.42 11.81 2.23
N GLU D 29 6.93 11.01 1.29
CA GLU D 29 6.99 11.36 -0.12
C GLU D 29 5.79 12.17 -0.60
N SER D 30 4.87 12.52 0.30
CA SER D 30 3.78 13.41 -0.08
C SER D 30 4.32 14.77 -0.49
N THR D 31 3.66 15.37 -1.50
CA THR D 31 4.00 16.73 -1.89
C THR D 31 3.65 17.74 -0.80
N LEU D 32 2.76 17.39 0.14
CA LEU D 32 2.54 18.23 1.30
C LEU D 32 3.83 18.43 2.08
N GLU D 33 4.60 17.36 2.29
CA GLU D 33 5.86 17.51 3.01
C GLU D 33 6.87 18.29 2.18
N THR D 34 6.86 18.11 0.86
CA THR D 34 7.71 18.88 -0.03
C THR D 34 7.48 20.37 0.17
N ILE D 35 6.21 20.77 0.23
CA ILE D 35 5.84 22.17 0.44
C ILE D 35 6.31 22.66 1.80
N LEU D 36 6.05 21.88 2.85
CA LEU D 36 6.41 22.33 4.20
C LEU D 36 7.91 22.49 4.34
N LYS D 37 8.69 21.57 3.75
CA LYS D 37 10.15 21.68 3.82
C LYS D 37 10.66 22.89 3.04
N ARG D 38 10.04 23.20 1.90
CA ARG D 38 10.45 24.34 1.09
C ARG D 38 10.08 25.66 1.76
N GLY D 39 8.99 25.67 2.51
CA GLY D 39 8.47 26.89 3.10
C GLY D 39 7.63 27.74 2.16
N VAL D 40 7.34 27.24 0.97
CA VAL D 40 6.62 27.99 -0.06
C VAL D 40 5.70 27.03 -0.80
N LEU D 41 4.46 27.45 -1.04
CA LEU D 41 3.53 26.73 -1.90
C LEU D 41 3.61 27.31 -3.32
N LYS D 42 3.96 26.47 -4.30
CA LYS D 42 4.07 26.90 -5.70
C LYS D 42 2.77 26.57 -6.44
N VAL D 43 2.12 27.60 -6.96
CA VAL D 43 0.76 27.44 -7.53
C VAL D 43 0.71 27.73 -9.03
N GLY D 44 0.26 26.75 -9.80
CA GLY D 44 0.08 26.94 -11.24
C GLY D 44 -1.29 27.54 -11.52
N MET D 45 -1.33 28.55 -12.38
CA MET D 45 -2.60 29.20 -12.73
C MET D 45 -2.46 29.90 -14.09
N SER D 46 -3.59 30.34 -14.62
CA SER D 46 -3.60 31.05 -15.92
C SER D 46 -4.50 32.28 -15.79
N THR D 47 -4.36 33.21 -16.73
CA THR D 47 -5.10 34.49 -16.61
C THR D 47 -6.52 34.40 -17.20
N PHE D 48 -7.54 34.44 -16.35
CA PHE D 48 -8.94 34.57 -16.76
C PHE D 48 -9.60 35.58 -15.83
N VAL D 49 -10.16 36.64 -16.38
CA VAL D 49 -10.86 37.64 -15.57
C VAL D 49 -12.24 37.09 -15.20
N PRO D 50 -12.64 37.09 -13.92
CA PRO D 50 -11.92 37.57 -12.73
C PRO D 50 -11.37 36.44 -11.86
N TRP D 51 -11.08 35.29 -12.44
CA TRP D 51 -10.45 34.19 -11.66
C TRP D 51 -9.03 34.61 -11.23
N ALA D 52 -8.25 35.08 -12.18
CA ALA D 52 -6.84 35.47 -11.91
C ALA D 52 -6.39 36.49 -12.96
N MET D 53 -5.89 37.64 -12.49
CA MET D 53 -5.43 38.68 -13.43
C MET D 53 -4.50 39.66 -12.71
N LYS D 54 -3.62 40.30 -13.49
CA LYS D 54 -2.70 41.31 -12.95
C LYS D 54 -3.40 42.66 -12.90
N ASP D 55 -3.34 43.32 -11.76
CA ASP D 55 -3.99 44.60 -11.57
C ASP D 55 -3.00 45.73 -11.90
N LYS D 56 -3.42 46.97 -11.71
CA LYS D 56 -2.56 48.01 -12.23
C LYS D 56 -1.40 48.34 -11.29
N GLU D 57 -1.35 47.75 -10.09
CA GLU D 57 -0.12 47.74 -9.31
C GLU D 57 0.84 46.65 -9.77
N GLY D 58 0.47 45.84 -10.75
CA GLY D 58 1.32 44.77 -11.22
C GLY D 58 1.20 43.46 -10.47
N GLN D 59 0.24 43.35 -9.56
CA GLN D 59 0.07 42.17 -8.70
C GLN D 59 -1.11 41.34 -9.17
N LEU D 60 -1.02 40.03 -8.98
CA LEU D 60 -2.14 39.14 -9.31
C LEU D 60 -3.25 39.27 -8.26
N ILE D 61 -4.49 39.30 -8.75
CA ILE D 61 -5.69 39.35 -7.94
C ILE D 61 -6.72 38.42 -8.56
N GLY D 62 -7.79 38.16 -7.82
CA GLY D 62 -8.92 37.40 -8.32
C GLY D 62 -9.32 36.28 -7.38
N PHE D 63 -10.39 35.57 -7.77
CA PHE D 63 -10.93 34.52 -6.92
C PHE D 63 -9.88 33.45 -6.64
N GLU D 64 -9.25 32.92 -7.69
CA GLU D 64 -8.28 31.84 -7.52
C GLU D 64 -7.06 32.31 -6.74
N ILE D 65 -6.68 33.58 -6.89
CA ILE D 65 -5.54 34.11 -6.12
C ILE D 65 -5.87 34.17 -4.64
N ASP D 66 -7.08 34.64 -4.31
CA ASP D 66 -7.52 34.67 -2.92
C ASP D 66 -7.57 33.29 -2.31
N VAL D 67 -8.08 32.30 -3.06
CA VAL D 67 -8.12 30.93 -2.54
C VAL D 67 -6.71 30.42 -2.27
N ALA D 68 -5.79 30.65 -3.21
CA ALA D 68 -4.43 30.16 -3.05
C ALA D 68 -3.70 30.87 -1.91
N LYS D 69 -3.95 32.17 -1.73
CA LYS D 69 -3.26 32.89 -0.66
C LYS D 69 -3.72 32.44 0.71
N ARG D 70 -5.03 32.20 0.89
CA ARG D 70 -5.49 31.73 2.19
C ARG D 70 -5.01 30.31 2.46
N LEU D 71 -5.04 29.45 1.44
CA LEU D 71 -4.52 28.10 1.61
C LEU D 71 -3.09 28.14 2.14
N ALA D 72 -2.23 28.93 1.49
CA ALA D 72 -0.82 29.02 1.89
C ALA D 72 -0.69 29.55 3.32
N ARG D 73 -1.44 30.59 3.65
CA ARG D 73 -1.36 31.18 4.99
C ARG D 73 -1.83 30.18 6.05
N ASP D 74 -2.91 29.44 5.77
CA ASP D 74 -3.41 28.44 6.72
C ASP D 74 -2.46 27.24 6.83
N MET D 75 -1.70 26.97 5.78
CA MET D 75 -0.64 25.97 5.80
C MET D 75 0.57 26.45 6.58
N GLY D 76 0.73 27.75 6.76
CA GLY D 76 1.92 28.28 7.39
C GLY D 76 3.09 28.51 6.46
N VAL D 77 2.85 28.67 5.15
CA VAL D 77 3.91 28.89 4.19
C VAL D 77 3.64 30.15 3.36
N LYS D 78 4.70 30.63 2.70
CA LYS D 78 4.56 31.67 1.69
C LYS D 78 3.92 31.08 0.43
N VAL D 79 3.52 31.95 -0.49
CA VAL D 79 2.96 31.50 -1.75
C VAL D 79 3.75 32.10 -2.90
N GLN D 80 3.91 31.32 -3.97
CA GLN D 80 4.57 31.73 -5.20
C GLN D 80 3.71 31.28 -6.37
N PHE D 81 3.28 32.22 -7.21
CA PHE D 81 2.45 31.88 -8.35
C PHE D 81 3.31 31.63 -9.59
N VAL D 82 2.94 30.60 -10.34
CA VAL D 82 3.67 30.23 -11.56
C VAL D 82 2.68 30.33 -12.72
N PRO D 83 2.47 31.52 -13.28
CA PRO D 83 1.56 31.65 -14.42
C PRO D 83 2.02 30.79 -15.59
N THR D 84 1.07 30.08 -16.17
CA THR D 84 1.35 29.05 -17.16
C THR D 84 0.28 29.12 -18.24
N LYS D 85 0.70 28.88 -19.48
CA LYS D 85 -0.27 28.86 -20.57
C LYS D 85 -1.24 27.72 -20.34
N TRP D 86 -2.53 27.98 -20.50
CA TRP D 86 -3.55 27.03 -20.05
C TRP D 86 -3.39 25.66 -20.71
N SER D 87 -3.19 25.63 -22.03
CA SER D 87 -3.12 24.34 -22.72
C SER D 87 -1.97 23.48 -22.21
N GLY D 88 -0.98 24.08 -21.53
CA GLY D 88 0.15 23.33 -21.04
C GLY D 88 0.20 23.17 -19.53
N ILE D 89 -0.91 23.43 -18.85
CA ILE D 89 -0.85 23.53 -17.39
C ILE D 89 -0.77 22.15 -16.74
N ILE D 90 -1.39 21.14 -17.31
CA ILE D 90 -1.31 19.79 -16.74
C ILE D 90 0.09 19.22 -16.99
N PRO D 91 0.65 19.29 -18.22
CA PRO D 91 2.07 18.92 -18.38
C PRO D 91 3.00 19.65 -17.41
N ALA D 92 2.72 20.91 -17.09
CA ALA D 92 3.59 21.64 -16.18
C ALA D 92 3.47 21.11 -14.76
N LEU D 93 2.26 20.72 -14.34
CA LEU D 93 2.09 20.07 -13.05
C LEU D 93 2.82 18.73 -13.01
N LEU D 94 2.74 17.97 -14.11
CA LEU D 94 3.31 16.63 -14.09
C LEU D 94 4.82 16.67 -14.05
N THR D 95 5.44 17.70 -14.62
CA THR D 95 6.90 17.80 -14.63
C THR D 95 7.43 18.62 -13.46
N GLY D 96 6.58 18.94 -12.48
CA GLY D 96 7.06 19.55 -11.24
C GLY D 96 7.31 21.05 -11.29
N LYS D 97 6.72 21.77 -12.25
CA LYS D 97 6.88 23.21 -12.27
C LYS D 97 6.21 23.89 -11.07
N PHE D 98 5.27 23.21 -10.43
CA PHE D 98 4.63 23.72 -9.22
C PHE D 98 4.01 22.53 -8.49
N ASP D 99 3.36 22.82 -7.36
CA ASP D 99 2.83 21.76 -6.50
C ASP D 99 1.37 21.44 -6.77
N ILE D 100 0.62 22.40 -7.27
CA ILE D 100 -0.84 22.32 -7.28
C ILE D 100 -1.37 23.29 -8.31
N ILE D 101 -2.43 22.88 -9.01
CA ILE D 101 -3.17 23.79 -9.87
C ILE D 101 -4.31 24.38 -9.04
N ILE D 102 -4.31 25.71 -8.91
CA ILE D 102 -5.43 26.44 -8.36
C ILE D 102 -5.78 27.48 -9.41
N GLY D 103 -6.52 27.05 -10.43
CA GLY D 103 -6.65 27.88 -11.62
C GLY D 103 -8.04 27.82 -12.21
N GLY D 104 -9.04 27.58 -11.37
CA GLY D 104 -10.41 27.47 -11.84
C GLY D 104 -10.68 26.24 -12.68
N MET D 105 -9.97 25.14 -12.41
CA MET D 105 -10.01 24.03 -13.35
C MET D 105 -11.22 23.13 -13.05
N SER D 106 -12.00 22.85 -14.09
CA SER D 106 -13.12 21.93 -13.96
C SER D 106 -12.62 20.50 -13.75
N ILE D 107 -13.13 19.82 -12.72
CA ILE D 107 -12.90 18.39 -12.56
C ILE D 107 -13.46 17.67 -13.78
N ARG D 108 -12.66 16.81 -14.41
N ARG D 108 -12.65 16.82 -14.41
CA ARG D 108 -13.08 16.16 -15.66
CA ARG D 108 -13.03 16.17 -15.67
C ARG D 108 -12.47 14.77 -15.76
C ARG D 108 -12.46 14.75 -15.72
N PRO D 109 -13.20 13.78 -16.26
CA PRO D 109 -12.66 12.41 -16.30
C PRO D 109 -11.47 12.24 -17.24
N ASP D 110 -11.36 13.02 -18.33
CA ASP D 110 -10.16 12.84 -19.14
C ASP D 110 -8.93 13.40 -18.44
N ARG D 111 -9.08 14.56 -17.79
CA ARG D 111 -7.96 15.12 -17.03
C ARG D 111 -7.55 14.23 -15.87
N ASN D 112 -8.52 13.58 -15.23
CA ASN D 112 -8.32 12.72 -14.07
C ASN D 112 -7.53 11.46 -14.43
N LEU D 113 -7.37 11.15 -15.71
CA LEU D 113 -6.47 10.08 -16.09
C LEU D 113 -5.05 10.36 -15.64
N LYS D 114 -4.66 11.64 -15.62
CA LYS D 114 -3.25 12.02 -15.34
C LYS D 114 -3.05 12.72 -13.99
N VAL D 115 -4.08 13.41 -13.49
CA VAL D 115 -3.94 14.13 -12.23
C VAL D 115 -5.12 13.75 -11.32
N ASN D 116 -4.95 14.02 -10.02
CA ASN D 116 -6.02 13.81 -9.05
C ASN D 116 -6.65 15.14 -8.67
N PHE D 117 -7.94 15.09 -8.31
CA PHE D 117 -8.71 16.28 -8.01
C PHE D 117 -9.17 16.28 -6.55
N SER D 118 -9.16 17.46 -5.94
CA SER D 118 -9.84 17.65 -4.66
C SER D 118 -11.36 17.61 -4.85
N ILE D 119 -12.07 17.67 -3.72
CA ILE D 119 -13.50 17.94 -3.71
C ILE D 119 -13.68 19.37 -4.22
N PRO D 120 -14.89 19.75 -4.65
CA PRO D 120 -15.07 21.08 -5.26
C PRO D 120 -14.95 22.20 -4.24
N TYR D 121 -14.20 23.25 -4.62
CA TYR D 121 -14.20 24.50 -3.88
C TYR D 121 -14.96 25.61 -4.58
N ASP D 122 -15.51 25.36 -5.76
CA ASP D 122 -16.31 26.32 -6.51
C ASP D 122 -17.12 25.55 -7.55
N TYR D 123 -18.08 26.24 -8.17
CA TYR D 123 -18.82 25.73 -9.32
C TYR D 123 -18.95 26.84 -10.35
N SER D 124 -18.90 26.48 -11.63
CA SER D 124 -19.10 27.42 -12.73
C SER D 124 -20.09 26.82 -13.72
N GLY D 125 -20.56 27.65 -14.63
CA GLY D 125 -21.46 27.20 -15.68
C GLY D 125 -21.17 27.96 -16.96
N MET D 126 -21.46 27.32 -18.08
CA MET D 126 -21.02 27.91 -19.34
C MET D 126 -22.00 28.99 -19.80
N SER D 127 -21.48 29.99 -20.50
CA SER D 127 -22.29 31.10 -20.99
C SER D 127 -21.84 31.41 -22.42
N LEU D 128 -22.39 32.47 -22.99
CA LEU D 128 -22.09 32.78 -24.38
C LEU D 128 -22.39 34.26 -24.62
N VAL D 129 -21.51 34.91 -25.38
CA VAL D 129 -21.68 36.32 -25.76
C VAL D 129 -21.61 36.43 -27.27
N ALA D 130 -22.58 37.12 -27.85
CA ALA D 130 -22.84 37.09 -29.29
C ALA D 130 -22.73 38.47 -29.90
N ASN D 131 -22.42 38.50 -31.19
CA ASN D 131 -22.39 39.74 -31.95
C ASN D 131 -23.81 40.16 -32.30
N LYS D 132 -24.10 41.45 -32.12
CA LYS D 132 -25.47 41.94 -32.28
C LYS D 132 -25.94 41.81 -33.73
N LYS D 133 -25.07 42.08 -34.68
CA LYS D 133 -25.50 42.08 -36.10
C LYS D 133 -25.61 40.64 -36.63
N LEU D 134 -24.57 39.83 -36.46
CA LEU D 134 -24.57 38.45 -36.97
C LEU D 134 -25.66 37.62 -36.27
N ALA D 135 -25.84 37.79 -34.95
CA ALA D 135 -26.78 36.95 -34.23
C ALA D 135 -28.02 37.71 -33.78
N GLN D 136 -28.43 38.73 -34.54
CA GLN D 136 -29.65 39.45 -34.24
C GLN D 136 -30.85 38.52 -34.29
N GLY D 137 -31.64 38.52 -33.22
CA GLY D 137 -32.82 37.69 -33.14
C GLY D 137 -32.59 36.33 -32.50
N PHE D 138 -31.34 35.98 -32.19
CA PHE D 138 -31.04 34.71 -31.53
C PHE D 138 -31.39 34.84 -30.06
N SER D 139 -32.01 33.79 -29.51
CA SER D 139 -32.39 33.84 -28.10
C SER D 139 -32.39 32.48 -27.42
N ARG D 140 -32.01 31.41 -28.11
CA ARG D 140 -32.00 30.07 -27.54
C ARG D 140 -30.74 29.36 -28.01
N LEU D 141 -30.38 28.30 -27.28
CA LEU D 141 -29.19 27.52 -27.64
C LEU D 141 -29.28 27.02 -29.07
N GLU D 142 -30.47 26.59 -29.49
CA GLU D 142 -30.65 25.99 -30.81
C GLU D 142 -30.37 26.99 -31.93
N ASP D 143 -30.55 28.29 -31.67
CA ASP D 143 -30.30 29.29 -32.71
C ASP D 143 -28.85 29.26 -33.17
N PHE D 144 -27.93 28.89 -32.29
CA PHE D 144 -26.51 28.84 -32.62
C PHE D 144 -26.07 27.48 -33.13
N ASN D 145 -26.95 26.48 -33.04
CA ASN D 145 -26.64 25.12 -33.56
C ASN D 145 -27.04 25.04 -35.03
N LYS D 146 -26.26 25.63 -35.90
CA LYS D 146 -26.58 25.69 -37.35
C LYS D 146 -25.27 25.81 -38.12
N SER D 147 -25.23 25.27 -39.33
CA SER D 147 -23.99 25.21 -40.14
C SER D 147 -23.36 26.57 -40.43
N GLU D 148 -24.17 27.61 -40.57
CA GLU D 148 -23.65 28.95 -40.95
C GLU D 148 -23.09 29.68 -39.73
N VAL D 149 -23.33 29.17 -38.52
CA VAL D 149 -22.91 29.88 -37.28
C VAL D 149 -21.44 29.58 -36.97
N LEU D 150 -20.62 30.61 -36.77
CA LEU D 150 -19.22 30.47 -36.38
C LEU D 150 -19.08 30.78 -34.90
N ILE D 151 -18.56 29.81 -34.14
CA ILE D 151 -18.40 29.93 -32.69
C ILE D 151 -16.93 29.76 -32.31
N ALA D 152 -16.48 30.57 -31.36
CA ALA D 152 -15.11 30.53 -30.85
C ALA D 152 -15.12 30.13 -29.38
N ALA D 153 -14.15 29.29 -29.01
CA ALA D 153 -13.96 28.86 -27.62
C ALA D 153 -12.47 28.67 -27.35
N ARG D 154 -12.08 28.82 -26.09
N ARG D 154 -12.09 28.82 -26.08
CA ARG D 154 -10.67 28.75 -25.74
CA ARG D 154 -10.69 28.74 -25.71
C ARG D 154 -10.18 27.31 -25.77
C ARG D 154 -10.19 27.30 -25.78
N LEU D 155 -9.05 27.11 -26.46
CA LEU D 155 -8.47 25.78 -26.62
C LEU D 155 -8.15 25.16 -25.27
N GLY D 156 -8.48 23.88 -25.12
CA GLY D 156 -8.14 23.13 -23.94
C GLY D 156 -9.03 23.38 -22.74
N THR D 157 -10.12 24.12 -22.91
CA THR D 157 -11.05 24.41 -21.81
C THR D 157 -12.34 23.62 -22.00
N THR D 158 -13.16 23.62 -20.95
CA THR D 158 -14.48 23.02 -21.06
C THR D 158 -15.44 23.84 -21.91
N ALA D 159 -15.08 25.08 -22.25
CA ALA D 159 -15.88 25.83 -23.20
C ALA D 159 -15.81 25.19 -24.59
N ALA D 160 -14.64 24.67 -24.96
CA ALA D 160 -14.53 23.97 -26.24
C ALA D 160 -15.38 22.71 -26.23
N LYS D 161 -15.32 21.93 -25.15
CA LYS D 161 -16.15 20.74 -25.06
C LYS D 161 -17.63 21.09 -25.12
N ALA D 162 -18.04 22.17 -24.44
CA ALA D 162 -19.44 22.56 -24.43
C ALA D 162 -19.92 22.97 -25.82
N ALA D 163 -19.11 23.75 -26.53
CA ALA D 163 -19.48 24.15 -27.89
C ALA D 163 -19.65 22.94 -28.79
N GLU D 164 -18.74 21.96 -28.66
CA GLU D 164 -18.87 20.72 -29.43
C GLU D 164 -20.15 19.98 -29.10
N LYS D 165 -20.52 19.94 -27.82
CA LYS D 165 -21.68 19.16 -27.40
C LYS D 165 -22.99 19.86 -27.73
N TYR D 166 -23.07 21.17 -27.49
CA TYR D 166 -24.34 21.87 -27.61
C TYR D 166 -24.54 22.55 -28.96
N PHE D 167 -23.47 22.75 -29.74
CA PHE D 167 -23.58 23.35 -31.07
C PHE D 167 -22.88 22.49 -32.12
N PRO D 168 -23.19 21.19 -32.20
CA PRO D 168 -22.39 20.32 -33.07
C PRO D 168 -22.45 20.68 -34.54
N ARG D 169 -23.53 21.32 -35.00
CA ARG D 169 -23.67 21.68 -36.40
C ARG D 169 -22.89 22.92 -36.78
N ALA D 170 -22.43 23.71 -35.82
CA ALA D 170 -21.79 24.98 -36.14
C ALA D 170 -20.30 24.80 -36.42
N GLN D 171 -19.72 25.81 -37.08
CA GLN D 171 -18.28 25.81 -37.35
C GLN D 171 -17.54 26.34 -36.13
N LEU D 172 -16.68 25.50 -35.57
CA LEU D 172 -16.01 25.80 -34.31
C LEU D 172 -14.59 26.28 -34.58
N LYS D 173 -14.26 27.45 -34.05
CA LYS D 173 -12.93 28.05 -34.17
C LYS D 173 -12.32 28.09 -32.77
N LEU D 174 -11.40 27.17 -32.50
CA LEU D 174 -10.71 27.15 -31.22
C LEU D 174 -9.54 28.13 -31.26
N PHE D 175 -9.33 28.82 -30.15
CA PHE D 175 -8.28 29.82 -30.05
C PHE D 175 -7.55 29.69 -28.72
N ASP D 176 -6.38 30.31 -28.64
CA ASP D 176 -5.68 30.44 -27.37
C ASP D 176 -5.26 31.87 -27.06
N ASP D 177 -5.62 32.83 -27.93
CA ASP D 177 -5.41 34.26 -27.69
C ASP D 177 -6.79 34.89 -27.50
N GLU D 178 -7.19 35.09 -26.24
CA GLU D 178 -8.55 35.58 -25.96
C GLU D 178 -8.77 36.98 -26.52
N ALA D 179 -7.78 37.86 -26.40
CA ALA D 179 -7.92 39.20 -26.94
C ALA D 179 -8.19 39.16 -28.45
N GLN D 180 -7.50 38.26 -29.16
CA GLN D 180 -7.72 38.16 -30.60
C GLN D 180 -9.08 37.57 -30.93
N ALA D 181 -9.59 36.67 -30.10
CA ALA D 181 -10.93 36.13 -30.32
C ALA D 181 -11.99 37.22 -30.17
N ILE D 182 -11.83 38.09 -29.17
CA ILE D 182 -12.78 39.19 -28.99
C ILE D 182 -12.68 40.17 -30.14
N GLN D 183 -11.46 40.46 -30.60
CA GLN D 183 -11.29 41.33 -31.77
C GLN D 183 -12.06 40.78 -32.96
N GLU D 184 -12.07 39.45 -33.12
CA GLU D 184 -12.80 38.85 -34.24
C GLU D 184 -14.31 38.84 -33.98
N LEU D 185 -14.73 38.71 -32.72
CA LEU D 185 -16.14 38.80 -32.40
C LEU D 185 -16.67 40.22 -32.65
N LEU D 186 -15.85 41.23 -32.37
CA LEU D 186 -16.30 42.61 -32.52
C LEU D 186 -16.41 43.00 -33.99
N ASN D 187 -15.44 42.61 -34.82
CA ASN D 187 -15.50 42.87 -36.25
C ASN D 187 -16.38 41.87 -36.99
N GLY D 188 -17.10 41.02 -36.27
CA GLY D 188 -18.07 40.14 -36.89
C GLY D 188 -17.48 38.98 -37.66
N ARG D 189 -16.27 38.55 -37.32
CA ARG D 189 -15.68 37.38 -37.96
C ARG D 189 -16.09 36.07 -37.29
N VAL D 190 -16.73 36.13 -36.11
CA VAL D 190 -17.38 34.99 -35.50
C VAL D 190 -18.73 35.44 -34.94
N HIS D 191 -19.64 34.48 -34.79
CA HIS D 191 -20.98 34.80 -34.29
C HIS D 191 -20.99 34.97 -32.77
N ALA D 192 -20.27 34.13 -32.05
CA ALA D 192 -20.32 34.14 -30.60
C ALA D 192 -19.03 33.60 -30.01
N VAL D 193 -18.79 33.93 -28.75
CA VAL D 193 -17.73 33.34 -27.95
C VAL D 193 -18.39 32.60 -26.79
N VAL D 194 -18.04 31.33 -26.63
CA VAL D 194 -18.52 30.51 -25.52
C VAL D 194 -17.46 30.49 -24.42
N ALA D 195 -17.87 30.77 -23.18
CA ALA D 195 -16.92 30.86 -22.07
C ALA D 195 -17.66 30.79 -20.73
N SER D 196 -16.91 30.45 -19.68
CA SER D 196 -17.52 30.30 -18.36
C SER D 196 -18.10 31.63 -17.88
N ALA D 197 -19.33 31.58 -17.39
CA ALA D 197 -19.89 32.74 -16.72
C ALA D 197 -18.97 33.12 -15.55
N PRO D 198 -18.85 34.42 -15.25
CA PRO D 198 -19.58 35.56 -15.82
C PRO D 198 -18.86 36.27 -16.96
N LEU D 199 -17.85 35.66 -17.59
CA LEU D 199 -17.05 36.38 -18.58
C LEU D 199 -17.85 36.84 -19.79
N PRO D 200 -18.72 36.01 -20.40
CA PRO D 200 -19.52 36.53 -21.53
C PRO D 200 -20.38 37.72 -21.14
N ALA D 201 -20.99 37.68 -19.95
CA ALA D 201 -21.79 38.81 -19.47
C ALA D 201 -20.94 40.06 -19.31
N PHE D 202 -19.72 39.90 -18.78
CA PHE D 202 -18.83 41.05 -18.62
C PHE D 202 -18.51 41.70 -19.97
N LYS D 203 -18.16 40.87 -20.96
CA LYS D 203 -17.83 41.41 -22.27
C LYS D 203 -19.05 42.09 -22.90
N ALA D 204 -20.25 41.54 -22.68
CA ALA D 204 -21.46 42.17 -23.19
C ALA D 204 -21.74 43.47 -22.46
N LEU D 205 -21.80 43.44 -21.11
CA LEU D 205 -22.00 44.65 -20.32
C LEU D 205 -20.92 45.69 -20.55
N GLU D 206 -19.82 45.33 -21.22
CA GLU D 206 -18.75 46.26 -21.50
C GLU D 206 -18.92 46.98 -22.83
N TYR D 207 -19.37 46.27 -23.87
CA TYR D 207 -19.51 46.83 -25.21
C TYR D 207 -20.96 46.67 -25.66
N PRO D 208 -21.89 47.44 -25.09
CA PRO D 208 -23.31 47.24 -25.41
C PRO D 208 -23.69 47.57 -26.85
N GLU D 209 -22.81 48.24 -27.61
CA GLU D 209 -23.12 48.56 -28.99
C GLU D 209 -22.95 47.37 -29.92
N GLN D 210 -21.92 46.56 -29.71
CA GLN D 210 -21.61 45.48 -30.63
C GLN D 210 -22.05 44.10 -30.14
N LEU D 211 -22.05 43.88 -28.83
CA LEU D 211 -22.27 42.56 -28.24
C LEU D 211 -23.53 42.54 -27.39
N PHE D 212 -24.08 41.34 -27.20
CA PHE D 212 -25.22 41.15 -26.32
C PHE D 212 -25.21 39.74 -25.77
N LEU D 213 -26.11 39.49 -24.81
CA LEU D 213 -26.19 38.23 -24.11
C LEU D 213 -27.52 37.57 -24.46
N PRO D 214 -27.54 36.61 -25.38
CA PRO D 214 -28.82 36.11 -25.89
C PRO D 214 -29.51 35.13 -24.96
N ILE D 215 -28.75 34.44 -24.11
CA ILE D 215 -29.30 33.43 -23.22
C ILE D 215 -28.96 33.82 -21.79
N SER D 216 -29.97 33.82 -20.92
CA SER D 216 -29.75 34.07 -19.51
C SER D 216 -29.32 32.78 -18.80
N GLY D 217 -28.60 32.94 -17.71
CA GLY D 217 -28.16 31.79 -16.93
C GLY D 217 -27.01 31.05 -17.60
N THR D 218 -26.86 29.78 -17.23
CA THR D 218 -25.78 28.93 -17.70
C THR D 218 -26.36 27.62 -18.22
N PHE D 219 -25.62 26.94 -19.10
CA PHE D 219 -26.09 25.69 -19.66
C PHE D 219 -25.14 24.52 -19.41
N THR D 220 -24.18 24.66 -18.49
CA THR D 220 -23.49 23.55 -17.86
C THR D 220 -23.41 23.84 -16.37
N LYS D 221 -23.07 22.81 -15.59
CA LYS D 221 -22.77 22.97 -14.16
C LYS D 221 -21.52 22.16 -13.87
N GLU D 222 -20.42 22.85 -13.58
CA GLU D 222 -19.11 22.22 -13.53
C GLU D 222 -18.48 22.40 -12.16
N PRO D 223 -18.27 21.34 -11.39
CA PRO D 223 -17.48 21.45 -10.16
C PRO D 223 -16.02 21.77 -10.46
N ILE D 224 -15.45 22.66 -9.65
CA ILE D 224 -14.09 23.17 -9.80
C ILE D 224 -13.25 22.61 -8.65
N GLY D 225 -12.10 22.02 -8.96
CA GLY D 225 -11.26 21.46 -7.92
C GLY D 225 -9.79 21.75 -8.15
N PHE D 226 -9.01 21.62 -7.06
CA PHE D 226 -7.56 21.61 -7.14
C PHE D 226 -7.09 20.36 -7.88
N ALA D 227 -6.00 20.48 -8.65
CA ALA D 227 -5.37 19.32 -9.27
C ALA D 227 -3.95 19.14 -8.72
N ILE D 228 -3.60 17.90 -8.39
CA ILE D 228 -2.31 17.56 -7.84
C ILE D 228 -1.84 16.23 -8.45
N ARG D 229 -0.56 15.92 -8.27
CA ARG D 229 -0.02 14.66 -8.77
C ARG D 229 -0.55 13.48 -7.95
N LYS D 230 -0.57 12.30 -8.59
CA LYS D 230 -1.20 11.11 -8.03
C LYS D 230 -0.33 10.46 -6.95
N GLY D 231 -0.91 9.44 -6.30
CA GLY D 231 -0.21 8.71 -5.27
C GLY D 231 -0.02 9.50 -4.00
N ASP D 232 -0.89 10.47 -3.72
CA ASP D 232 -0.71 11.41 -2.61
C ASP D 232 -2.01 11.57 -1.83
N PRO D 233 -2.45 10.52 -1.15
CA PRO D 233 -3.69 10.64 -0.37
C PRO D 233 -3.58 11.59 0.80
N ASP D 234 -2.38 11.84 1.35
CA ASP D 234 -2.25 12.80 2.45
C ASP D 234 -2.50 14.23 1.96
N PHE D 235 -1.94 14.60 0.80
CA PHE D 235 -2.18 15.95 0.30
C PHE D 235 -3.65 16.16 -0.05
N LEU D 236 -4.29 15.13 -0.62
CA LEU D 236 -5.73 15.21 -0.87
C LEU D 236 -6.49 15.44 0.45
N ASN D 237 -6.16 14.67 1.49
CA ASN D 237 -6.86 14.85 2.76
C ASN D 237 -6.75 16.29 3.25
N TYR D 238 -5.54 16.85 3.14
CA TYR D 238 -5.32 18.21 3.62
C TYR D 238 -6.14 19.22 2.84
N LEU D 239 -6.11 19.11 1.51
CA LEU D 239 -6.88 20.03 0.66
C LEU D 239 -8.37 19.91 0.91
N ASN D 240 -8.89 18.68 1.00
CA ASN D 240 -10.32 18.50 1.19
C ASN D 240 -10.76 18.98 2.57
N SER D 241 -9.95 18.71 3.60
CA SER D 241 -10.29 19.21 4.93
C SER D 241 -10.28 20.73 4.96
N TRP D 242 -9.34 21.34 4.25
CA TRP D 242 -9.29 22.80 4.21
C TRP D 242 -10.54 23.36 3.55
N ILE D 243 -10.96 22.75 2.44
CA ILE D 243 -12.16 23.23 1.76
C ILE D 243 -13.37 23.13 2.68
N ARG D 244 -13.49 22.00 3.39
CA ARG D 244 -14.65 21.82 4.26
C ARG D 244 -14.72 22.92 5.32
N VAL D 245 -13.56 23.32 5.84
CA VAL D 245 -13.55 24.31 6.90
C VAL D 245 -13.91 25.69 6.35
N VAL D 246 -13.28 26.11 5.26
CA VAL D 246 -13.57 27.45 4.77
C VAL D 246 -14.96 27.51 4.13
N GLU D 247 -15.47 26.38 3.63
CA GLU D 247 -16.84 26.39 3.12
C GLU D 247 -17.84 26.56 4.28
N ALA D 248 -17.61 25.85 5.39
CA ALA D 248 -18.51 25.99 6.55
C ALA D 248 -18.50 27.40 7.12
N GLU D 249 -17.34 28.06 7.07
CA GLU D 249 -17.17 29.42 7.57
C GLU D 249 -17.91 30.44 6.71
N GLY D 250 -18.35 30.06 5.52
CA GLY D 250 -18.98 30.96 4.57
C GLY D 250 -18.01 31.71 3.67
N TRP D 251 -16.71 31.43 3.79
CA TRP D 251 -15.71 32.30 3.15
C TRP D 251 -15.66 32.09 1.65
N LEU D 252 -15.78 30.84 1.19
CA LEU D 252 -15.75 30.57 -0.25
C LEU D 252 -16.96 31.20 -0.94
N ARG D 253 -18.14 31.09 -0.33
CA ARG D 253 -19.33 31.66 -0.94
C ARG D 253 -19.25 33.18 -0.94
N GLU D 254 -18.69 33.77 0.12
CA GLU D 254 -18.47 35.21 0.13
C GLU D 254 -17.49 35.63 -0.96
N LYS D 255 -16.41 34.87 -1.16
CA LYS D 255 -15.46 35.20 -2.23
C LYS D 255 -16.05 34.94 -3.61
N HIS D 256 -16.86 33.90 -3.77
CA HIS D 256 -17.56 33.70 -5.04
C HIS D 256 -18.44 34.90 -5.36
N HIS D 257 -19.20 35.38 -4.37
CA HIS D 257 -20.09 36.50 -4.61
C HIS D 257 -19.31 37.75 -5.01
N TYR D 258 -18.23 38.05 -4.30
CA TYR D 258 -17.46 39.27 -4.55
C TYR D 258 -16.90 39.29 -5.96
N TRP D 259 -16.22 38.21 -6.36
CA TRP D 259 -15.54 38.22 -7.66
C TRP D 259 -16.50 38.00 -8.83
N PHE D 260 -17.47 37.11 -8.69
CA PHE D 260 -18.25 36.70 -9.84
C PHE D 260 -19.61 37.38 -9.94
N GLU D 261 -20.12 37.98 -8.86
CA GLU D 261 -21.45 38.57 -8.87
C GLU D 261 -21.45 40.07 -8.59
N THR D 262 -20.29 40.67 -8.34
CA THR D 262 -20.16 42.12 -8.27
C THR D 262 -19.03 42.56 -9.18
N LYS D 263 -18.86 43.89 -9.31
CA LYS D 263 -17.71 44.47 -9.96
C LYS D 263 -16.98 45.43 -9.02
N ASN D 264 -17.08 45.17 -7.71
CA ASN D 264 -16.44 46.02 -6.72
C ASN D 264 -14.93 46.11 -6.90
N TRP D 265 -14.32 45.14 -7.59
CA TRP D 265 -12.88 45.09 -7.84
C TRP D 265 -12.48 45.78 -9.14
N GLU D 266 -13.46 46.31 -9.90
CA GLU D 266 -13.23 46.82 -11.25
C GLU D 266 -12.08 47.83 -11.31
N HIS D 267 -12.04 48.76 -10.36
CA HIS D 267 -11.07 49.85 -10.43
C HIS D 267 -9.70 49.48 -9.88
N LEU D 268 -9.53 48.24 -9.38
CA LEU D 268 -8.18 47.73 -9.20
C LEU D 268 -7.50 47.46 -10.55
N LEU D 269 -8.27 47.33 -11.63
CA LEU D 269 -7.73 46.98 -12.95
C LEU D 269 -7.47 48.20 -13.82
N LYS D 270 -8.53 48.80 -14.34
CA LYS D 270 -8.44 49.82 -15.39
C LYS D 270 -7.43 49.42 -16.47
N LYS E 20 33.21 -40.02 -4.29
CA LYS E 20 32.85 -38.73 -3.73
C LYS E 20 33.02 -38.71 -2.21
N GLU E 21 34.24 -39.03 -1.76
CA GLU E 21 34.49 -39.09 -0.33
C GLU E 21 34.45 -37.71 0.31
N VAL E 22 35.13 -36.73 -0.29
CA VAL E 22 35.18 -35.39 0.30
C VAL E 22 33.77 -34.83 0.45
N ARG E 23 32.95 -34.94 -0.59
CA ARG E 23 31.59 -34.43 -0.50
C ARG E 23 30.80 -35.17 0.57
N GLU E 24 30.89 -36.50 0.59
CA GLU E 24 30.13 -37.27 1.57
C GLU E 24 30.60 -37.00 2.99
N LYS E 25 31.91 -36.84 3.20
CA LYS E 25 32.39 -36.54 4.54
C LYS E 25 31.95 -35.15 5.00
N LEU E 26 31.85 -34.20 4.08
CA LEU E 26 31.32 -32.88 4.44
C LEU E 26 29.91 -32.98 4.96
N VAL E 27 29.07 -33.80 4.33
CA VAL E 27 27.70 -34.00 4.79
C VAL E 27 27.69 -34.58 6.21
N GLU E 28 28.49 -35.64 6.42
CA GLU E 28 28.52 -36.31 7.71
C GLU E 28 29.00 -35.38 8.82
N GLU E 29 29.88 -34.45 8.50
CA GLU E 29 30.53 -33.60 9.49
C GLU E 29 29.76 -32.30 9.72
N SER E 30 28.55 -32.18 9.18
CA SER E 30 27.70 -31.04 9.45
C SER E 30 27.24 -31.04 10.91
N THR E 31 27.18 -29.85 11.51
CA THR E 31 26.58 -29.75 12.83
C THR E 31 25.10 -30.11 12.81
N LEU E 32 24.44 -30.03 11.66
CA LEU E 32 23.06 -30.52 11.57
C LEU E 32 23.01 -32.00 11.92
N GLU E 33 23.97 -32.78 11.44
CA GLU E 33 23.99 -34.20 11.77
C GLU E 33 24.36 -34.41 13.23
N THR E 34 25.25 -33.58 13.78
CA THR E 34 25.56 -33.68 15.21
C THR E 34 24.30 -33.55 16.05
N ILE E 35 23.44 -32.57 15.70
CA ILE E 35 22.22 -32.34 16.46
C ILE E 35 21.28 -33.54 16.36
N LEU E 36 21.08 -34.05 15.15
CA LEU E 36 20.08 -35.13 14.97
C LEU E 36 20.50 -36.41 15.72
N LYS E 37 21.80 -36.72 15.73
CA LYS E 37 22.31 -37.91 16.47
C LYS E 37 22.12 -37.70 17.97
N ARG E 38 22.38 -36.49 18.47
CA ARG E 38 22.20 -36.17 19.90
C ARG E 38 20.70 -36.15 20.24
N GLY E 39 19.86 -35.77 19.28
CA GLY E 39 18.45 -35.64 19.61
C GLY E 39 18.08 -34.37 20.35
N VAL E 40 19.04 -33.47 20.56
CA VAL E 40 18.82 -32.21 21.26
C VAL E 40 19.51 -31.11 20.49
N LEU E 41 18.86 -29.95 20.39
CA LEU E 41 19.45 -28.74 19.82
C LEU E 41 19.94 -27.83 20.94
N LYS E 42 21.25 -27.59 21.01
CA LYS E 42 21.84 -26.77 22.06
C LYS E 42 21.96 -25.32 21.58
N VAL E 43 21.25 -24.42 22.25
CA VAL E 43 21.15 -23.00 21.80
C VAL E 43 21.83 -22.05 22.77
N GLY E 44 22.74 -21.22 22.27
CA GLY E 44 23.38 -20.19 23.10
C GLY E 44 22.61 -18.89 23.05
N MET E 45 22.39 -18.28 24.20
CA MET E 45 21.65 -17.01 24.26
C MET E 45 22.03 -16.20 25.52
N SER E 46 21.61 -14.95 25.58
CA SER E 46 21.87 -14.09 26.76
C SER E 46 20.58 -13.32 27.10
N THR E 47 20.55 -12.67 28.27
CA THR E 47 19.36 -11.98 28.76
C THR E 47 19.26 -10.58 28.15
N PHE E 48 18.23 -10.37 27.34
CA PHE E 48 17.74 -9.06 26.90
C PHE E 48 16.22 -9.14 26.89
N VAL E 49 15.55 -8.25 27.62
CA VAL E 49 14.09 -8.24 27.67
C VAL E 49 13.54 -7.42 26.50
N PRO E 50 12.60 -7.93 25.69
CA PRO E 50 11.91 -9.22 25.77
C PRO E 50 12.44 -10.24 24.76
N TRP E 51 13.70 -10.15 24.40
CA TRP E 51 14.29 -11.16 23.47
C TRP E 51 14.40 -12.52 24.17
N ALA E 52 14.94 -12.52 25.39
CA ALA E 52 15.15 -13.76 26.16
C ALA E 52 15.35 -13.37 27.63
N MET E 53 14.54 -13.96 28.51
CA MET E 53 14.59 -13.61 29.96
C MET E 53 13.90 -14.72 30.75
N LYS E 54 14.36 -14.92 31.99
CA LYS E 54 13.68 -15.90 32.86
C LYS E 54 12.46 -15.22 33.46
N ASP E 55 11.34 -15.92 33.51
CA ASP E 55 10.11 -15.40 34.08
C ASP E 55 9.98 -15.87 35.53
N LYS E 56 8.89 -15.50 36.18
CA LYS E 56 8.84 -15.81 37.60
C LYS E 56 8.49 -17.26 37.88
N GLU E 57 8.21 -18.05 36.84
CA GLU E 57 8.27 -19.50 36.97
C GLU E 57 9.69 -20.04 36.94
N GLY E 58 10.68 -19.21 36.63
CA GLY E 58 12.04 -19.68 36.47
C GLY E 58 12.38 -20.25 35.11
N GLN E 59 11.50 -20.12 34.12
CA GLN E 59 11.72 -20.66 32.79
C GLN E 59 12.02 -19.54 31.81
N LEU E 60 12.82 -19.86 30.79
CA LEU E 60 13.12 -18.89 29.75
C LEU E 60 11.91 -18.66 28.84
N ILE E 61 11.65 -17.39 28.52
CA ILE E 61 10.61 -16.98 27.58
C ILE E 61 11.19 -15.85 26.73
N GLY E 62 10.46 -15.47 25.69
CA GLY E 62 10.84 -14.36 24.84
C GLY E 62 10.79 -14.72 23.37
N PHE E 63 10.98 -13.70 22.55
CA PHE E 63 10.95 -13.88 21.09
C PHE E 63 11.99 -14.90 20.64
N GLU E 64 13.23 -14.76 21.12
CA GLU E 64 14.29 -15.68 20.70
C GLU E 64 14.05 -17.09 21.23
N ILE E 65 13.45 -17.21 22.40
CA ILE E 65 13.12 -18.53 22.93
C ILE E 65 12.05 -19.19 22.08
N ASP E 66 11.04 -18.42 21.64
CA ASP E 66 9.99 -18.97 20.79
C ASP E 66 10.57 -19.45 19.45
N VAL E 67 11.42 -18.62 18.84
CA VAL E 67 12.08 -19.02 17.59
C VAL E 67 12.85 -20.32 17.78
N ALA E 68 13.70 -20.39 18.80
CA ALA E 68 14.50 -21.59 19.04
C ALA E 68 13.63 -22.80 19.32
N LYS E 69 12.54 -22.63 20.07
CA LYS E 69 11.71 -23.77 20.42
C LYS E 69 10.99 -24.32 19.19
N ARG E 70 10.51 -23.46 18.32
CA ARG E 70 9.87 -23.97 17.07
C ARG E 70 10.90 -24.64 16.16
N LEU E 71 12.06 -24.01 16.01
CA LEU E 71 13.12 -24.58 15.13
C LEU E 71 13.43 -26.01 15.56
N ALA E 72 13.64 -26.24 16.84
CA ALA E 72 13.92 -27.60 17.36
C ALA E 72 12.74 -28.54 17.07
N ARG E 73 11.53 -28.10 17.37
CA ARG E 73 10.33 -28.96 17.16
C ARG E 73 10.22 -29.34 15.69
N ASP E 74 10.51 -28.39 14.80
CA ASP E 74 10.40 -28.64 13.34
C ASP E 74 11.53 -29.56 12.90
N MET E 75 12.65 -29.54 13.61
CA MET E 75 13.80 -30.43 13.31
C MET E 75 13.53 -31.80 13.93
N GLY E 76 12.53 -31.91 14.81
CA GLY E 76 12.23 -33.16 15.47
C GLY E 76 13.18 -33.52 16.60
N VAL E 77 13.74 -32.53 17.30
CA VAL E 77 14.61 -32.77 18.43
C VAL E 77 14.14 -31.95 19.62
N LYS E 78 14.66 -32.30 20.79
CA LYS E 78 14.46 -31.47 21.97
C LYS E 78 15.33 -30.22 21.87
N VAL E 79 15.14 -29.29 22.81
CA VAL E 79 15.91 -28.05 22.85
C VAL E 79 16.50 -27.87 24.24
N GLN E 80 17.73 -27.38 24.30
CA GLN E 80 18.41 -27.13 25.56
C GLN E 80 19.10 -25.78 25.46
N PHE E 81 18.74 -24.86 26.33
CA PHE E 81 19.31 -23.51 26.30
C PHE E 81 20.56 -23.44 27.16
N VAL E 82 21.57 -22.76 26.64
CA VAL E 82 22.85 -22.60 27.32
C VAL E 82 23.05 -21.11 27.53
N PRO E 83 22.43 -20.52 28.56
CA PRO E 83 22.64 -19.08 28.81
C PRO E 83 24.12 -18.79 29.00
N THR E 84 24.60 -17.78 28.27
CA THR E 84 26.02 -17.50 28.19
C THR E 84 26.22 -16.01 28.31
N LYS E 85 27.35 -15.60 28.93
CA LYS E 85 27.65 -14.16 29.03
C LYS E 85 27.80 -13.62 27.62
N TRP E 86 27.10 -12.55 27.32
CA TRP E 86 27.07 -12.06 25.93
C TRP E 86 28.46 -11.75 25.39
N SER E 87 29.32 -11.14 26.22
CA SER E 87 30.66 -10.78 25.74
C SER E 87 31.47 -11.99 25.31
N GLY E 88 31.07 -13.20 25.72
CA GLY E 88 31.81 -14.39 25.36
C GLY E 88 30.99 -15.41 24.60
N ILE E 89 29.91 -14.96 23.96
CA ILE E 89 28.99 -15.91 23.35
C ILE E 89 29.60 -16.51 22.07
N ILE E 90 30.41 -15.75 21.35
CA ILE E 90 31.03 -16.26 20.13
C ILE E 90 32.17 -17.23 20.48
N PRO E 91 33.06 -16.90 21.43
CA PRO E 91 34.00 -17.96 21.87
C PRO E 91 33.31 -19.21 22.38
N ALA E 92 32.18 -19.06 23.10
CA ALA E 92 31.42 -20.24 23.51
C ALA E 92 30.95 -21.05 22.30
N LEU E 93 30.54 -20.38 21.23
CA LEU E 93 30.15 -21.11 20.03
C LEU E 93 31.35 -21.82 19.42
N LEU E 94 32.49 -21.13 19.34
CA LEU E 94 33.66 -21.68 18.69
C LEU E 94 34.20 -22.90 19.43
N THR E 95 34.14 -22.88 20.76
CA THR E 95 34.62 -23.99 21.56
C THR E 95 33.57 -25.08 21.76
N GLY E 96 32.44 -24.99 21.07
CA GLY E 96 31.47 -26.08 21.09
C GLY E 96 30.59 -26.17 22.31
N LYS E 97 30.42 -25.07 23.05
CA LYS E 97 29.49 -25.09 24.18
C LYS E 97 28.04 -25.33 23.73
N PHE E 98 27.74 -25.05 22.46
CA PHE E 98 26.40 -25.25 21.91
C PHE E 98 26.53 -25.26 20.39
N ASP E 99 25.41 -25.50 19.71
CA ASP E 99 25.40 -25.67 18.24
C ASP E 99 25.14 -24.37 17.48
N ILE E 100 24.48 -23.40 18.10
CA ILE E 100 23.92 -22.26 17.37
C ILE E 100 23.67 -21.14 18.36
N ILE E 101 23.81 -19.90 17.88
CA ILE E 101 23.39 -18.71 18.60
C ILE E 101 22.05 -18.28 18.05
N ILE E 102 21.02 -18.35 18.90
CA ILE E 102 19.72 -17.76 18.65
C ILE E 102 19.49 -16.76 19.79
N GLY E 103 20.04 -15.56 19.63
CA GLY E 103 20.07 -14.63 20.75
C GLY E 103 19.92 -13.18 20.34
N GLY E 104 19.20 -12.94 19.24
CA GLY E 104 19.04 -11.60 18.74
C GLY E 104 20.32 -10.97 18.22
N MET E 105 21.25 -11.78 17.73
CA MET E 105 22.54 -11.26 17.32
C MET E 105 22.43 -10.52 15.98
N SER E 106 22.93 -9.29 15.95
CA SER E 106 23.00 -8.54 14.70
C SER E 106 24.08 -9.12 13.79
N ILE E 107 23.72 -9.30 12.52
CA ILE E 107 24.74 -9.76 11.54
C ILE E 107 25.75 -8.63 11.39
N ARG E 108 27.02 -8.95 11.52
CA ARG E 108 28.08 -7.91 11.42
C ARG E 108 29.35 -8.48 10.79
N PRO E 109 30.06 -7.66 10.01
CA PRO E 109 31.25 -8.14 9.30
C PRO E 109 32.41 -8.59 10.23
N ASP E 110 32.57 -7.94 11.37
CA ASP E 110 33.63 -8.34 12.33
C ASP E 110 33.33 -9.73 12.90
N ARG E 111 32.10 -9.93 13.35
CA ARG E 111 31.68 -11.26 13.86
C ARG E 111 31.79 -12.30 12.75
N ASN E 112 31.50 -11.90 11.52
CA ASN E 112 31.49 -12.85 10.37
C ASN E 112 32.92 -13.34 10.08
N LEU E 113 33.92 -12.69 10.64
CA LEU E 113 35.26 -13.24 10.43
C LEU E 113 35.38 -14.61 11.08
N LYS E 114 34.62 -14.86 12.14
CA LYS E 114 34.80 -16.04 12.97
C LYS E 114 33.62 -17.01 12.91
N VAL E 115 32.40 -16.52 12.64
CA VAL E 115 31.21 -17.35 12.55
C VAL E 115 30.48 -17.02 11.26
N ASN E 116 29.56 -17.91 10.85
CA ASN E 116 28.69 -17.68 9.71
C ASN E 116 27.29 -17.31 10.17
N PHE E 117 26.58 -16.54 9.34
CA PHE E 117 25.25 -16.04 9.66
C PHE E 117 24.21 -16.57 8.68
N SER E 118 23.04 -16.86 9.22
CA SER E 118 21.86 -17.16 8.41
C SER E 118 21.35 -15.89 7.74
N ILE E 119 20.37 -16.06 6.85
CA ILE E 119 19.61 -14.90 6.36
C ILE E 119 18.88 -14.29 7.55
N PRO E 120 18.42 -13.05 7.46
CA PRO E 120 17.73 -12.42 8.59
C PRO E 120 16.40 -13.10 8.92
N TYR E 121 16.18 -13.33 10.22
CA TYR E 121 14.86 -13.72 10.70
C TYR E 121 14.17 -12.60 11.48
N ASP E 122 14.87 -11.49 11.69
CA ASP E 122 14.31 -10.34 12.40
C ASP E 122 15.14 -9.12 12.03
N TYR E 123 14.61 -7.95 12.37
CA TYR E 123 15.33 -6.69 12.22
C TYR E 123 15.10 -5.85 13.46
N SER E 124 16.13 -5.16 13.90
CA SER E 124 16.00 -4.23 15.01
C SER E 124 16.60 -2.90 14.63
N GLY E 125 16.39 -1.91 15.48
CA GLY E 125 16.94 -0.59 15.28
C GLY E 125 17.28 0.00 16.63
N MET E 126 18.25 0.91 16.64
CA MET E 126 18.82 1.42 17.87
C MET E 126 17.96 2.60 18.32
N SER E 127 17.75 2.73 19.64
CA SER E 127 17.01 3.87 20.18
C SER E 127 17.70 4.35 21.45
N LEU E 128 17.14 5.40 22.07
CA LEU E 128 17.76 6.04 23.22
C LEU E 128 16.69 6.50 24.21
N VAL E 129 16.92 6.22 25.49
CA VAL E 129 16.06 6.73 26.56
C VAL E 129 16.93 7.54 27.51
N ALA E 130 16.39 8.68 27.98
CA ALA E 130 17.17 9.67 28.69
C ALA E 130 16.59 9.97 30.07
N ASN E 131 17.43 10.53 30.93
CA ASN E 131 17.04 10.95 32.27
C ASN E 131 16.47 12.36 32.24
N LYS E 132 15.29 12.54 32.83
CA LYS E 132 14.62 13.84 32.76
C LYS E 132 15.46 14.96 33.37
N LYS E 133 16.11 14.70 34.50
CA LYS E 133 16.83 15.77 35.19
C LYS E 133 18.15 16.10 34.49
N LEU E 134 18.91 15.08 34.09
CA LEU E 134 20.25 15.35 33.51
C LEU E 134 20.11 15.80 32.05
N ALA E 135 19.08 15.34 31.35
CA ALA E 135 18.98 15.63 29.90
C ALA E 135 17.82 16.59 29.61
N GLN E 136 17.50 17.45 30.58
CA GLN E 136 16.41 18.45 30.39
C GLN E 136 16.68 19.28 29.14
N GLY E 137 15.72 19.32 28.23
CA GLY E 137 15.87 20.12 27.00
C GLY E 137 16.41 19.31 25.84
N PHE E 138 17.06 18.18 26.12
CA PHE E 138 17.69 17.43 25.02
C PHE E 138 16.57 16.98 24.07
N SER E 139 16.66 17.37 22.81
CA SER E 139 15.57 17.09 21.84
C SER E 139 16.09 16.35 20.63
N ARG E 140 17.36 16.55 20.30
CA ARG E 140 17.91 15.96 19.10
C ARG E 140 18.97 14.91 19.46
N LEU E 141 19.32 14.12 18.43
CA LEU E 141 20.42 13.17 18.58
C LEU E 141 21.71 13.87 18.97
N GLU E 142 22.02 15.00 18.32
CA GLU E 142 23.28 15.69 18.51
C GLU E 142 23.45 16.24 19.93
N ASP E 143 22.35 16.47 20.65
CA ASP E 143 22.44 17.00 22.01
C ASP E 143 23.19 16.07 22.96
N PHE E 144 23.24 14.78 22.66
CA PHE E 144 23.93 13.80 23.51
C PHE E 144 25.37 13.55 23.09
N ASN E 145 25.83 14.14 21.97
CA ASN E 145 27.20 13.97 21.51
C ASN E 145 28.05 15.13 22.04
N LYS E 146 28.25 15.11 23.37
CA LYS E 146 29.00 16.16 24.05
C LYS E 146 29.89 15.53 25.12
N SER E 147 30.99 16.21 25.43
CA SER E 147 31.98 15.64 26.33
C SER E 147 31.44 15.46 27.74
N GLU E 148 30.51 16.30 28.17
CA GLU E 148 29.96 16.21 29.53
C GLU E 148 28.84 15.19 29.66
N VAL E 149 28.38 14.64 28.54
CA VAL E 149 27.28 13.67 28.56
C VAL E 149 27.82 12.28 28.84
N LEU E 150 27.14 11.55 29.72
CA LEU E 150 27.47 10.17 30.06
C LEU E 150 26.40 9.25 29.47
N ILE E 151 26.84 8.26 28.69
CA ILE E 151 25.93 7.32 28.04
C ILE E 151 26.28 5.91 28.49
N ALA E 152 25.27 5.12 28.78
CA ALA E 152 25.42 3.72 29.18
C ALA E 152 24.93 2.81 28.07
N ALA E 153 25.61 1.67 27.91
CA ALA E 153 25.23 0.69 26.90
C ALA E 153 25.67 -0.69 27.35
N ARG E 154 25.02 -1.71 26.77
CA ARG E 154 25.33 -3.10 27.07
C ARG E 154 26.65 -3.52 26.45
N LEU E 155 27.54 -4.08 27.28
CA LEU E 155 28.88 -4.47 26.82
C LEU E 155 28.81 -5.50 25.71
N GLY E 156 29.62 -5.29 24.67
CA GLY E 156 29.77 -6.24 23.59
C GLY E 156 28.69 -6.22 22.54
N THR E 157 27.81 -5.23 22.55
CA THR E 157 26.69 -5.19 21.63
C THR E 157 26.86 -4.10 20.59
N THR E 158 25.98 -4.16 19.57
CA THR E 158 25.89 -3.08 18.59
C THR E 158 25.39 -1.78 19.22
N ALA E 159 24.78 -1.84 20.41
CA ALA E 159 24.42 -0.61 21.09
C ALA E 159 25.67 0.14 21.55
N ALA E 160 26.65 -0.59 22.09
CA ALA E 160 27.94 0.03 22.40
C ALA E 160 28.58 0.62 21.16
N LYS E 161 28.55 -0.12 20.04
CA LYS E 161 29.12 0.40 18.79
C LYS E 161 28.36 1.62 18.30
N ALA E 162 27.03 1.62 18.40
CA ALA E 162 26.26 2.78 17.98
C ALA E 162 26.61 4.02 18.81
N ALA E 163 26.83 3.84 20.11
CA ALA E 163 27.15 4.98 20.96
C ALA E 163 28.51 5.57 20.59
N GLU E 164 29.49 4.71 20.28
CA GLU E 164 30.77 5.19 19.76
C GLU E 164 30.59 5.93 18.45
N LYS E 165 29.73 5.42 17.56
CA LYS E 165 29.64 5.99 16.23
C LYS E 165 28.89 7.32 16.25
N TYR E 166 27.76 7.37 16.94
CA TYR E 166 26.87 8.52 16.87
C TYR E 166 27.11 9.53 18.00
N PHE E 167 27.71 9.12 19.11
CA PHE E 167 28.02 10.03 20.21
C PHE E 167 29.49 9.89 20.60
N PRO E 168 30.41 10.10 19.65
CA PRO E 168 31.83 9.84 19.95
C PRO E 168 32.41 10.71 21.04
N ARG E 169 31.91 11.93 21.23
CA ARG E 169 32.48 12.81 22.24
C ARG E 169 31.99 12.52 23.64
N ALA E 170 30.95 11.69 23.79
CA ALA E 170 30.37 11.41 25.09
C ALA E 170 31.15 10.32 25.83
N GLN E 171 31.07 10.37 27.17
CA GLN E 171 31.69 9.35 28.02
C GLN E 171 30.81 8.11 28.01
N LEU E 172 31.34 7.01 27.48
CA LEU E 172 30.59 5.78 27.33
C LEU E 172 30.93 4.85 28.50
N LYS E 173 29.89 4.39 29.20
CA LYS E 173 30.05 3.46 30.31
C LYS E 173 29.34 2.16 29.96
N LEU E 174 30.09 1.07 29.96
CA LEU E 174 29.56 -0.22 29.51
C LEU E 174 29.21 -1.11 30.69
N PHE E 175 28.12 -1.85 30.54
CA PHE E 175 27.54 -2.69 31.58
C PHE E 175 27.28 -4.08 31.03
N ASP E 176 27.66 -5.10 31.80
CA ASP E 176 27.42 -6.49 31.39
C ASP E 176 26.03 -6.99 31.81
N ASP E 177 25.18 -6.09 32.31
CA ASP E 177 23.87 -6.45 32.83
C ASP E 177 22.89 -5.37 32.42
N GLU E 178 21.81 -5.79 31.76
CA GLU E 178 20.82 -4.85 31.25
C GLU E 178 20.14 -4.07 32.38
N ALA E 179 19.74 -4.77 33.44
CA ALA E 179 19.06 -4.10 34.55
C ALA E 179 19.98 -3.14 35.29
N GLN E 180 21.26 -3.44 35.39
CA GLN E 180 22.21 -2.52 36.07
C GLN E 180 22.31 -1.21 35.29
N ALA E 181 22.35 -1.31 33.96
CA ALA E 181 22.46 -0.11 33.14
C ALA E 181 21.25 0.81 33.34
N ILE E 182 20.04 0.23 33.30
CA ILE E 182 18.85 1.06 33.40
C ILE E 182 18.72 1.64 34.81
N GLN E 183 19.27 0.96 35.82
CA GLN E 183 19.24 1.51 37.18
C GLN E 183 20.13 2.74 37.29
N GLU E 184 21.28 2.75 36.60
CA GLU E 184 22.12 3.95 36.59
C GLU E 184 21.37 5.13 36.01
N LEU E 185 20.59 4.89 34.95
CA LEU E 185 19.77 5.94 34.36
C LEU E 185 18.66 6.37 35.30
N LEU E 186 17.95 5.39 35.88
CA LEU E 186 16.90 5.72 36.87
C LEU E 186 17.46 6.53 38.03
N ASN E 187 18.67 6.22 38.47
CA ASN E 187 19.28 6.92 39.61
C ASN E 187 19.91 8.25 39.23
N GLY E 188 19.83 8.66 37.96
CA GLY E 188 20.39 9.93 37.56
C GLY E 188 21.90 9.95 37.50
N ARG E 189 22.53 8.81 37.26
CA ARG E 189 23.99 8.73 37.18
C ARG E 189 24.51 8.82 35.75
N VAL E 190 23.64 8.63 34.75
CA VAL E 190 24.02 8.80 33.35
C VAL E 190 22.91 9.59 32.66
N HIS E 191 23.25 10.18 31.52
CA HIS E 191 22.27 10.98 30.77
C HIS E 191 21.31 10.11 29.98
N ALA E 192 21.80 9.00 29.45
CA ALA E 192 21.00 8.23 28.51
C ALA E 192 21.47 6.79 28.51
N VAL E 193 20.59 5.91 28.07
CA VAL E 193 20.92 4.53 27.71
C VAL E 193 20.64 4.36 26.23
N VAL E 194 21.59 3.79 25.51
CA VAL E 194 21.43 3.46 24.10
C VAL E 194 21.19 1.95 24.00
N ALA E 195 20.10 1.57 23.31
CA ALA E 195 19.64 0.19 23.33
C ALA E 195 18.70 -0.04 22.15
N SER E 196 18.58 -1.29 21.76
CA SER E 196 17.69 -1.63 20.65
C SER E 196 16.25 -1.37 21.03
N ALA E 197 15.51 -0.74 20.12
CA ALA E 197 14.07 -0.67 20.30
C ALA E 197 13.53 -2.10 20.43
N PRO E 198 12.49 -2.32 21.25
CA PRO E 198 11.66 -1.33 21.97
C PRO E 198 12.10 -1.01 23.39
N LEU E 199 13.28 -1.44 23.83
CA LEU E 199 13.66 -1.24 25.23
C LEU E 199 13.59 0.22 25.68
N PRO E 200 14.17 1.20 24.95
CA PRO E 200 14.08 2.59 25.44
C PRO E 200 12.65 3.10 25.57
N ALA E 201 11.82 2.87 24.55
CA ALA E 201 10.43 3.31 24.63
C ALA E 201 9.68 2.60 25.75
N PHE E 202 9.93 1.30 25.91
CA PHE E 202 9.27 0.54 26.97
C PHE E 202 9.61 1.09 28.34
N LYS E 203 10.90 1.37 28.57
CA LYS E 203 11.32 1.86 29.88
C LYS E 203 10.84 3.29 30.12
N ALA E 204 10.78 4.10 29.07
CA ALA E 204 10.30 5.48 29.23
C ALA E 204 8.84 5.50 29.67
N LEU E 205 8.02 4.59 29.14
CA LEU E 205 6.63 4.49 29.56
C LEU E 205 6.49 3.83 30.93
N GLU E 206 7.41 2.91 31.28
CA GLU E 206 7.33 2.26 32.58
C GLU E 206 7.69 3.21 33.72
N TYR E 207 8.62 4.15 33.45
CA TYR E 207 9.16 5.03 34.51
C TYR E 207 9.13 6.52 34.10
N PRO E 208 7.93 7.09 33.84
CA PRO E 208 7.85 8.47 33.40
C PRO E 208 8.40 9.51 34.38
N GLU E 209 8.37 9.19 35.68
N GLU E 209 8.38 9.19 35.67
CA GLU E 209 8.85 10.14 36.71
CA GLU E 209 8.85 10.14 36.71
C GLU E 209 10.32 10.49 36.52
C GLU E 209 10.33 10.48 36.53
N GLN E 210 11.10 9.53 36.00
CA GLN E 210 12.55 9.75 35.83
C GLN E 210 13.01 9.77 34.37
N LEU E 211 12.26 9.14 33.47
CA LEU E 211 12.77 8.89 32.13
C LEU E 211 11.87 9.54 31.07
N PHE E 212 12.45 9.75 29.89
CA PHE E 212 11.68 10.19 28.73
C PHE E 212 12.37 9.76 27.44
N LEU E 213 11.60 9.77 26.35
CA LEU E 213 12.06 9.36 25.04
C LEU E 213 12.30 10.60 24.19
N PRO E 214 13.54 11.01 23.94
CA PRO E 214 13.75 12.32 23.29
C PRO E 214 13.42 12.34 21.81
N ILE E 215 13.63 11.24 21.09
CA ILE E 215 13.27 11.14 19.67
C ILE E 215 12.57 9.81 19.44
N SER E 216 11.59 9.82 18.54
CA SER E 216 10.90 8.60 18.17
C SER E 216 11.65 7.89 17.04
N GLY E 217 11.31 6.63 16.83
CA GLY E 217 11.93 5.86 15.78
C GLY E 217 13.33 5.40 16.15
N THR E 218 14.01 4.86 15.15
CA THR E 218 15.32 4.25 15.32
C THR E 218 16.34 4.93 14.42
N PHE E 219 17.62 4.86 14.81
CA PHE E 219 18.68 5.43 13.99
C PHE E 219 19.68 4.40 13.47
N THR E 220 19.38 3.10 13.60
CA THR E 220 20.06 2.05 12.85
C THR E 220 19.00 1.08 12.34
N LYS E 221 19.39 0.23 11.39
CA LYS E 221 18.58 -0.89 10.94
C LYS E 221 19.49 -2.10 10.80
N GLU E 222 19.26 -3.12 11.62
CA GLU E 222 20.20 -4.22 11.80
C GLU E 222 19.53 -5.56 11.53
N PRO E 223 19.90 -6.26 10.46
CA PRO E 223 19.38 -7.62 10.25
C PRO E 223 19.89 -8.58 11.32
N ILE E 224 18.99 -9.43 11.79
CA ILE E 224 19.25 -10.36 12.89
C ILE E 224 19.31 -11.77 12.32
N GLY E 225 20.36 -12.53 12.67
CA GLY E 225 20.51 -13.87 12.14
C GLY E 225 21.06 -14.85 13.16
N PHE E 226 20.84 -16.13 12.88
CA PHE E 226 21.52 -17.19 13.63
C PHE E 226 23.02 -17.14 13.33
N ALA E 227 23.82 -17.54 14.31
CA ALA E 227 25.26 -17.73 14.08
C ALA E 227 25.63 -19.20 14.30
N ILE E 228 26.43 -19.75 13.39
CA ILE E 228 26.91 -21.13 13.50
C ILE E 228 28.37 -21.20 13.07
N ARG E 229 29.00 -22.33 13.37
CA ARG E 229 30.39 -22.55 12.99
C ARG E 229 30.52 -22.76 11.48
N LYS E 230 31.67 -22.36 10.94
CA LYS E 230 31.89 -22.29 9.50
C LYS E 230 32.11 -23.67 8.89
N GLY E 231 32.19 -23.68 7.55
CA GLY E 231 32.38 -24.90 6.82
C GLY E 231 31.20 -25.83 6.83
N ASP E 232 30.00 -25.29 7.05
CA ASP E 232 28.78 -26.07 7.21
C ASP E 232 27.69 -25.53 6.29
N PRO E 233 27.84 -25.70 4.98
CA PRO E 233 26.77 -25.24 4.06
C PRO E 233 25.45 -25.95 4.26
N ASP E 234 25.44 -27.22 4.70
CA ASP E 234 24.16 -27.92 4.86
C ASP E 234 23.37 -27.37 6.03
N PHE E 235 24.03 -27.02 7.13
CA PHE E 235 23.30 -26.43 8.25
C PHE E 235 22.75 -25.05 7.87
N LEU E 236 23.54 -24.23 7.17
CA LEU E 236 23.02 -22.96 6.67
C LEU E 236 21.79 -23.15 5.77
N ASN E 237 21.83 -24.13 4.87
CA ASN E 237 20.67 -24.35 4.01
C ASN E 237 19.43 -24.71 4.82
N TYR E 238 19.59 -25.57 5.83
CA TYR E 238 18.44 -25.92 6.66
C TYR E 238 17.87 -24.70 7.38
N LEU E 239 18.75 -23.86 7.93
CA LEU E 239 18.27 -22.71 8.69
C LEU E 239 17.61 -21.67 7.80
N ASN E 240 18.21 -21.38 6.65
CA ASN E 240 17.62 -20.40 5.75
C ASN E 240 16.29 -20.89 5.20
N SER E 241 16.20 -22.19 4.88
CA SER E 241 14.93 -22.73 4.39
C SER E 241 13.84 -22.67 5.45
N TRP E 242 14.21 -22.94 6.72
CA TRP E 242 13.24 -22.85 7.81
C TRP E 242 12.71 -21.44 7.97
N ILE E 243 13.61 -20.46 7.98
CA ILE E 243 13.22 -19.05 8.05
C ILE E 243 12.24 -18.68 6.95
N ARG E 244 12.55 -19.10 5.71
CA ARG E 244 11.68 -18.75 4.58
C ARG E 244 10.27 -19.29 4.79
N VAL E 245 10.16 -20.50 5.33
CA VAL E 245 8.84 -21.10 5.53
C VAL E 245 8.06 -20.39 6.63
N VAL E 246 8.70 -20.15 7.79
CA VAL E 246 7.94 -19.54 8.88
C VAL E 246 7.68 -18.06 8.62
N GLU E 247 8.50 -17.41 7.79
CA GLU E 247 8.19 -16.05 7.38
C GLU E 247 6.94 -16.01 6.50
N ALA E 248 6.90 -16.87 5.48
CA ALA E 248 5.76 -16.90 4.58
C ALA E 248 4.48 -17.26 5.30
N GLU E 249 4.56 -18.10 6.32
CA GLU E 249 3.41 -18.45 7.14
C GLU E 249 2.87 -17.25 7.92
N GLY E 250 3.67 -16.20 8.09
CA GLY E 250 3.31 -15.07 8.92
C GLY E 250 3.69 -15.21 10.38
N TRP E 251 4.37 -16.31 10.73
CA TRP E 251 4.60 -16.63 12.14
C TRP E 251 5.63 -15.69 12.75
N LEU E 252 6.71 -15.39 12.02
CA LEU E 252 7.71 -14.45 12.54
C LEU E 252 7.12 -13.06 12.73
N ARG E 253 6.23 -12.64 11.82
CA ARG E 253 5.58 -11.34 11.98
C ARG E 253 4.72 -11.31 13.24
N GLU E 254 3.97 -12.38 13.48
CA GLU E 254 3.12 -12.43 14.66
C GLU E 254 3.95 -12.43 15.94
N LYS E 255 5.02 -13.22 15.97
CA LYS E 255 5.89 -13.25 17.16
C LYS E 255 6.58 -11.92 17.39
N HIS E 256 7.07 -11.29 16.32
CA HIS E 256 7.67 -9.97 16.47
C HIS E 256 6.66 -8.97 17.02
N HIS E 257 5.41 -9.03 16.55
CA HIS E 257 4.39 -8.13 17.08
C HIS E 257 4.11 -8.41 18.55
N TYR E 258 3.95 -9.69 18.90
CA TYR E 258 3.60 -10.04 20.28
C TYR E 258 4.67 -9.55 21.26
N TRP E 259 5.94 -9.87 21.00
CA TRP E 259 6.97 -9.57 21.99
C TRP E 259 7.40 -8.11 21.95
N PHE E 260 7.51 -7.52 20.76
CA PHE E 260 8.12 -6.20 20.62
C PHE E 260 7.13 -5.06 20.46
N GLU E 261 5.86 -5.34 20.17
CA GLU E 261 4.86 -4.30 19.93
C GLU E 261 3.68 -4.38 20.89
N THR E 262 3.66 -5.33 21.81
CA THR E 262 2.71 -5.34 22.92
C THR E 262 3.49 -5.55 24.22
N LYS E 263 2.76 -5.45 25.34
CA LYS E 263 3.35 -5.78 26.66
C LYS E 263 2.47 -6.89 27.25
N ASN E 264 1.82 -7.68 26.39
CA ASN E 264 0.91 -8.73 26.85
C ASN E 264 1.63 -9.75 27.73
N TRP E 265 2.93 -9.91 27.56
CA TRP E 265 3.74 -10.85 28.32
C TRP E 265 4.21 -10.27 29.65
N GLU E 266 3.92 -8.99 29.92
CA GLU E 266 4.54 -8.28 31.05
C GLU E 266 4.38 -9.00 32.38
N HIS E 267 3.24 -9.63 32.62
CA HIS E 267 2.97 -10.15 33.94
C HIS E 267 3.41 -11.60 34.10
N LEU E 268 4.01 -12.20 33.07
CA LEU E 268 4.78 -13.42 33.26
C LEU E 268 6.07 -13.16 34.05
N LEU E 269 6.49 -11.89 34.16
CA LEU E 269 7.80 -11.55 34.71
C LEU E 269 7.75 -11.17 36.19
N LYS E 270 7.35 -9.93 36.47
CA LYS E 270 7.49 -9.33 37.80
C LYS E 270 8.91 -9.49 38.32
N GLY F 19 37.04 -36.40 14.08
CA GLY F 19 36.16 -36.73 12.97
C GLY F 19 35.63 -35.49 12.26
N LYS F 20 36.53 -34.54 11.96
CA LYS F 20 36.13 -33.30 11.33
C LYS F 20 37.11 -32.83 10.27
N GLU F 21 38.04 -33.69 9.81
CA GLU F 21 39.20 -33.22 9.07
C GLU F 21 38.79 -32.58 7.75
N VAL F 22 37.82 -33.16 7.05
CA VAL F 22 37.41 -32.60 5.75
C VAL F 22 36.80 -31.22 5.94
N ARG F 23 35.95 -31.05 6.96
CA ARG F 23 35.35 -29.75 7.21
C ARG F 23 36.40 -28.71 7.56
N GLU F 24 37.34 -29.05 8.44
CA GLU F 24 38.39 -28.12 8.84
C GLU F 24 39.23 -27.67 7.66
N LYS F 25 39.49 -28.56 6.69
CA LYS F 25 40.34 -28.16 5.56
C LYS F 25 39.60 -27.23 4.61
N LEU F 26 38.30 -27.47 4.37
CA LEU F 26 37.51 -26.53 3.58
C LEU F 26 37.54 -25.13 4.20
N VAL F 27 37.44 -25.06 5.54
CA VAL F 27 37.48 -23.77 6.23
C VAL F 27 38.82 -23.07 5.99
N GLU F 28 39.93 -23.79 6.20
CA GLU F 28 41.25 -23.17 6.01
C GLU F 28 41.50 -22.80 4.55
N GLU F 29 40.87 -23.51 3.62
CA GLU F 29 41.14 -23.26 2.20
C GLU F 29 40.23 -22.21 1.59
N SER F 30 39.34 -21.61 2.38
CA SER F 30 38.54 -20.49 1.89
C SER F 30 39.45 -19.37 1.44
N THR F 31 39.07 -18.71 0.34
CA THR F 31 39.79 -17.51 -0.07
C THR F 31 39.62 -16.37 0.92
N LEU F 32 38.56 -16.39 1.74
CA LEU F 32 38.45 -15.46 2.87
C LEU F 32 39.67 -15.54 3.77
N GLU F 33 40.09 -16.76 4.13
CA GLU F 33 41.27 -16.93 4.97
C GLU F 33 42.53 -16.50 4.23
N THR F 34 42.60 -16.72 2.91
CA THR F 34 43.75 -16.23 2.16
C THR F 34 43.87 -14.72 2.27
N ILE F 35 42.76 -14.01 2.12
CA ILE F 35 42.75 -12.56 2.20
C ILE F 35 43.18 -12.10 3.59
N LEU F 36 42.62 -12.73 4.63
CA LEU F 36 42.92 -12.30 5.99
C LEU F 36 44.40 -12.53 6.33
N LYS F 37 44.96 -13.67 5.93
CA LYS F 37 46.38 -13.89 6.18
C LYS F 37 47.24 -12.89 5.43
N ARG F 38 46.90 -12.62 4.16
CA ARG F 38 47.68 -11.67 3.38
C ARG F 38 47.56 -10.26 3.92
N GLY F 39 46.43 -9.92 4.54
CA GLY F 39 46.19 -8.56 5.00
C GLY F 39 45.75 -7.60 3.91
N VAL F 40 45.45 -8.09 2.71
CA VAL F 40 45.07 -7.25 1.57
C VAL F 40 43.99 -7.98 0.77
N LEU F 41 42.97 -7.24 0.35
CA LEU F 41 41.95 -7.74 -0.56
C LEU F 41 42.32 -7.34 -1.99
N LYS F 42 42.48 -8.31 -2.88
CA LYS F 42 42.81 -8.06 -4.28
C LYS F 42 41.55 -8.08 -5.14
N VAL F 43 41.26 -6.96 -5.80
CA VAL F 43 39.97 -6.73 -6.46
C VAL F 43 40.20 -6.58 -7.96
N GLY F 44 39.59 -7.45 -8.74
CA GLY F 44 39.59 -7.30 -10.19
C GLY F 44 38.41 -6.44 -10.63
N MET F 45 38.69 -5.52 -11.57
CA MET F 45 37.67 -4.65 -12.15
C MET F 45 38.16 -4.16 -13.51
N SER F 46 37.29 -3.40 -14.19
CA SER F 46 37.54 -2.83 -15.50
C SER F 46 36.93 -1.44 -15.56
N THR F 47 37.28 -0.67 -16.59
CA THR F 47 36.82 0.72 -16.73
C THR F 47 35.41 0.78 -17.31
N PHE F 48 34.46 1.24 -16.49
CA PHE F 48 33.11 1.61 -16.93
C PHE F 48 32.74 2.89 -16.18
N VAL F 49 32.40 3.95 -16.89
CA VAL F 49 32.04 5.21 -16.23
C VAL F 49 30.54 5.22 -15.93
N PRO F 50 30.11 5.46 -14.70
CA PRO F 50 30.89 5.80 -13.50
C PRO F 50 31.03 4.66 -12.49
N TRP F 51 31.09 3.42 -12.99
CA TRP F 51 31.33 2.26 -12.13
C TRP F 51 32.75 2.28 -11.56
N ALA F 52 33.74 2.53 -12.42
CA ALA F 52 35.14 2.55 -12.02
C ALA F 52 35.94 3.24 -13.10
N MET F 53 36.74 4.23 -12.72
CA MET F 53 37.53 5.01 -13.66
C MET F 53 38.63 5.73 -12.88
N LYS F 54 39.55 6.33 -13.62
CA LYS F 54 40.63 7.11 -13.04
C LYS F 54 40.20 8.55 -12.86
N ASP F 55 40.58 9.15 -11.72
CA ASP F 55 40.35 10.57 -11.51
C ASP F 55 41.48 11.36 -12.16
N LYS F 56 41.50 12.69 -11.98
CA LYS F 56 42.54 13.48 -12.60
C LYS F 56 43.91 13.26 -11.98
N GLU F 57 43.97 12.68 -10.78
CA GLU F 57 45.24 12.28 -10.18
C GLU F 57 45.69 10.89 -10.60
N GLY F 58 44.95 10.22 -11.49
CA GLY F 58 45.28 8.87 -11.90
C GLY F 58 44.79 7.78 -10.97
N GLN F 59 44.10 8.12 -9.89
CA GLN F 59 43.61 7.15 -8.92
C GLN F 59 42.17 6.74 -9.25
N LEU F 60 41.83 5.51 -8.88
CA LEU F 60 40.53 4.94 -9.23
C LEU F 60 39.43 5.47 -8.33
N ILE F 61 38.30 5.82 -8.94
CA ILE F 61 37.09 6.23 -8.23
C ILE F 61 35.91 5.55 -8.91
N GLY F 62 34.74 5.64 -8.27
CA GLY F 62 33.54 5.06 -8.86
C GLY F 62 32.66 4.30 -7.89
N PHE F 63 31.46 3.90 -8.34
CA PHE F 63 30.58 3.13 -7.49
C PHE F 63 31.23 1.83 -7.04
N GLU F 64 31.83 1.09 -7.98
CA GLU F 64 32.44 -0.18 -7.63
C GLU F 64 33.68 0.02 -6.77
N ILE F 65 34.38 1.14 -6.92
CA ILE F 65 35.54 1.42 -6.09
C ILE F 65 35.10 1.66 -4.64
N ASP F 66 34.07 2.48 -4.43
CA ASP F 66 33.53 2.70 -3.07
C ASP F 66 33.10 1.37 -2.44
N VAL F 67 32.37 0.55 -3.18
CA VAL F 67 31.93 -0.75 -2.67
C VAL F 67 33.12 -1.56 -2.19
N ALA F 68 34.15 -1.70 -3.04
CA ALA F 68 35.32 -2.49 -2.69
C ALA F 68 36.08 -1.88 -1.52
N LYS F 69 36.21 -0.56 -1.51
CA LYS F 69 36.97 0.11 -0.43
C LYS F 69 36.31 -0.12 0.92
N ARG F 70 34.98 -0.10 0.97
CA ARG F 70 34.31 -0.34 2.24
C ARG F 70 34.33 -1.82 2.62
N LEU F 71 34.18 -2.72 1.66
CA LEU F 71 34.29 -4.15 1.97
C LEU F 71 35.64 -4.44 2.63
N ALA F 72 36.73 -3.97 2.02
CA ALA F 72 38.05 -4.19 2.60
C ALA F 72 38.15 -3.58 4.00
N ARG F 73 37.66 -2.35 4.18
CA ARG F 73 37.71 -1.72 5.50
C ARG F 73 36.97 -2.56 6.54
N ASP F 74 35.73 -2.97 6.23
CA ASP F 74 34.94 -3.76 7.16
C ASP F 74 35.53 -5.15 7.39
N MET F 75 36.31 -5.63 6.44
CA MET F 75 37.09 -6.86 6.60
C MET F 75 38.32 -6.68 7.47
N GLY F 76 38.78 -5.44 7.65
CA GLY F 76 40.00 -5.19 8.38
C GLY F 76 41.27 -5.37 7.56
N VAL F 77 41.19 -5.23 6.23
CA VAL F 77 42.34 -5.40 5.36
C VAL F 77 42.47 -4.18 4.45
N LYS F 78 43.66 -4.03 3.88
CA LYS F 78 43.88 -3.08 2.80
C LYS F 78 43.20 -3.58 1.53
N VAL F 79 43.08 -2.69 0.53
CA VAL F 79 42.55 -3.07 -0.77
C VAL F 79 43.60 -2.81 -1.83
N GLN F 80 43.68 -3.71 -2.81
CA GLN F 80 44.57 -3.58 -3.95
C GLN F 80 43.77 -3.88 -5.20
N PHE F 81 43.64 -2.88 -6.08
CA PHE F 81 42.88 -3.07 -7.32
C PHE F 81 43.76 -3.64 -8.41
N VAL F 82 43.20 -4.55 -9.20
CA VAL F 82 43.91 -5.16 -10.32
C VAL F 82 43.09 -4.88 -11.57
N PRO F 83 43.29 -3.73 -12.22
CA PRO F 83 42.56 -3.45 -13.46
C PRO F 83 42.87 -4.50 -14.51
N THR F 84 41.81 -5.03 -15.13
CA THR F 84 41.93 -6.15 -16.05
C THR F 84 41.02 -5.91 -17.25
N LYS F 85 41.47 -6.33 -18.43
CA LYS F 85 40.61 -6.30 -19.60
C LYS F 85 39.36 -7.13 -19.34
N TRP F 86 38.19 -6.53 -19.60
CA TRP F 86 36.93 -7.15 -19.22
C TRP F 86 36.74 -8.51 -19.89
N SER F 87 37.12 -8.64 -21.15
CA SER F 87 36.98 -9.94 -21.81
C SER F 87 37.77 -11.03 -21.08
N GLY F 88 38.86 -10.66 -20.42
CA GLY F 88 39.65 -11.62 -19.68
C GLY F 88 39.48 -11.65 -18.18
N ILE F 89 38.45 -10.98 -17.61
CA ILE F 89 38.41 -10.85 -16.16
C ILE F 89 38.09 -12.17 -15.47
N ILE F 90 37.30 -13.04 -16.10
CA ILE F 90 36.97 -14.31 -15.45
C ILE F 90 38.16 -15.27 -15.54
N PRO F 91 38.84 -15.40 -16.70
CA PRO F 91 40.10 -16.18 -16.69
C PRO F 91 41.11 -15.69 -15.66
N ALA F 92 41.20 -14.37 -15.47
CA ALA F 92 42.14 -13.84 -14.49
C ALA F 92 41.77 -14.25 -13.07
N LEU F 93 40.46 -14.24 -12.75
CA LEU F 93 40.02 -14.71 -11.45
C LEU F 93 40.37 -16.17 -11.25
N LEU F 94 40.07 -17.01 -12.26
CA LEU F 94 40.32 -18.44 -12.16
C LEU F 94 41.80 -18.75 -11.96
N THR F 95 42.70 -17.96 -12.53
CA THR F 95 44.13 -18.19 -12.38
C THR F 95 44.71 -17.49 -11.14
N GLY F 96 43.87 -16.91 -10.29
CA GLY F 96 44.32 -16.37 -9.03
C GLY F 96 44.98 -15.01 -9.10
N LYS F 97 44.69 -14.23 -10.14
CA LYS F 97 45.28 -12.89 -10.24
C LYS F 97 44.68 -11.95 -9.21
N PHE F 98 43.51 -12.27 -8.66
CA PHE F 98 42.89 -11.52 -7.58
C PHE F 98 41.88 -12.41 -6.88
N ASP F 99 41.35 -11.92 -5.76
CA ASP F 99 40.44 -12.69 -4.92
C ASP F 99 38.99 -12.61 -5.34
N ILE F 100 38.58 -11.52 -5.97
CA ILE F 100 37.17 -11.23 -6.16
C ILE F 100 37.03 -10.26 -7.32
N ILE F 101 35.92 -10.40 -8.06
CA ILE F 101 35.53 -9.43 -9.07
C ILE F 101 34.49 -8.52 -8.45
N ILE F 102 34.82 -7.23 -8.34
CA ILE F 102 33.86 -6.20 -7.96
C ILE F 102 33.87 -5.18 -9.09
N GLY F 103 33.11 -5.46 -10.15
CA GLY F 103 33.23 -4.66 -11.35
C GLY F 103 31.94 -4.43 -12.13
N GLY F 104 30.82 -4.38 -11.41
CA GLY F 104 29.53 -4.24 -12.04
C GLY F 104 29.11 -5.45 -12.85
N MET F 105 29.58 -6.64 -12.48
CA MET F 105 29.28 -7.86 -13.23
C MET F 105 27.81 -8.27 -13.07
N SER F 106 27.10 -8.35 -14.19
CA SER F 106 25.78 -8.96 -14.15
C SER F 106 25.89 -10.44 -13.82
N ILE F 107 25.08 -10.90 -12.85
CA ILE F 107 24.95 -12.33 -12.59
C ILE F 107 24.32 -13.00 -13.82
N ARG F 108 24.98 -14.05 -14.34
CA ARG F 108 24.54 -14.72 -15.58
C ARG F 108 24.79 -16.23 -15.50
N PRO F 109 23.89 -17.05 -16.07
CA PRO F 109 24.07 -18.50 -15.95
C PRO F 109 25.24 -19.06 -16.73
N ASP F 110 25.68 -18.43 -17.81
CA ASP F 110 26.87 -18.94 -18.49
C ASP F 110 28.15 -18.63 -17.70
N ARG F 111 28.27 -17.42 -17.16
CA ARG F 111 29.40 -17.10 -16.29
C ARG F 111 29.41 -18.00 -15.06
N ASN F 112 28.23 -18.30 -14.53
CA ASN F 112 28.07 -19.12 -13.32
C ASN F 112 28.54 -20.56 -13.52
N LEU F 113 28.74 -21.01 -14.77
CA LEU F 113 29.37 -22.30 -14.96
C LEU F 113 30.81 -22.31 -14.45
N LYS F 114 31.48 -21.15 -14.45
CA LYS F 114 32.89 -21.09 -14.05
C LYS F 114 33.13 -20.45 -12.68
N VAL F 115 32.32 -19.47 -12.27
CA VAL F 115 32.51 -18.77 -11.01
C VAL F 115 31.19 -18.81 -10.24
N ASN F 116 31.25 -18.45 -8.96
CA ASN F 116 30.07 -18.31 -8.12
C ASN F 116 29.75 -16.84 -7.88
N PHE F 117 28.48 -16.53 -7.67
CA PHE F 117 28.00 -15.17 -7.54
C PHE F 117 27.42 -14.92 -6.15
N SER F 118 27.71 -13.74 -5.60
CA SER F 118 27.03 -13.31 -4.39
C SER F 118 25.57 -12.98 -4.70
N ILE F 119 24.80 -12.68 -3.65
CA ILE F 119 23.49 -12.06 -3.82
C ILE F 119 23.70 -10.70 -4.45
N PRO F 120 22.67 -10.07 -5.01
CA PRO F 120 22.90 -8.78 -5.69
C PRO F 120 23.18 -7.65 -4.72
N TYR F 121 24.15 -6.81 -5.08
CA TYR F 121 24.42 -5.56 -4.38
C TYR F 121 24.04 -4.32 -5.21
N ASP F 122 23.50 -4.53 -6.41
CA ASP F 122 23.09 -3.45 -7.30
C ASP F 122 22.21 -4.08 -8.38
N TYR F 123 21.53 -3.22 -9.13
CA TYR F 123 20.74 -3.63 -10.27
C TYR F 123 20.97 -2.63 -11.38
N SER F 124 21.08 -3.09 -12.61
CA SER F 124 21.19 -2.20 -13.76
C SER F 124 20.11 -2.59 -14.77
N GLY F 125 20.02 -1.78 -15.83
CA GLY F 125 19.05 -2.01 -16.88
C GLY F 125 19.57 -1.45 -18.19
N MET F 126 19.39 -2.23 -19.26
CA MET F 126 19.90 -1.86 -20.58
C MET F 126 19.11 -0.70 -21.18
N SER F 127 19.82 0.32 -21.66
CA SER F 127 19.25 1.47 -22.35
C SER F 127 19.95 1.65 -23.70
N LEU F 128 19.54 2.66 -24.47
CA LEU F 128 20.05 2.84 -25.82
C LEU F 128 20.17 4.33 -26.13
N VAL F 129 21.35 4.74 -26.60
CA VAL F 129 21.57 6.10 -27.07
C VAL F 129 21.83 6.06 -28.57
N ALA F 130 21.29 7.03 -29.30
CA ALA F 130 21.23 6.97 -30.75
C ALA F 130 21.77 8.24 -31.38
N ASN F 131 22.25 8.10 -32.61
CA ASN F 131 22.73 9.22 -33.41
C ASN F 131 21.54 9.90 -34.08
N LYS F 132 21.49 11.23 -34.01
CA LYS F 132 20.31 11.94 -34.51
C LYS F 132 20.25 11.92 -36.03
N LYS F 133 21.40 11.97 -36.71
CA LYS F 133 21.38 11.99 -38.18
C LYS F 133 21.04 10.62 -38.74
N LEU F 134 21.70 9.57 -38.26
CA LEU F 134 21.48 8.23 -38.81
C LEU F 134 20.12 7.68 -38.38
N ALA F 135 19.73 7.91 -37.12
CA ALA F 135 18.50 7.35 -36.57
C ALA F 135 17.40 8.40 -36.42
N GLN F 136 17.35 9.38 -37.32
CA GLN F 136 16.23 10.32 -37.32
C GLN F 136 14.92 9.60 -37.59
N GLY F 137 13.94 9.83 -36.73
CA GLY F 137 12.66 9.15 -36.84
C GLY F 137 12.60 7.81 -36.17
N PHE F 138 13.47 7.55 -35.20
CA PHE F 138 13.51 6.27 -34.49
C PHE F 138 13.02 6.48 -33.05
N SER F 139 11.71 6.70 -32.91
CA SER F 139 11.10 6.88 -31.55
C SER F 139 10.87 5.54 -30.89
N ARG F 140 11.14 4.45 -31.61
CA ARG F 140 10.83 3.11 -31.07
C ARG F 140 12.07 2.23 -31.19
N LEU F 141 12.17 1.23 -30.30
CA LEU F 141 13.33 0.33 -30.31
C LEU F 141 13.21 -0.62 -31.51
N GLU F 142 11.99 -1.03 -31.84
CA GLU F 142 11.77 -1.91 -33.01
C GLU F 142 12.39 -1.23 -34.24
N ASP F 143 12.37 0.10 -34.27
CA ASP F 143 12.98 0.83 -35.38
C ASP F 143 14.47 0.52 -35.51
N PHE F 144 15.11 0.03 -34.44
CA PHE F 144 16.51 -0.34 -34.48
C PHE F 144 16.73 -1.81 -34.85
N ASN F 145 15.67 -2.62 -34.90
CA ASN F 145 15.79 -4.03 -35.21
C ASN F 145 15.62 -4.26 -36.71
N LYS F 146 16.49 -3.62 -37.48
CA LYS F 146 16.50 -3.73 -38.94
C LYS F 146 17.90 -4.10 -39.42
N SER F 147 17.96 -4.79 -40.56
CA SER F 147 19.24 -5.30 -41.08
C SER F 147 20.20 -4.20 -41.50
N GLU F 148 19.71 -2.99 -41.82
CA GLU F 148 20.57 -1.89 -42.22
C GLU F 148 21.03 -1.03 -41.04
N VAL F 149 20.64 -1.37 -39.82
CA VAL F 149 20.99 -0.61 -38.63
C VAL F 149 22.27 -1.16 -38.03
N LEU F 150 23.15 -0.27 -37.57
CA LEU F 150 24.42 -0.65 -36.95
C LEU F 150 24.40 -0.24 -35.48
N ILE F 151 24.70 -1.20 -34.60
CA ILE F 151 24.64 -1.00 -33.15
C ILE F 151 26.00 -1.34 -32.57
N ALA F 152 26.52 -0.45 -31.71
CA ALA F 152 27.81 -0.64 -31.05
C ALA F 152 27.59 -1.04 -29.60
N ALA F 153 28.43 -1.95 -29.10
CA ALA F 153 28.33 -2.41 -27.73
C ALA F 153 29.71 -2.77 -27.19
N ARG F 154 29.80 -2.87 -25.87
CA ARG F 154 31.06 -3.22 -25.21
C ARG F 154 31.28 -4.72 -25.32
N LEU F 155 32.48 -5.11 -25.75
CA LEU F 155 32.83 -6.52 -25.92
C LEU F 155 32.69 -7.29 -24.61
N GLY F 156 32.05 -8.46 -24.68
CA GLY F 156 32.00 -9.38 -23.55
C GLY F 156 31.04 -9.01 -22.43
N THR F 157 30.17 -8.04 -22.63
CA THR F 157 29.21 -7.60 -21.62
C THR F 157 27.81 -8.09 -21.95
N THR F 158 26.88 -7.83 -21.04
CA THR F 158 25.47 -8.13 -21.31
C THR F 158 24.84 -7.10 -22.24
N ALA F 159 25.53 -6.00 -22.55
CA ALA F 159 25.04 -5.08 -23.58
C ALA F 159 25.12 -5.72 -24.95
N ALA F 160 26.21 -6.43 -25.23
CA ALA F 160 26.29 -7.21 -26.47
C ALA F 160 25.17 -8.25 -26.52
N LYS F 161 24.90 -8.91 -25.38
CA LYS F 161 23.85 -9.92 -25.37
C LYS F 161 22.48 -9.30 -25.61
N ALA F 162 22.23 -8.12 -25.02
CA ALA F 162 20.95 -7.43 -25.23
C ALA F 162 20.75 -7.05 -26.69
N ALA F 163 21.82 -6.58 -27.35
CA ALA F 163 21.73 -6.24 -28.77
C ALA F 163 21.39 -7.46 -29.60
N GLU F 164 21.96 -8.62 -29.27
CA GLU F 164 21.68 -9.83 -30.04
C GLU F 164 20.26 -10.33 -29.79
N LYS F 165 19.77 -10.17 -28.55
CA LYS F 165 18.46 -10.69 -28.19
C LYS F 165 17.34 -9.80 -28.72
N TYR F 166 17.43 -8.49 -28.48
CA TYR F 166 16.32 -7.60 -28.84
C TYR F 166 16.46 -6.96 -30.22
N PHE F 167 17.67 -6.94 -30.79
CA PHE F 167 17.86 -6.41 -32.14
C PHE F 167 18.60 -7.43 -33.03
N PRO F 168 18.08 -8.65 -33.14
CA PRO F 168 18.83 -9.70 -33.85
C PRO F 168 19.11 -9.38 -35.31
N ARG F 169 18.27 -8.55 -35.96
CA ARG F 169 18.50 -8.24 -37.37
C ARG F 169 19.67 -7.27 -37.55
N ALA F 170 19.95 -6.43 -36.55
CA ALA F 170 20.94 -5.38 -36.70
C ALA F 170 22.36 -5.95 -36.81
N GLN F 171 23.22 -5.11 -37.36
CA GLN F 171 24.65 -5.45 -37.43
C GLN F 171 25.29 -5.00 -36.12
N LEU F 172 25.86 -5.93 -35.36
CA LEU F 172 26.46 -5.60 -34.08
C LEU F 172 27.97 -5.40 -34.23
N LYS F 173 28.45 -4.27 -33.71
CA LYS F 173 29.88 -3.95 -33.71
C LYS F 173 30.36 -3.86 -32.28
N LEU F 174 31.34 -4.69 -31.92
CA LEU F 174 31.81 -4.80 -30.55
C LEU F 174 33.10 -4.02 -30.34
N PHE F 175 33.26 -3.44 -29.15
CA PHE F 175 34.42 -2.62 -28.83
C PHE F 175 34.91 -2.97 -27.44
N ASP F 176 36.24 -3.05 -27.27
CA ASP F 176 36.82 -3.37 -25.98
C ASP F 176 37.06 -2.14 -25.11
N ASP F 177 36.69 -0.96 -25.61
CA ASP F 177 36.92 0.30 -24.93
C ASP F 177 35.64 1.12 -24.98
N GLU F 178 35.14 1.51 -23.80
CA GLU F 178 33.87 2.21 -23.71
C GLU F 178 33.89 3.53 -24.47
N ALA F 179 35.01 4.25 -24.44
CA ALA F 179 35.10 5.55 -25.10
C ALA F 179 35.14 5.42 -26.62
N GLN F 180 35.73 4.33 -27.11
CA GLN F 180 35.80 4.11 -28.58
C GLN F 180 34.39 3.86 -29.14
N ALA F 181 33.53 3.20 -28.37
CA ALA F 181 32.18 2.92 -28.85
C ALA F 181 31.36 4.19 -28.98
N ILE F 182 31.35 5.01 -27.92
CA ILE F 182 30.59 6.27 -27.97
C ILE F 182 31.15 7.19 -29.06
N GLN F 183 32.44 7.06 -29.38
CA GLN F 183 33.01 7.90 -30.43
C GLN F 183 32.46 7.52 -31.80
N GLU F 184 32.23 6.23 -32.05
CA GLU F 184 31.63 5.83 -33.32
C GLU F 184 30.23 6.41 -33.46
N LEU F 185 29.48 6.47 -32.36
CA LEU F 185 28.14 7.07 -32.39
C LEU F 185 28.22 8.57 -32.64
N LEU F 186 29.13 9.26 -31.91
CA LEU F 186 29.29 10.69 -32.11
C LEU F 186 29.69 11.02 -33.56
N ASN F 187 30.50 10.16 -34.17
CA ASN F 187 30.98 10.38 -35.53
C ASN F 187 29.97 9.96 -36.60
N GLY F 188 28.80 9.46 -36.20
CA GLY F 188 27.82 9.02 -37.17
C GLY F 188 28.22 7.80 -37.96
N ARG F 189 28.99 6.88 -37.36
CA ARG F 189 29.33 5.62 -38.02
C ARG F 189 28.44 4.47 -37.58
N VAL F 190 27.69 4.63 -36.50
CA VAL F 190 26.72 3.64 -36.04
C VAL F 190 25.44 4.35 -35.64
N HIS F 191 24.33 3.60 -35.68
CA HIS F 191 23.02 4.16 -35.35
C HIS F 191 22.82 4.31 -33.85
N ALA F 192 23.40 3.41 -33.06
CA ALA F 192 23.07 3.36 -31.64
C ALA F 192 24.19 2.69 -30.88
N VAL F 193 24.25 2.99 -29.59
CA VAL F 193 25.06 2.25 -28.62
C VAL F 193 24.11 1.69 -27.58
N VAL F 194 24.17 0.39 -27.34
CA VAL F 194 23.40 -0.27 -26.29
C VAL F 194 24.31 -0.42 -25.07
N ALA F 195 23.86 0.08 -23.92
CA ALA F 195 24.67 0.10 -22.72
C ALA F 195 23.77 0.24 -21.49
N SER F 196 24.31 -0.15 -20.33
CA SER F 196 23.54 -0.05 -19.09
C SER F 196 23.30 1.41 -18.73
N ALA F 197 22.05 1.74 -18.39
CA ALA F 197 21.76 3.02 -17.78
C ALA F 197 22.69 3.21 -16.58
N PRO F 198 23.09 4.43 -16.24
CA PRO F 198 22.69 5.71 -16.84
C PRO F 198 23.52 6.13 -18.04
N LEU F 199 24.41 5.26 -18.55
CA LEU F 199 25.32 5.70 -19.60
C LEU F 199 24.62 6.30 -20.81
N PRO F 200 23.60 5.65 -21.41
CA PRO F 200 22.99 6.27 -22.60
C PRO F 200 22.36 7.63 -22.33
N ALA F 201 21.68 7.80 -21.18
CA ALA F 201 21.06 9.08 -20.88
C ALA F 201 22.10 10.13 -20.51
N PHE F 202 23.16 9.73 -19.81
CA PHE F 202 24.25 10.65 -19.50
C PHE F 202 24.87 11.20 -20.78
N LYS F 203 25.17 10.31 -21.73
CA LYS F 203 25.89 10.74 -22.93
C LYS F 203 24.99 11.51 -23.89
N ALA F 204 23.69 11.18 -23.93
CA ALA F 204 22.76 11.97 -24.73
C ALA F 204 22.62 13.37 -24.17
N LEU F 205 22.67 13.52 -22.84
CA LEU F 205 22.63 14.86 -22.24
C LEU F 205 23.95 15.60 -22.43
N GLU F 206 25.06 14.87 -22.49
CA GLU F 206 26.37 15.48 -22.68
C GLU F 206 26.57 15.99 -24.09
N TYR F 207 26.05 15.29 -25.09
CA TYR F 207 26.30 15.60 -26.50
C TYR F 207 24.98 15.74 -27.26
N PRO F 208 24.16 16.74 -26.92
CA PRO F 208 22.83 16.84 -27.53
C PRO F 208 22.86 17.18 -29.01
N GLU F 209 23.95 17.78 -29.51
CA GLU F 209 24.02 18.11 -30.93
C GLU F 209 24.05 16.86 -31.81
N GLN F 210 24.65 15.77 -31.32
CA GLN F 210 24.77 14.55 -32.09
C GLN F 210 23.84 13.42 -31.64
N LEU F 211 23.51 13.38 -30.35
CA LEU F 211 22.89 12.20 -29.75
C LEU F 211 21.51 12.53 -29.17
N PHE F 212 20.62 11.53 -29.22
CA PHE F 212 19.32 11.66 -28.55
C PHE F 212 18.97 10.32 -27.89
N LEU F 213 18.01 10.38 -26.99
CA LEU F 213 17.58 9.22 -26.22
C LEU F 213 16.16 8.85 -26.64
N PRO F 214 15.99 7.84 -27.49
CA PRO F 214 14.67 7.60 -28.10
C PRO F 214 13.63 7.16 -27.08
N ILE F 215 13.96 6.16 -26.27
CA ILE F 215 13.07 5.68 -25.21
C ILE F 215 13.76 5.91 -23.87
N SER F 216 12.97 6.31 -22.88
CA SER F 216 13.48 6.47 -21.52
C SER F 216 13.32 5.18 -20.75
N GLY F 217 14.12 5.04 -19.68
CA GLY F 217 14.08 3.84 -18.89
C GLY F 217 15.02 2.76 -19.39
N THR F 218 14.67 1.50 -19.15
CA THR F 218 15.53 0.37 -19.51
C THR F 218 14.66 -0.77 -20.04
N PHE F 219 15.29 -1.68 -20.80
CA PHE F 219 14.58 -2.84 -21.34
C PHE F 219 15.16 -4.16 -20.87
N THR F 220 16.07 -4.13 -19.90
CA THR F 220 16.41 -5.30 -19.10
C THR F 220 16.35 -4.88 -17.63
N LYS F 221 16.36 -5.87 -16.73
CA LYS F 221 16.58 -5.63 -15.31
C LYS F 221 17.54 -6.69 -14.81
N GLU F 222 18.72 -6.27 -14.37
CA GLU F 222 19.87 -7.17 -14.23
C GLU F 222 20.47 -7.10 -12.84
N PRO F 223 20.37 -8.16 -12.04
CA PRO F 223 21.08 -8.17 -10.75
C PRO F 223 22.59 -8.24 -10.94
N ILE F 224 23.30 -7.50 -10.09
CA ILE F 224 24.75 -7.36 -10.13
C ILE F 224 25.33 -8.01 -8.87
N GLY F 225 26.32 -8.87 -9.03
CA GLY F 225 26.89 -9.58 -7.91
C GLY F 225 28.40 -9.64 -7.96
N PHE F 226 29.01 -9.90 -6.80
CA PHE F 226 30.42 -10.26 -6.74
C PHE F 226 30.62 -11.63 -7.38
N ALA F 227 31.78 -11.83 -8.00
CA ALA F 227 32.16 -13.15 -8.53
C ALA F 227 33.42 -13.64 -7.82
N ILE F 228 33.40 -14.91 -7.39
CA ILE F 228 34.51 -15.51 -6.67
C ILE F 228 34.66 -16.95 -7.14
N ARG F 229 35.81 -17.54 -6.81
CA ARG F 229 36.05 -18.92 -7.22
C ARG F 229 35.18 -19.87 -6.42
N LYS F 230 34.91 -21.04 -7.00
CA LYS F 230 33.94 -21.97 -6.46
C LYS F 230 34.51 -22.77 -5.28
N GLY F 231 33.64 -23.56 -4.66
CA GLY F 231 34.02 -24.39 -3.54
C GLY F 231 34.28 -23.62 -2.26
N ASP F 232 33.70 -22.44 -2.13
CA ASP F 232 34.03 -21.51 -1.05
C ASP F 232 32.74 -20.97 -0.44
N PRO F 233 31.98 -21.81 0.27
CA PRO F 233 30.74 -21.32 0.89
C PRO F 233 30.98 -20.33 2.02
N ASP F 234 32.13 -20.39 2.70
CA ASP F 234 32.39 -19.41 3.77
C ASP F 234 32.55 -18.00 3.22
N PHE F 235 33.31 -17.85 2.12
CA PHE F 235 33.47 -16.52 1.53
C PHE F 235 32.14 -16.00 1.00
N LEU F 236 31.36 -16.86 0.33
CA LEU F 236 30.02 -16.46 -0.10
C LEU F 236 29.19 -15.98 1.08
N ASN F 237 29.27 -16.67 2.23
CA ASN F 237 28.45 -16.26 3.37
C ASN F 237 28.86 -14.88 3.85
N TYR F 238 30.17 -14.63 3.91
CA TYR F 238 30.67 -13.34 4.36
C TYR F 238 30.20 -12.23 3.44
N LEU F 239 30.30 -12.44 2.12
CA LEU F 239 29.91 -11.41 1.17
C LEU F 239 28.43 -11.11 1.24
N ASN F 240 27.59 -12.16 1.27
CA ASN F 240 26.15 -11.95 1.30
C ASN F 240 25.71 -11.26 2.59
N SER F 241 26.34 -11.61 3.73
CA SER F 241 26.01 -10.96 4.99
C SER F 241 26.44 -9.50 4.98
N TRP F 242 27.59 -9.20 4.40
CA TRP F 242 28.02 -7.81 4.27
C TRP F 242 27.02 -7.01 3.44
N ILE F 243 26.61 -7.55 2.28
CA ILE F 243 25.64 -6.85 1.45
C ILE F 243 24.36 -6.57 2.24
N ARG F 244 23.87 -7.56 2.98
CA ARG F 244 22.61 -7.38 3.71
C ARG F 244 22.72 -6.26 4.73
N VAL F 245 23.88 -6.13 5.36
CA VAL F 245 24.09 -5.10 6.38
C VAL F 245 24.14 -3.71 5.74
N VAL F 246 24.97 -3.54 4.71
CA VAL F 246 25.10 -2.21 4.13
C VAL F 246 23.86 -1.85 3.32
N GLU F 247 23.12 -2.84 2.83
CA GLU F 247 21.83 -2.56 2.20
C GLU F 247 20.84 -2.00 3.22
N ALA F 248 20.70 -2.67 4.37
CA ALA F 248 19.74 -2.24 5.36
C ALA F 248 20.11 -0.88 5.94
N GLU F 249 21.41 -0.58 6.01
CA GLU F 249 21.86 0.72 6.49
C GLU F 249 21.53 1.83 5.51
N GLY F 250 21.18 1.47 4.27
CA GLY F 250 20.88 2.45 3.25
C GLY F 250 22.10 2.95 2.49
N TRP F 251 23.27 2.37 2.74
CA TRP F 251 24.51 2.89 2.18
C TRP F 251 24.61 2.60 0.69
N LEU F 252 24.20 1.40 0.27
CA LEU F 252 24.20 1.07 -1.16
C LEU F 252 23.27 2.00 -1.93
N ARG F 253 22.09 2.29 -1.36
CA ARG F 253 21.15 3.18 -2.01
C ARG F 253 21.75 4.56 -2.21
N GLU F 254 22.43 5.09 -1.19
CA GLU F 254 23.06 6.41 -1.28
C GLU F 254 24.13 6.41 -2.36
N LYS F 255 24.98 5.39 -2.38
CA LYS F 255 26.06 5.33 -3.36
C LYS F 255 25.52 5.15 -4.77
N HIS F 256 24.46 4.35 -4.92
CA HIS F 256 23.83 4.19 -6.24
C HIS F 256 23.28 5.52 -6.75
N HIS F 257 22.62 6.28 -5.87
CA HIS F 257 22.10 7.58 -6.26
C HIS F 257 23.22 8.53 -6.67
N TYR F 258 24.27 8.63 -5.84
CA TYR F 258 25.33 9.60 -6.09
C TYR F 258 25.99 9.34 -7.44
N TRP F 259 26.32 8.09 -7.73
CA TRP F 259 27.12 7.78 -8.91
C TRP F 259 26.27 7.68 -10.17
N PHE F 260 25.07 7.10 -10.06
CA PHE F 260 24.27 6.78 -11.24
C PHE F 260 23.12 7.74 -11.49
N GLU F 261 22.80 8.62 -10.53
CA GLU F 261 21.69 9.54 -10.70
C GLU F 261 22.07 11.01 -10.52
N THR F 262 23.36 11.31 -10.27
CA THR F 262 23.89 12.67 -10.34
C THR F 262 25.19 12.65 -11.14
N LYS F 263 25.64 13.85 -11.50
CA LYS F 263 26.98 14.08 -12.02
C LYS F 263 27.82 14.90 -11.05
N ASN F 264 27.58 14.73 -9.75
CA ASN F 264 28.28 15.52 -8.73
C ASN F 264 29.76 15.16 -8.66
N TRP F 265 30.13 14.02 -9.23
CA TRP F 265 31.50 13.53 -9.27
C TRP F 265 32.26 14.02 -10.50
N GLU F 266 31.57 14.71 -11.42
CA GLU F 266 32.17 15.11 -12.69
C GLU F 266 33.45 15.91 -12.49
N HIS F 267 33.46 16.81 -11.50
CA HIS F 267 34.61 17.68 -11.29
C HIS F 267 35.87 16.91 -10.96
N LEU F 268 35.74 15.68 -10.46
CA LEU F 268 36.89 14.86 -10.09
C LEU F 268 37.65 14.30 -11.29
N LEU F 269 37.09 14.35 -12.50
CA LEU F 269 37.69 13.67 -13.64
C LEU F 269 38.58 14.57 -14.48
N TRP G . -28.65 -2.66 -2.18
CA TRP G . -28.80 -4.09 -1.95
C TRP G . -27.59 -4.62 -1.20
O TRP G . -26.53 -3.99 -1.22
CB TRP G . -28.95 -4.85 -3.26
CG TRP G . -30.23 -4.57 -4.03
CD1 TRP G . -30.38 -3.72 -5.09
CD2 TRP G . -31.52 -5.17 -3.83
NE1 TRP G . -31.67 -3.73 -5.54
CE2 TRP G . -32.39 -4.63 -4.79
CE3 TRP G . -32.02 -6.12 -2.91
CZ2 TRP G . -33.75 -4.99 -4.87
CZ3 TRP G . -33.39 -6.50 -3.01
CH2 TRP G . -34.23 -5.93 -3.99
OXT TRP G . -27.63 -5.68 -0.60
C1 EDO H . 0.14 5.30 -18.12
O1 EDO H . 0.19 6.26 -17.05
C2 EDO H . -1.24 5.27 -18.76
O2 EDO H . -1.19 5.88 -20.06
C1 EDO I . -23.09 -8.03 -21.62
O1 EDO I . -22.54 -9.27 -21.14
C2 EDO I . -24.33 -8.32 -22.46
O2 EDO I . -25.10 -7.12 -22.59
C1 EDO J . -25.72 11.14 -6.06
O1 EDO J . -26.35 12.20 -6.80
C2 EDO J . -26.58 10.77 -4.87
O2 EDO J . -27.94 10.58 -5.30
C1 EDO K . -11.96 11.30 -2.33
O1 EDO K . -12.95 12.25 -2.72
C2 EDO K . -11.19 10.85 -3.56
O2 EDO K . -9.76 10.92 -3.34
C1 EDO L . -27.49 9.62 -21.78
O1 EDO L . -28.27 8.83 -22.68
C2 EDO L . -26.07 9.09 -21.77
O2 EDO L . -26.11 7.71 -21.40
C1 EDO M . -26.31 -12.83 -12.36
O1 EDO M . -27.32 -12.13 -13.11
C2 EDO M . -26.97 -13.43 -11.13
O2 EDO M . -27.85 -12.46 -10.56
C1 EDO N . -24.80 -5.82 4.58
O1 EDO N . -23.83 -6.83 4.51
C2 EDO N . -24.64 -4.92 5.74
O2 EDO N . -25.59 -5.12 6.78
N TRP O . -14.25 21.30 18.90
CA TRP O . -13.29 21.82 19.89
C TRP O . -11.87 21.76 19.35
O TRP O . -11.60 21.02 18.39
CB TRP O . -13.37 21.00 21.18
CG TRP O . -14.61 21.17 21.99
CD1 TRP O . -15.70 20.35 22.00
CD2 TRP O . -14.87 22.21 22.95
NE1 TRP O . -16.64 20.82 22.90
CE2 TRP O . -16.15 21.96 23.48
CE3 TRP O . -14.15 23.32 23.39
CZ2 TRP O . -16.73 22.79 24.46
CZ3 TRP O . -14.72 24.16 24.37
CH2 TRP O . -16.00 23.88 24.89
OXT TRP O . -10.92 22.42 19.84
C1 EDO P . -22.84 15.87 9.46
O1 EDO P . -23.95 16.76 9.53
C2 EDO P . -23.22 14.53 10.09
O2 EDO P . -24.44 14.05 9.50
C1 PEG Q . -14.26 10.84 1.09
O1 PEG Q . -14.41 11.78 0.04
C2 PEG Q . -14.48 9.45 0.62
O2 PEG Q . -13.64 8.57 1.35
C3 PEG Q . -12.30 9.03 1.39
C4 PEG Q . -11.43 7.84 1.64
O4 PEG Q . -11.68 6.87 0.64
N TRP R . 3.61 -28.44 -3.17
CA TRP R . 3.15 -29.80 -2.91
C TRP R . 4.09 -30.51 -1.94
O TRP R . 3.70 -31.44 -1.23
CB TRP R . 3.05 -30.60 -4.21
CG TRP R . 1.98 -30.13 -5.16
CD1 TRP R . 2.09 -29.19 -6.14
CD2 TRP R . 0.63 -30.61 -5.22
NE1 TRP R . 0.89 -29.04 -6.80
CE2 TRP R . -0.02 -29.90 -6.26
CE3 TRP R . -0.09 -31.56 -4.50
CZ2 TRP R . -1.36 -30.13 -6.60
CZ3 TRP R . -1.41 -31.78 -4.82
CH2 TRP R . -2.03 -31.07 -5.86
OXT TRP R . 5.27 -30.17 -1.87
C1 PEG S . 23.02 -18.24 -2.90
O1 PEG S . 22.07 -17.81 -1.94
C2 PEG S . 23.59 -19.57 -2.58
O2 PEG S . 24.92 -19.64 -3.09
C3 PEG S . 25.83 -20.10 -2.14
C4 PEG S . 25.81 -21.60 -2.16
O4 PEG S . 27.13 -22.09 -2.11
C1 EDO T . 9.49 -16.36 -6.10
O1 EDO T . 8.17 -15.83 -6.27
C2 EDO T . 10.25 -16.18 -7.42
O2 EDO T . 10.14 -14.81 -7.84
C1 EDO U . 8.75 -18.22 -24.01
O1 EDO U . 7.57 -18.71 -23.37
C2 EDO U . 9.87 -18.11 -23.00
O2 EDO U . 10.19 -19.42 -22.52
C ACT V . -7.74 -32.58 -7.08
O ACT V . -6.84 -33.19 -6.48
OXT ACT V . -8.19 -32.78 -8.25
CH3 ACT V . -8.45 -31.41 -6.30
C1 EDO W . 3.95 -39.29 -11.18
O1 EDO W . 2.87 -38.36 -11.13
C2 EDO W . 4.03 -39.85 -12.58
O2 EDO W . 3.41 -38.90 -13.45
N TRP X . -13.16 25.83 -15.92
CA TRP X . -12.37 25.92 -17.17
C TRP X . -11.72 24.60 -17.53
O TRP X . -11.48 24.27 -18.71
CB TRP X . -11.29 27.01 -17.03
CG TRP X . -11.82 28.41 -16.96
CD1 TRP X . -12.05 29.15 -15.83
CD2 TRP X . -12.18 29.24 -18.07
NE1 TRP X . -12.54 30.40 -16.18
CE2 TRP X . -12.63 30.48 -17.55
CE3 TRP X . -12.19 29.06 -19.45
CZ2 TRP X . -13.08 31.52 -18.36
CZ3 TRP X . -12.63 30.10 -20.27
CH2 TRP X . -13.07 31.31 -19.72
OXT TRP X . -11.41 23.83 -16.64
C1 PEG Y . -11.39 13.43 1.96
O1 PEG Y . -12.49 13.24 1.09
C2 PEG Y . -10.13 12.93 1.35
O2 PEG Y . -9.16 12.72 2.35
C3 PEG Y . -8.67 11.41 2.37
C4 PEG Y . -7.64 11.26 1.29
O4 PEG Y . -6.60 10.41 1.71
C1 EDO Z . 4.30 16.93 -23.02
O1 EDO Z . 4.36 18.36 -23.07
C2 EDO Z . 4.06 16.47 -21.58
O2 EDO Z . 5.08 16.97 -20.71
C1 EDO AA . -17.99 16.25 1.07
O1 EDO AA . -16.86 15.65 0.42
C2 EDO AA . -17.56 17.47 1.86
O2 EDO AA . -17.95 17.30 3.23
C1 EDO BA . -18.02 26.14 -2.36
O1 EDO BA . -18.53 27.30 -3.03
C2 EDO BA . -18.36 24.90 -3.16
O2 EDO BA . -17.73 23.78 -2.52
C ACT CA . -1.19 32.94 -18.60
O ACT CA . -2.42 32.69 -18.75
OXT ACT CA . -0.20 32.48 -19.23
CH3 ACT CA . -0.83 33.93 -17.50
C1 EDO DA . -9.15 37.21 2.15
O1 EDO DA . -8.55 36.29 3.07
C2 EDO DA . -9.92 38.27 2.95
O2 EDO DA . -10.58 37.62 4.02
N TRP EA . 21.45 -7.11 18.42
CA TRP EA . 22.39 -6.82 19.50
C TRP EA . 23.81 -7.24 19.13
O TRP EA . 23.98 -8.06 18.23
CB TRP EA . 21.96 -7.52 20.79
CG TRP EA . 20.70 -6.97 21.42
CD1 TRP EA . 19.43 -7.49 21.32
CD2 TRP EA . 20.60 -5.84 22.29
NE1 TRP EA . 18.56 -6.73 22.06
CE2 TRP EA . 19.25 -5.71 22.67
CE3 TRP EA . 21.53 -4.90 22.78
CZ2 TRP EA . 18.79 -4.69 23.51
CZ3 TRP EA . 21.07 -3.89 23.64
CH2 TRP EA . 19.72 -3.79 23.98
OXT TRP EA . 24.82 -6.79 19.73
O1 PG4 FA . 21.86 -22.65 1.20
C1 PG4 FA . 21.73 -21.31 1.63
C2 PG4 FA . 20.31 -20.83 1.56
O2 PG4 FA . 20.25 -19.55 0.94
C3 PG4 FA . 21.40 -18.75 1.20
C4 PG4 FA . 21.12 -17.31 0.91
O3 PG4 FA . 22.33 -16.57 1.02
C5 PG4 FA . 23.03 -16.83 2.23
C6 PG4 FA . 24.50 -16.76 2.02
O4 PG4 FA . 25.16 -17.71 2.86
C7 PG4 FA . 26.13 -18.48 2.16
C8 PG4 FA . 26.23 -19.83 2.77
O5 PG4 FA . 27.46 -20.47 2.48
C1 EDO GA . 23.17 -15.01 30.59
O1 EDO GA . 21.81 -14.78 30.96
C2 EDO GA . 23.80 -13.64 30.33
O2 EDO GA . 22.76 -12.69 30.06
C1 EDO HA . 11.51 -11.52 9.07
O1 EDO HA . 11.05 -12.51 8.13
C2 EDO HA . 12.80 -10.92 8.55
O2 EDO HA . 12.65 -10.60 7.17
C1 EDO IA . 29.05 -32.75 20.02
O1 EDO IA . 28.58 -31.83 21.03
C2 EDO IA . 28.71 -34.18 20.45
O2 EDO IA . 27.33 -34.26 20.79
C1 EDO JA . 4.58 -25.59 14.96
O1 EDO JA . 5.91 -26.06 14.91
C2 EDO JA . 4.45 -24.16 15.33
O2 EDO JA . 3.47 -23.47 14.58
N TRP KA . 26.90 -5.38 -16.16
CA TRP KA . 27.67 -5.58 -17.39
C TRP KA . 28.03 -7.05 -17.58
O TRP KA . 28.27 -7.53 -18.69
CB TRP KA . 28.94 -4.72 -17.37
CG TRP KA . 28.69 -3.24 -17.38
CD1 TRP KA . 28.65 -2.40 -16.31
CD2 TRP KA . 28.41 -2.44 -18.53
NE1 TRP KA . 28.39 -1.12 -16.73
CE2 TRP KA . 28.24 -1.11 -18.09
CE3 TRP KA . 28.32 -2.72 -19.91
CZ2 TRP KA . 27.97 -0.06 -18.97
CZ3 TRP KA . 28.05 -1.67 -20.77
CH2 TRP KA . 27.87 -0.37 -20.31
OXT TRP KA . 28.11 -7.79 -16.60
C1 EDO LA . 13.62 1.37 -16.05
O1 EDO LA . 13.79 1.29 -14.63
C2 EDO LA . 12.13 1.42 -16.40
O2 EDO LA . 11.87 0.65 -17.58
C1 EDO MA . 16.48 14.89 -30.90
O1 EDO MA . 15.76 15.12 -29.68
C2 EDO MA . 15.79 13.80 -31.70
O2 EDO MA . 16.59 13.45 -32.83
C1 EDO NA . 13.43 11.21 -24.01
O1 EDO NA . 13.56 9.79 -24.19
C2 EDO NA . 14.19 11.61 -22.75
O2 EDO NA . 14.16 10.52 -21.83
C1 EDO OA . 40.84 -2.06 -17.20
O1 EDO OA . 41.18 -0.67 -17.27
C2 EDO OA . 40.10 -2.43 -18.47
O2 EDO OA . 39.05 -1.48 -18.70
#